data_8KD9
#
_entry.id   8KD9
#
_cell.length_a   1.00
_cell.length_b   1.00
_cell.length_c   1.00
_cell.angle_alpha   90.00
_cell.angle_beta   90.00
_cell.angle_gamma   90.00
#
_symmetry.space_group_name_H-M   'P 1'
#
loop_
_entity.id
_entity.type
_entity.pdbx_description
1 polymer 'RNA-free ribonuclease P'
2 polymer 'Aquifex aeolicus pre-tRNAVal'
#
loop_
_entity_poly.entity_id
_entity_poly.type
_entity_poly.pdbx_seq_one_letter_code
_entity_poly.pdbx_strand_id
1 'polypeptide(L)'
;MDVFVLDTSVFTNPEIYRTFEEDQRGAMETFIHLALNSRAEFYMPTSVYTEMRKIMDVGELWAEFEMVVKIRSPRRFQLT
VPADFLYEFIEELRYRINKGLRIAEEHTREASGSEDVGKLIARLREKYREALRQGILDSKEDVDVLLLAYELDGVLVSAD
EGLRTWADKIGIKLIDPKNFKNILESLVRH
;
A,B,C,D,E,F,G,H,I,J,K,L
2 'polyribonucleotide' AAGGCGCGUAGCUCAGUAGGGAGAGCGCCGGCCCGACACGCCGGAGGUCGGGGGUUCAAGUCCCCCCGCGCCU T,M,N,O,P
#
loop_
_chem_comp.id
_chem_comp.type
_chem_comp.name
_chem_comp.formula
A RNA linking ADENOSINE-5'-MONOPHOSPHATE 'C10 H14 N5 O7 P'
C RNA linking CYTIDINE-5'-MONOPHOSPHATE 'C9 H14 N3 O8 P'
G RNA linking GUANOSINE-5'-MONOPHOSPHATE 'C10 H14 N5 O8 P'
U RNA linking URIDINE-5'-MONOPHOSPHATE 'C9 H13 N2 O9 P'
#
# COMPACT_ATOMS: atom_id res chain seq x y z
N ASP A 2 5.41 -25.50 -31.65
CA ASP A 2 6.28 -24.55 -30.97
C ASP A 2 6.99 -23.63 -31.98
N VAL A 3 7.23 -22.40 -31.56
CA VAL A 3 7.90 -21.43 -32.42
C VAL A 3 9.34 -21.86 -32.66
N PHE A 4 9.82 -21.62 -33.87
CA PHE A 4 11.17 -22.00 -34.29
C PHE A 4 11.85 -20.84 -35.01
N VAL A 5 11.84 -19.66 -34.37
CA VAL A 5 12.40 -18.46 -34.96
C VAL A 5 13.85 -18.70 -35.37
N LEU A 6 14.18 -18.31 -36.60
CA LEU A 6 15.51 -18.50 -37.15
C LEU A 6 16.12 -17.15 -37.51
N ASP A 7 17.44 -17.13 -37.61
CA ASP A 7 18.21 -15.94 -37.92
C ASP A 7 18.76 -16.02 -39.34
N THR A 8 19.42 -14.94 -39.76
CA THR A 8 20.03 -14.92 -41.09
C THR A 8 21.14 -15.95 -41.19
N SER A 9 21.95 -16.11 -40.14
CA SER A 9 23.00 -17.10 -40.15
C SER A 9 22.46 -18.48 -39.77
N VAL A 10 21.38 -18.91 -40.41
CA VAL A 10 20.82 -20.24 -40.19
C VAL A 10 20.53 -20.86 -41.56
N PHE A 11 20.52 -20.02 -42.60
CA PHE A 11 20.30 -20.47 -43.96
C PHE A 11 21.19 -19.73 -44.96
N THR A 12 22.20 -19.02 -44.45
CA THR A 12 23.16 -18.30 -45.33
C THR A 12 24.57 -18.84 -45.05
N ASN A 13 24.87 -19.14 -43.79
CA ASN A 13 26.20 -19.70 -43.43
C ASN A 13 26.54 -20.85 -44.37
N PRO A 14 27.77 -20.92 -44.92
CA PRO A 14 28.15 -21.99 -45.85
C PRO A 14 27.68 -23.34 -45.31
N GLU A 15 28.15 -23.73 -44.12
CA GLU A 15 27.73 -25.02 -43.51
C GLU A 15 26.21 -25.11 -43.52
N ILE A 16 25.53 -24.07 -43.00
CA ILE A 16 24.07 -24.09 -42.93
C ILE A 16 23.45 -24.14 -44.31
N ARG A 18 24.69 -26.83 -46.64
CA ARG A 18 25.26 -28.17 -46.78
C ARG A 18 24.55 -29.16 -45.87
N THR A 19 23.92 -28.66 -44.82
CA THR A 19 23.19 -29.51 -43.89
C THR A 19 21.76 -29.80 -44.34
N PHE A 20 21.28 -29.11 -45.37
CA PHE A 20 19.93 -29.33 -45.87
C PHE A 20 19.95 -30.01 -47.23
N ARG A 25 20.91 -23.32 -55.41
CA ARG A 25 19.72 -22.56 -55.04
C ARG A 25 18.76 -23.43 -54.23
N GLY A 26 19.15 -24.68 -54.00
CA GLY A 26 18.34 -25.60 -53.23
C GLY A 26 18.52 -25.56 -51.74
N ALA A 27 19.41 -24.68 -51.24
CA ALA A 27 19.65 -24.59 -49.81
C ALA A 27 18.38 -24.18 -49.08
N MET A 28 17.75 -23.10 -49.51
CA MET A 28 16.47 -22.70 -48.93
C MET A 28 15.31 -23.56 -49.40
N GLU A 29 15.44 -24.19 -50.57
CA GLU A 29 14.38 -25.07 -51.06
C GLU A 29 14.21 -26.29 -50.18
N THR A 30 15.33 -26.87 -49.71
CA THR A 30 15.24 -28.01 -48.81
C THR A 30 14.57 -27.63 -47.49
N PHE A 31 14.90 -26.46 -46.96
CA PHE A 31 14.26 -26.01 -45.72
C PHE A 31 12.79 -25.69 -45.94
N ILE A 32 12.42 -25.20 -47.12
CA ILE A 32 11.02 -24.93 -47.42
C ILE A 32 10.23 -26.23 -47.54
N HIS A 33 10.84 -27.25 -48.16
CA HIS A 33 10.23 -28.57 -48.20
C HIS A 33 10.07 -29.14 -46.80
N LEU A 34 11.09 -28.97 -45.96
CA LEU A 34 10.99 -29.30 -44.55
C LEU A 34 10.20 -28.21 -43.82
N ALA A 35 10.15 -28.29 -42.49
CA ALA A 35 9.40 -27.34 -41.67
C ALA A 35 7.92 -27.28 -42.07
N LEU A 36 7.42 -28.37 -42.63
CA LEU A 36 6.02 -28.48 -43.01
C LEU A 36 5.29 -29.64 -42.35
N ASN A 37 5.96 -30.76 -42.11
CA ASN A 37 5.39 -31.81 -41.29
C ASN A 37 5.21 -31.31 -39.87
N SER A 38 4.13 -31.76 -39.23
CA SER A 38 3.74 -31.30 -37.89
C SER A 38 3.37 -29.82 -37.91
N ARG A 39 2.82 -29.32 -36.81
CA ARG A 39 2.31 -27.96 -36.73
C ARG A 39 3.35 -26.97 -36.19
N ALA A 40 4.64 -27.22 -36.43
CA ALA A 40 5.67 -26.28 -35.99
C ALA A 40 5.52 -24.95 -36.71
N GLU A 41 5.47 -23.87 -35.93
CA GLU A 41 5.23 -22.53 -36.46
C GLU A 41 6.56 -21.78 -36.56
N PHE A 42 7.24 -21.97 -37.69
CA PHE A 42 8.48 -21.25 -37.94
C PHE A 42 8.20 -19.76 -38.07
N TYR A 43 9.14 -18.94 -37.60
CA TYR A 43 9.00 -17.50 -37.63
C TYR A 43 10.38 -16.87 -37.86
N MET A 44 10.39 -15.54 -38.01
CA MET A 44 11.61 -14.78 -38.22
C MET A 44 11.35 -13.30 -38.00
N PRO A 45 12.36 -12.53 -37.59
CA PRO A 45 12.17 -11.08 -37.46
C PRO A 45 12.17 -10.40 -38.81
N THR A 46 11.75 -9.13 -38.81
CA THR A 46 11.64 -8.35 -40.03
C THR A 46 12.91 -7.56 -40.33
N SER A 47 13.56 -7.03 -39.29
CA SER A 47 14.78 -6.27 -39.46
C SER A 47 15.92 -7.18 -39.92
N VAL A 48 15.74 -8.49 -39.79
CA VAL A 48 16.69 -9.46 -40.29
C VAL A 48 16.17 -10.01 -41.61
N TYR A 49 14.84 -9.98 -41.78
CA TYR A 49 14.26 -10.40 -43.05
C TYR A 49 14.66 -9.47 -44.19
N THR A 50 14.79 -8.17 -43.90
CA THR A 50 15.26 -7.24 -44.93
C THR A 50 16.65 -7.59 -45.39
N GLU A 51 17.56 -7.89 -44.45
CA GLU A 51 18.91 -8.28 -44.83
C GLU A 51 18.93 -9.61 -45.56
N MET A 52 18.08 -10.56 -45.13
CA MET A 52 18.00 -11.84 -45.82
C MET A 52 17.54 -11.66 -47.26
N ARG A 53 16.54 -10.80 -47.48
CA ARG A 53 16.10 -10.52 -48.85
C ARG A 53 17.19 -9.82 -49.64
N LYS A 54 17.94 -8.93 -49.00
CA LYS A 54 18.96 -8.17 -49.72
C LYS A 54 20.19 -9.02 -50.01
N ILE A 55 20.38 -10.13 -49.31
CA ILE A 55 21.60 -10.91 -49.48
C ILE A 55 21.30 -12.38 -49.75
N MET A 56 20.10 -12.68 -50.23
CA MET A 56 19.77 -14.07 -50.57
C MET A 56 18.58 -14.10 -51.52
N ASP A 57 18.62 -15.03 -52.47
CA ASP A 57 17.50 -15.29 -53.37
C ASP A 57 17.70 -16.66 -53.98
N VAL A 58 16.76 -17.58 -53.73
CA VAL A 58 16.89 -18.95 -54.20
C VAL A 58 15.52 -19.63 -54.13
N GLY A 59 15.28 -20.58 -55.03
CA GLY A 59 14.01 -21.27 -55.08
C GLY A 59 12.83 -20.37 -55.37
N GLU A 60 13.06 -19.28 -56.12
CA GLU A 60 12.05 -18.30 -56.50
C GLU A 60 11.56 -17.49 -55.30
N LEU A 61 12.06 -17.82 -54.10
CA LEU A 61 11.71 -17.13 -52.87
C LEU A 61 10.20 -16.99 -52.70
N TRP A 62 9.69 -15.78 -52.96
CA TRP A 62 8.26 -15.48 -53.07
C TRP A 62 7.39 -16.14 -52.01
N ALA A 63 6.19 -16.58 -52.42
CA ALA A 63 5.24 -17.16 -51.47
C ALA A 63 5.75 -18.46 -50.88
N GLU A 64 6.59 -19.20 -51.62
CA GLU A 64 7.14 -20.45 -51.10
C GLU A 64 7.92 -20.21 -49.81
N PHE A 65 8.74 -19.15 -49.80
CA PHE A 65 9.45 -18.78 -48.57
C PHE A 65 8.54 -18.05 -47.59
N GLU A 66 7.62 -17.22 -48.10
CA GLU A 66 6.78 -16.39 -47.24
C GLU A 66 5.70 -17.18 -46.52
N MET A 67 5.45 -18.43 -46.90
CA MET A 67 4.41 -19.22 -46.24
C MET A 67 4.69 -19.39 -44.75
N VAL A 68 5.94 -19.67 -44.39
CA VAL A 68 6.33 -19.90 -43.01
C VAL A 68 7.24 -18.81 -42.47
N VAL A 69 7.52 -17.78 -43.28
CA VAL A 69 8.40 -16.68 -42.84
C VAL A 69 7.48 -15.60 -42.31
N LYS A 70 7.21 -15.67 -41.00
CA LYS A 70 6.38 -14.68 -40.31
C LYS A 70 7.24 -13.48 -39.89
N ILE A 71 7.70 -12.73 -40.90
CA ILE A 71 8.57 -11.59 -40.65
C ILE A 71 7.80 -10.52 -39.90
N ARG A 72 8.18 -10.26 -38.66
CA ARG A 72 7.53 -9.26 -37.84
C ARG A 72 8.55 -8.68 -36.87
N SER A 73 8.48 -7.36 -36.69
CA SER A 73 9.37 -6.66 -35.78
C SER A 73 8.89 -6.87 -34.35
N PRO A 74 9.76 -7.27 -33.42
CA PRO A 74 9.33 -7.42 -32.02
C PRO A 74 8.91 -6.08 -31.42
N ARG A 75 7.98 -6.16 -30.47
CA ARG A 75 7.45 -4.97 -29.80
C ARG A 75 8.51 -4.47 -28.81
N ARG A 76 9.49 -3.73 -29.35
CA ARG A 76 10.55 -3.20 -28.52
C ARG A 76 10.03 -2.22 -27.47
N PHE A 77 8.89 -1.58 -27.72
CA PHE A 77 8.30 -0.69 -26.72
C PHE A 77 7.62 -1.46 -25.60
N GLN A 78 7.05 -2.63 -25.92
CA GLN A 78 6.36 -3.45 -24.93
C GLN A 78 7.24 -4.50 -24.28
N LEU A 79 8.52 -4.55 -24.65
CA LEU A 79 9.46 -5.53 -24.12
C LEU A 79 10.66 -4.82 -23.52
N THR A 80 11.13 -5.30 -22.38
CA THR A 80 12.30 -4.78 -21.71
C THR A 80 13.41 -5.83 -21.70
N VAL A 81 14.60 -5.40 -21.30
CA VAL A 81 15.76 -6.28 -21.24
C VAL A 81 16.45 -6.11 -19.88
N PRO A 82 17.05 -7.15 -19.32
CA PRO A 82 17.75 -7.02 -18.04
C PRO A 82 18.91 -6.03 -18.14
N ALA A 83 19.10 -5.26 -17.06
CA ALA A 83 20.19 -4.29 -17.03
C ALA A 83 21.55 -4.98 -17.02
N ASP A 84 21.64 -6.14 -16.38
CA ASP A 84 22.91 -6.86 -16.32
C ASP A 84 23.36 -7.29 -17.71
N PHE A 85 22.41 -7.66 -18.57
CA PHE A 85 22.75 -8.02 -19.94
C PHE A 85 23.34 -6.82 -20.67
N LEU A 86 22.75 -5.63 -20.48
CA LEU A 86 23.28 -4.43 -21.11
C LEU A 86 24.67 -4.10 -20.59
N TYR A 87 24.89 -4.24 -19.28
CA TYR A 87 26.21 -3.98 -18.71
C TYR A 87 27.26 -4.94 -19.26
N GLU A 88 26.91 -6.23 -19.35
CA GLU A 88 27.84 -7.21 -19.89
C GLU A 88 28.14 -6.93 -21.36
N PHE A 89 27.11 -6.56 -22.13
CA PHE A 89 27.32 -6.22 -23.53
C PHE A 89 28.24 -5.01 -23.68
N ILE A 90 28.04 -4.00 -22.82
CA ILE A 90 28.89 -2.81 -22.87
C ILE A 90 30.33 -3.17 -22.55
N GLU A 91 30.55 -4.00 -21.52
CA GLU A 91 31.91 -4.39 -21.16
C GLU A 91 32.57 -5.19 -22.28
N GLU A 92 31.83 -6.13 -22.88
CA GLU A 92 32.38 -6.91 -23.98
C GLU A 92 32.69 -6.02 -25.18
N LEU A 93 31.83 -5.04 -25.47
CA LEU A 93 32.09 -4.13 -26.57
C LEU A 93 33.32 -3.27 -26.31
N ARG A 94 33.49 -2.81 -25.07
CA ARG A 94 34.68 -2.04 -24.73
C ARG A 94 35.95 -2.88 -24.91
N TYR A 95 35.90 -4.14 -24.46
CA TYR A 95 37.05 -5.03 -24.66
C TYR A 95 37.34 -5.25 -26.14
N ARG A 96 36.29 -5.46 -26.94
CA ARG A 96 36.47 -5.66 -28.37
C ARG A 96 37.05 -4.42 -29.04
N ILE A 97 36.60 -3.24 -28.64
CA ILE A 97 37.12 -2.00 -29.21
C ILE A 97 38.60 -1.84 -28.84
N ASN A 98 38.95 -2.13 -27.59
CA ASN A 98 40.36 -2.05 -27.19
C ASN A 98 41.22 -3.03 -27.99
N LYS A 99 40.72 -4.25 -28.19
CA LYS A 99 41.45 -5.23 -28.99
C LYS A 99 41.61 -4.76 -30.43
N GLY A 100 40.56 -4.18 -31.00
CA GLY A 100 40.65 -3.66 -32.36
C GLY A 100 41.65 -2.53 -32.49
N LEU A 101 41.67 -1.62 -31.51
CA LEU A 101 42.64 -0.54 -31.53
C LEU A 101 44.07 -1.09 -31.40
N ARG A 102 44.28 -2.07 -30.53
CA ARG A 102 45.60 -2.67 -30.40
C ARG A 102 46.03 -3.37 -31.68
N ILE A 103 45.10 -4.07 -32.35
CA ILE A 103 45.42 -4.69 -33.62
C ILE A 103 45.72 -3.67 -34.72
N ALA A 104 44.96 -2.58 -34.79
CA ALA A 104 45.22 -1.53 -35.77
C ALA A 104 46.59 -0.87 -35.55
N GLU A 105 46.96 -0.62 -34.29
CA GLU A 105 48.28 -0.05 -34.03
C GLU A 105 49.40 -0.98 -34.48
N GLU A 106 49.25 -2.28 -34.20
CA GLU A 106 50.26 -3.24 -34.64
C GLU A 106 50.32 -3.34 -36.16
N HIS A 107 49.15 -3.28 -36.82
CA HIS A 107 49.13 -3.31 -38.28
C HIS A 107 49.82 -2.09 -38.87
N THR A 108 49.59 -0.91 -38.28
CA THR A 108 50.28 0.29 -38.75
C THR A 108 51.79 0.18 -38.53
N ARG A 109 52.20 -0.35 -37.38
CA ARG A 109 53.63 -0.52 -37.13
C ARG A 109 54.25 -1.48 -38.13
N GLU A 110 53.55 -2.58 -38.45
CA GLU A 110 54.05 -3.52 -39.44
C GLU A 110 54.13 -2.89 -40.82
N ALA A 111 53.12 -2.09 -41.20
CA ALA A 111 53.14 -1.40 -42.48
C ALA A 111 54.28 -0.40 -42.56
N SER A 112 54.65 0.20 -41.43
CA SER A 112 55.76 1.14 -41.39
C SER A 112 57.12 0.44 -41.34
N GLY A 113 57.16 -0.87 -41.61
CA GLY A 113 58.42 -1.60 -41.59
C GLY A 113 58.62 -2.48 -42.82
N SER A 114 57.58 -2.62 -43.64
CA SER A 114 57.65 -3.45 -44.82
C SER A 114 56.71 -2.88 -45.87
N GLU A 115 57.18 -2.77 -47.11
CA GLU A 115 56.38 -2.19 -48.19
C GLU A 115 55.33 -3.16 -48.69
N ASP A 116 54.10 -3.00 -48.22
CA ASP A 116 52.99 -3.84 -48.66
C ASP A 116 51.65 -3.18 -48.31
N VAL A 117 50.80 -2.98 -49.31
CA VAL A 117 49.50 -2.34 -49.11
C VAL A 117 48.36 -3.12 -49.73
N GLY A 118 48.64 -4.08 -50.61
CA GLY A 118 47.60 -4.83 -51.27
C GLY A 118 47.18 -6.06 -50.49
N LYS A 119 47.99 -6.46 -49.51
CA LYS A 119 47.70 -7.61 -48.67
C LYS A 119 47.34 -7.25 -47.24
N LEU A 120 47.77 -6.08 -46.75
CA LEU A 120 47.41 -5.65 -45.41
C LEU A 120 45.96 -5.20 -45.30
N ILE A 121 45.35 -4.78 -46.42
CA ILE A 121 43.96 -4.35 -46.41
C ILE A 121 43.00 -5.49 -46.15
N ALA A 122 43.44 -6.74 -46.31
CA ALA A 122 42.64 -7.91 -45.96
C ALA A 122 42.90 -8.39 -44.55
N ARG A 123 44.16 -8.32 -44.09
CA ARG A 123 44.46 -8.65 -42.70
C ARG A 123 43.78 -7.68 -41.75
N LEU A 124 43.78 -6.39 -42.09
CA LEU A 124 43.09 -5.41 -41.24
C LEU A 124 41.59 -5.68 -41.22
N ARG A 125 41.01 -6.02 -42.36
CA ARG A 125 39.58 -6.34 -42.41
C ARG A 125 39.27 -7.57 -41.57
N GLU A 126 40.10 -8.60 -41.66
CA GLU A 126 39.90 -9.80 -40.85
C GLU A 126 40.00 -9.48 -39.36
N LYS A 127 40.98 -8.66 -38.98
CA LYS A 127 41.12 -8.29 -37.58
C LYS A 127 39.91 -7.51 -37.09
N TYR A 128 39.44 -6.55 -37.89
CA TYR A 128 38.30 -5.72 -37.49
C TYR A 128 36.98 -6.45 -37.56
N ARG A 129 36.92 -7.58 -38.27
CA ARG A 129 35.72 -8.40 -38.29
C ARG A 129 35.76 -9.54 -37.27
N GLU A 130 36.93 -9.87 -36.73
CA GLU A 130 37.04 -10.93 -35.74
C GLU A 130 37.20 -10.44 -34.32
N ALA A 131 37.75 -9.24 -34.11
CA ALA A 131 37.90 -8.70 -32.76
C ALA A 131 36.88 -7.62 -32.43
N LEU A 132 35.90 -7.39 -33.30
CA LEU A 132 34.86 -6.41 -33.06
C LEU A 132 33.45 -6.90 -33.32
N ARG A 133 33.26 -7.94 -34.14
CA ARG A 133 31.93 -8.46 -34.43
C ARG A 133 31.82 -9.96 -34.31
N GLN A 134 32.87 -10.65 -33.88
CA GLN A 134 32.85 -12.10 -33.70
C GLN A 134 32.83 -12.42 -32.22
N GLY A 135 31.87 -13.24 -31.79
CA GLY A 135 31.72 -13.60 -30.40
C GLY A 135 30.74 -12.75 -29.62
N ILE A 136 30.08 -11.80 -30.26
CA ILE A 136 29.08 -10.95 -29.62
C ILE A 136 28.00 -10.63 -30.64
N LEU A 137 26.94 -9.97 -30.19
CA LEU A 137 25.85 -9.56 -31.05
C LEU A 137 26.05 -8.09 -31.41
N ASP A 138 26.57 -7.83 -32.61
CA ASP A 138 26.83 -6.47 -33.09
C ASP A 138 26.04 -6.26 -34.37
N SER A 139 24.78 -5.85 -34.21
CA SER A 139 23.86 -5.53 -35.30
C SER A 139 22.55 -5.09 -34.69
N LYS A 140 21.66 -4.57 -35.53
CA LYS A 140 20.28 -4.33 -35.11
C LYS A 140 19.41 -5.55 -35.38
N GLU A 141 19.71 -6.28 -36.46
CA GLU A 141 18.98 -7.50 -36.78
C GLU A 141 19.13 -8.56 -35.70
N ASP A 142 20.32 -8.74 -35.15
CA ASP A 142 20.52 -9.68 -34.05
C ASP A 142 19.77 -9.28 -32.79
N VAL A 143 19.81 -7.98 -32.44
CA VAL A 143 19.10 -7.48 -31.28
C VAL A 143 17.59 -7.51 -31.47
N ASP A 144 17.11 -7.58 -32.71
CA ASP A 144 15.69 -7.75 -32.97
C ASP A 144 15.29 -9.22 -32.96
N VAL A 145 16.16 -10.10 -33.47
CA VAL A 145 15.90 -11.53 -33.41
C VAL A 145 15.86 -12.00 -31.96
N LEU A 146 16.78 -11.50 -31.13
CA LEU A 146 16.77 -11.87 -29.71
C LEU A 146 15.48 -11.41 -29.05
N LEU A 147 15.03 -10.19 -29.35
CA LEU A 147 13.78 -9.69 -28.75
C LEU A 147 12.58 -10.50 -29.22
N LEU A 148 12.56 -10.86 -30.51
CA LEU A 148 11.46 -11.66 -31.03
C LEU A 148 11.43 -13.05 -30.38
N ALA A 149 12.61 -13.64 -30.16
CA ALA A 149 12.65 -14.96 -29.54
C ALA A 149 12.29 -14.90 -28.07
N TYR A 150 12.67 -13.82 -27.38
CA TYR A 150 12.36 -13.70 -25.96
C TYR A 150 10.88 -13.39 -25.72
N GLU A 151 10.33 -12.45 -26.48
CA GLU A 151 8.93 -12.06 -26.28
C GLU A 151 7.95 -13.15 -26.69
N LEU A 152 8.32 -13.98 -27.67
CA LEU A 152 7.46 -15.07 -28.12
C LEU A 152 7.77 -16.39 -27.45
N ASP A 153 8.84 -16.46 -26.65
CA ASP A 153 9.25 -17.69 -25.96
C ASP A 153 9.41 -18.85 -26.94
N GLY A 154 10.02 -18.55 -28.08
CA GLY A 154 10.27 -19.53 -29.13
C GLY A 154 11.74 -19.89 -29.24
N VAL A 155 12.01 -20.79 -30.19
CA VAL A 155 13.39 -21.23 -30.42
C VAL A 155 14.20 -20.10 -31.02
N LEU A 156 15.52 -20.19 -30.85
CA LEU A 156 16.47 -19.19 -31.32
C LEU A 156 17.56 -19.84 -32.15
N VAL A 157 17.16 -20.66 -33.12
CA VAL A 157 18.10 -21.36 -33.99
C VAL A 157 18.95 -20.36 -34.76
N SER A 158 20.27 -20.41 -34.52
CA SER A 158 21.20 -19.48 -35.16
C SER A 158 22.60 -20.05 -35.00
N ALA A 159 23.36 -20.08 -36.10
CA ALA A 159 24.71 -20.63 -36.06
C ALA A 159 25.75 -19.64 -35.57
N ASP A 160 25.35 -18.40 -35.27
CA ASP A 160 26.29 -17.40 -34.76
C ASP A 160 26.52 -17.64 -33.28
N GLU A 161 27.79 -17.82 -32.89
CA GLU A 161 28.12 -18.06 -31.49
C GLU A 161 27.75 -16.87 -30.63
N GLY A 162 27.98 -15.65 -31.14
CA GLY A 162 27.63 -14.47 -30.37
C GLY A 162 26.15 -14.37 -30.06
N LEU A 163 25.31 -14.64 -31.06
CA LEU A 163 23.87 -14.63 -30.83
C LEU A 163 23.46 -15.76 -29.90
N ARG A 164 23.98 -16.96 -30.12
CA ARG A 164 23.61 -18.11 -29.28
C ARG A 164 24.11 -17.96 -27.86
N THR A 165 25.08 -17.07 -27.61
CA THR A 165 25.55 -16.80 -26.26
C THR A 165 24.77 -15.66 -25.62
N TRP A 166 24.51 -14.59 -26.37
CA TRP A 166 23.76 -13.46 -25.81
C TRP A 166 22.32 -13.86 -25.50
N ALA A 167 21.69 -14.63 -26.38
CA ALA A 167 20.31 -15.06 -26.13
C ALA A 167 20.26 -15.96 -24.90
N ASP A 168 21.22 -16.86 -24.75
CA ASP A 168 21.27 -17.71 -23.56
C ASP A 168 21.50 -16.89 -22.30
N LYS A 169 22.38 -15.88 -22.37
CA LYS A 169 22.58 -14.99 -21.23
C LYS A 169 21.32 -14.21 -20.89
N ILE A 170 20.49 -13.89 -21.88
CA ILE A 170 19.21 -13.25 -21.61
C ILE A 170 18.23 -14.21 -20.93
N GLY A 171 18.21 -15.46 -21.36
CA GLY A 171 17.32 -16.44 -20.77
C GLY A 171 16.40 -17.08 -21.79
N ILE A 172 16.76 -17.02 -23.05
CA ILE A 172 15.93 -17.53 -24.14
C ILE A 172 16.36 -18.95 -24.48
N LYS A 173 15.42 -19.77 -24.93
CA LYS A 173 15.73 -21.13 -25.33
C LYS A 173 16.59 -21.14 -26.59
N LEU A 174 17.58 -22.02 -26.61
CA LEU A 174 18.50 -22.14 -27.74
C LEU A 174 18.73 -23.62 -28.03
N ILE A 175 18.51 -24.02 -29.27
CA ILE A 175 18.79 -25.39 -29.71
C ILE A 175 20.05 -25.37 -30.55
N ASP A 176 20.58 -26.54 -30.89
CA ASP A 176 21.79 -26.64 -31.68
C ASP A 176 21.48 -26.30 -33.13
N PRO A 177 22.08 -25.25 -33.70
CA PRO A 177 21.85 -24.95 -35.12
C PRO A 177 22.34 -26.05 -36.06
N LYS A 178 23.33 -26.83 -35.65
CA LYS A 178 23.85 -27.91 -36.47
C LYS A 178 23.01 -29.17 -36.39
N ASN A 179 21.93 -29.17 -35.61
CA ASN A 179 21.04 -30.32 -35.49
C ASN A 179 19.62 -30.00 -35.92
N PHE A 180 19.37 -28.77 -36.39
CA PHE A 180 18.02 -28.39 -36.80
C PHE A 180 17.54 -29.20 -38.01
N LYS A 181 18.45 -29.52 -38.93
CA LYS A 181 18.08 -30.31 -40.09
C LYS A 181 17.55 -31.68 -39.69
N ASN A 182 18.21 -32.31 -38.72
CA ASN A 182 17.75 -33.60 -38.19
C ASN A 182 16.67 -33.45 -37.13
N ILE A 183 16.31 -32.22 -36.76
CA ILE A 183 15.26 -31.98 -35.78
C ILE A 183 13.92 -31.76 -36.45
N LEU A 184 13.89 -31.00 -37.55
CA LEU A 184 12.64 -30.81 -38.28
C LEU A 184 12.12 -32.12 -38.87
N GLU A 185 13.02 -33.08 -39.12
CA GLU A 185 12.59 -34.40 -39.58
C GLU A 185 11.71 -35.09 -38.55
N SER A 186 12.06 -34.96 -37.27
CA SER A 186 11.22 -35.51 -36.22
C SER A 186 9.85 -34.87 -36.19
N LEU A 187 9.74 -33.62 -36.65
CA LEU A 187 8.46 -32.94 -36.71
C LEU A 187 7.68 -33.38 -37.95
N ASP B 2 14.30 14.96 -5.40
CA ASP B 2 14.88 14.37 -6.60
C ASP B 2 16.02 13.43 -6.26
N VAL B 3 16.82 13.08 -7.27
CA VAL B 3 17.96 12.20 -7.09
C VAL B 3 19.07 12.61 -8.04
N PHE B 4 20.24 12.94 -7.51
CA PHE B 4 21.40 13.33 -8.31
C PHE B 4 22.26 12.09 -8.55
N VAL B 5 22.06 11.45 -9.69
CA VAL B 5 22.85 10.28 -10.07
C VAL B 5 24.09 10.82 -10.77
N LEU B 6 25.10 11.15 -9.97
CA LEU B 6 26.30 11.79 -10.49
C LEU B 6 27.16 10.79 -11.27
N ASP B 7 28.23 11.30 -11.86
CA ASP B 7 29.17 10.49 -12.63
C ASP B 7 30.58 10.96 -12.28
N THR B 8 31.55 10.52 -13.09
CA THR B 8 32.95 10.91 -12.87
C THR B 8 33.29 12.20 -13.59
N SER B 9 32.48 13.23 -13.36
CA SER B 9 32.67 14.53 -13.99
C SER B 9 32.72 15.68 -13.00
N VAL B 10 31.93 15.61 -11.92
CA VAL B 10 31.85 16.73 -10.96
C VAL B 10 33.07 16.83 -10.08
N PHE B 11 33.99 15.87 -10.13
CA PHE B 11 35.18 15.90 -9.30
C PHE B 11 36.49 15.67 -10.05
N THR B 12 36.44 15.16 -11.28
CA THR B 12 37.64 14.88 -12.07
C THR B 12 37.87 15.91 -13.17
N ASN B 13 36.80 16.37 -13.82
CA ASN B 13 36.94 17.35 -14.87
C ASN B 13 37.45 18.66 -14.30
N PRO B 14 38.48 19.27 -14.91
CA PRO B 14 38.99 20.55 -14.36
C PRO B 14 37.96 21.67 -14.37
N GLU B 15 37.08 21.71 -15.37
CA GLU B 15 36.09 22.78 -15.45
C GLU B 15 35.08 22.67 -14.31
N ILE B 16 34.57 21.47 -14.06
CA ILE B 16 33.59 21.27 -13.00
C ILE B 16 34.20 21.57 -11.64
N TYR B 17 35.43 21.11 -11.41
CA TYR B 17 36.11 21.39 -10.15
C TYR B 17 36.35 22.88 -9.98
N ARG B 18 36.73 23.57 -11.07
CA ARG B 18 36.97 25.00 -11.00
C ARG B 18 35.69 25.76 -10.69
N THR B 19 34.56 25.32 -11.27
CA THR B 19 33.29 25.96 -10.97
C THR B 19 32.92 25.80 -9.50
N PHE B 20 33.19 24.63 -8.93
CA PHE B 20 32.84 24.34 -7.54
C PHE B 20 33.97 24.80 -6.62
N GLU B 21 34.12 26.12 -6.52
CA GLU B 21 35.05 26.77 -5.59
C GLU B 21 36.49 26.31 -5.84
N GLU B 22 36.99 26.71 -7.00
CA GLU B 22 38.38 26.45 -7.38
C GLU B 22 39.37 26.94 -6.30
N ARG B 25 41.80 19.85 -4.98
CA ARG B 25 41.78 19.16 -3.70
C ARG B 25 40.87 19.87 -2.70
N GLY B 26 40.78 21.19 -2.83
CA GLY B 26 39.93 21.96 -1.95
C GLY B 26 38.54 22.19 -2.53
N ALA B 27 38.37 21.85 -3.81
CA ALA B 27 37.05 21.98 -4.43
C ALA B 27 36.09 20.92 -3.92
N MET B 28 36.59 19.72 -3.61
CA MET B 28 35.71 18.66 -3.11
C MET B 28 35.12 19.01 -1.75
N GLU B 29 35.85 19.76 -0.93
CA GLU B 29 35.32 20.17 0.37
C GLU B 29 34.07 21.02 0.21
N THR B 30 34.10 21.98 -0.72
CA THR B 30 32.91 22.79 -0.98
C THR B 30 31.84 21.98 -1.70
N PHE B 31 32.23 21.08 -2.60
CA PHE B 31 31.26 20.28 -3.33
C PHE B 31 30.48 19.34 -2.40
N ILE B 32 31.12 18.87 -1.33
CA ILE B 32 30.42 18.02 -0.37
C ILE B 32 29.29 18.78 0.31
N HIS B 33 29.57 20.01 0.74
CA HIS B 33 28.52 20.82 1.35
C HIS B 33 27.50 21.30 0.32
N LEU B 34 27.89 21.35 -0.96
CA LEU B 34 26.96 21.74 -2.01
C LEU B 34 25.81 20.74 -2.14
N ALA B 35 26.03 19.49 -1.74
CA ALA B 35 24.99 18.47 -1.78
C ALA B 35 24.56 17.98 -0.41
N LEU B 36 25.30 18.31 0.65
CA LEU B 36 24.92 17.91 2.00
C LEU B 36 23.95 18.88 2.66
N ASN B 37 23.58 19.96 1.98
CA ASN B 37 22.66 20.95 2.52
C ASN B 37 21.31 20.85 1.82
N SER B 38 20.27 21.24 2.56
CA SER B 38 18.88 21.27 2.08
C SER B 38 18.36 19.86 1.73
N ARG B 39 19.03 18.82 2.22
CA ARG B 39 18.58 17.45 2.07
C ARG B 39 18.42 17.06 0.60
N ALA B 40 19.53 17.08 -0.12
CA ALA B 40 19.56 16.66 -1.51
C ALA B 40 20.08 15.23 -1.62
N GLU B 41 19.51 14.49 -2.57
CA GLU B 41 19.86 13.08 -2.78
C GLU B 41 20.86 12.99 -3.92
N PHE B 42 22.11 12.64 -3.59
CA PHE B 42 23.17 12.48 -4.56
C PHE B 42 23.77 11.08 -4.42
N TYR B 43 23.86 10.36 -5.53
CA TYR B 43 24.37 9.00 -5.53
C TYR B 43 25.33 8.80 -6.69
N MET B 44 26.43 8.09 -6.42
CA MET B 44 27.43 7.77 -7.42
C MET B 44 27.64 6.27 -7.48
N PRO B 45 27.58 5.66 -8.66
CA PRO B 45 27.80 4.20 -8.74
C PRO B 45 29.17 3.81 -8.24
N THR B 46 29.28 2.58 -7.74
CA THR B 46 30.49 2.12 -7.09
C THR B 46 31.66 2.10 -8.07
N SER B 47 31.41 1.73 -9.33
CA SER B 47 32.46 1.75 -10.32
C SER B 47 32.98 3.16 -10.56
N VAL B 48 32.06 4.14 -10.65
CA VAL B 48 32.46 5.52 -10.82
C VAL B 48 33.22 6.02 -9.60
N TYR B 49 32.81 5.60 -8.41
CA TYR B 49 33.51 5.99 -7.20
C TYR B 49 34.93 5.42 -7.18
N THR B 50 35.09 4.16 -7.60
CA THR B 50 36.42 3.57 -7.67
C THR B 50 37.29 4.29 -8.69
N GLU B 51 36.71 4.63 -9.85
CA GLU B 51 37.46 5.36 -10.86
C GLU B 51 37.90 6.72 -10.34
N MET B 52 37.01 7.43 -9.64
CA MET B 52 37.35 8.73 -9.09
C MET B 52 38.44 8.62 -8.03
N ARG B 53 38.35 7.60 -7.17
CA ARG B 53 39.36 7.42 -6.13
C ARG B 53 40.69 6.93 -6.70
N LYS B 54 40.68 6.33 -7.88
CA LYS B 54 41.94 5.90 -8.49
C LYS B 54 42.60 7.04 -9.27
N ILE B 55 41.85 7.68 -10.15
CA ILE B 55 42.42 8.77 -10.96
C ILE B 55 42.77 9.96 -10.08
N MET B 56 41.85 10.37 -9.22
CA MET B 56 42.08 11.49 -8.32
C MET B 56 42.51 10.98 -6.94
N ASP B 57 42.96 11.91 -6.11
CA ASP B 57 43.42 11.57 -4.76
C ASP B 57 43.37 12.83 -3.90
N VAL B 58 42.65 12.76 -2.80
CA VAL B 58 42.52 13.87 -1.86
C VAL B 58 42.81 13.34 -0.45
N GLY B 59 42.73 14.24 0.53
CA GLY B 59 43.02 13.87 1.90
C GLY B 59 41.88 14.15 2.86
N GLU B 60 41.33 13.10 3.46
CA GLU B 60 40.25 13.20 4.45
C GLU B 60 39.05 13.96 3.90
N LEU B 61 38.77 13.74 2.61
CA LEU B 61 37.62 14.35 1.97
C LEU B 61 36.78 13.30 1.25
N TRP B 62 37.44 12.21 0.84
CA TRP B 62 36.71 11.11 0.21
C TRP B 62 35.73 10.46 1.18
N ALA B 63 36.08 10.43 2.47
CA ALA B 63 35.14 9.94 3.47
C ALA B 63 33.91 10.83 3.55
N GLU B 64 34.12 12.15 3.51
CA GLU B 64 32.98 13.08 3.53
C GLU B 64 32.13 12.90 2.27
N PHE B 65 32.77 12.71 1.12
CA PHE B 65 32.01 12.48 -0.11
C PHE B 65 31.19 11.20 -0.02
N GLU B 66 31.78 10.13 0.51
CA GLU B 66 31.07 8.86 0.65
C GLU B 66 29.94 8.97 1.66
N MET B 67 30.10 9.79 2.69
CA MET B 67 28.99 10.05 3.60
C MET B 67 27.87 10.81 2.90
N VAL B 68 28.22 11.83 2.12
CA VAL B 68 27.20 12.62 1.42
C VAL B 68 26.57 11.82 0.29
N VAL B 69 27.37 11.09 -0.47
CA VAL B 69 26.89 10.38 -1.65
C VAL B 69 26.47 8.97 -1.24
N LYS B 70 25.68 8.33 -2.09
CA LYS B 70 25.23 6.95 -1.89
C LYS B 70 25.95 6.07 -2.91
N ILE B 71 27.13 5.58 -2.53
CA ILE B 71 27.95 4.75 -3.40
C ILE B 71 27.39 3.33 -3.34
N ARG B 72 26.63 2.95 -4.36
CA ARG B 72 26.01 1.63 -4.42
C ARG B 72 26.05 1.15 -5.86
N SER B 73 25.31 0.09 -6.15
CA SER B 73 25.19 -0.47 -7.48
C SER B 73 23.74 -0.35 -7.94
N PRO B 74 23.52 -0.22 -9.26
CA PRO B 74 22.15 -0.05 -9.77
C PRO B 74 21.25 -1.28 -9.61
N ARG B 75 21.74 -2.36 -9.00
CA ARG B 75 20.98 -3.61 -8.88
C ARG B 75 20.58 -4.12 -10.27
N ARG B 76 21.61 -4.44 -11.07
CA ARG B 76 21.37 -4.85 -12.46
C ARG B 76 20.50 -6.10 -12.54
N PHE B 77 20.58 -6.97 -11.55
CA PHE B 77 19.77 -8.18 -11.53
C PHE B 77 18.33 -7.93 -11.14
N GLN B 78 17.88 -6.67 -11.04
CA GLN B 78 16.49 -6.39 -10.69
C GLN B 78 15.86 -5.42 -11.69
N LEU B 79 16.68 -4.57 -12.30
CA LEU B 79 16.18 -3.56 -13.23
C LEU B 79 15.91 -4.18 -14.59
N THR B 80 15.13 -3.47 -15.39
CA THR B 80 14.76 -3.90 -16.74
C THR B 80 14.82 -2.69 -17.67
N VAL B 81 15.92 -2.56 -18.41
CA VAL B 81 16.06 -1.43 -19.33
C VAL B 81 15.15 -1.65 -20.53
N PRO B 82 14.61 -0.60 -21.15
CA PRO B 82 13.77 -0.81 -22.33
C PRO B 82 14.57 -1.33 -23.52
N ALA B 83 13.90 -2.09 -24.37
CA ALA B 83 14.56 -2.69 -25.53
C ALA B 83 15.05 -1.63 -26.51
N ASP B 84 14.35 -0.49 -26.56
CA ASP B 84 14.78 0.59 -27.46
C ASP B 84 16.11 1.17 -27.02
N PHE B 85 16.31 1.32 -25.71
CA PHE B 85 17.57 1.84 -25.18
C PHE B 85 18.75 0.94 -25.48
N LEU B 86 18.51 -0.31 -25.83
CA LEU B 86 19.57 -1.22 -26.27
C LEU B 86 19.68 -1.30 -27.79
N TYR B 87 18.55 -1.22 -28.50
CA TYR B 87 18.59 -1.24 -29.96
C TYR B 87 19.27 -0.01 -30.52
N GLU B 88 19.05 1.16 -29.90
CA GLU B 88 19.73 2.37 -30.34
C GLU B 88 21.24 2.23 -30.18
N PHE B 89 21.67 1.67 -29.04
CA PHE B 89 23.10 1.44 -28.84
C PHE B 89 23.64 0.43 -29.83
N ILE B 90 22.86 -0.62 -30.12
CA ILE B 90 23.30 -1.65 -31.06
C ILE B 90 23.51 -1.05 -32.44
N GLU B 91 22.59 -0.21 -32.90
CA GLU B 91 22.72 0.42 -34.21
C GLU B 91 23.87 1.42 -34.24
N GLU B 92 23.98 2.27 -33.22
CA GLU B 92 25.05 3.25 -33.17
C GLU B 92 26.42 2.59 -33.12
N LEU B 93 26.55 1.51 -32.33
CA LEU B 93 27.84 0.84 -32.23
C LEU B 93 28.19 0.09 -33.51
N ARG B 94 27.18 -0.44 -34.20
CA ARG B 94 27.44 -1.06 -35.50
C ARG B 94 27.94 -0.03 -36.50
N TYR B 95 27.29 1.14 -36.56
CA TYR B 95 27.76 2.20 -37.45
C TYR B 95 29.16 2.66 -37.07
N ARG B 96 29.43 2.79 -35.77
CA ARG B 96 30.75 3.18 -35.30
C ARG B 96 31.81 2.15 -35.62
N ILE B 97 31.49 0.85 -35.54
CA ILE B 97 32.45 -0.18 -35.89
C ILE B 97 32.74 -0.18 -37.38
N ASN B 98 31.71 0.03 -38.21
CA ASN B 98 31.94 0.17 -39.64
C ASN B 98 32.83 1.37 -39.93
N LYS B 99 32.57 2.49 -39.26
CA LYS B 99 33.39 3.68 -39.46
C LYS B 99 34.84 3.43 -39.01
N GLY B 100 35.03 2.73 -37.91
CA GLY B 100 36.37 2.43 -37.44
C GLY B 100 37.12 1.51 -38.38
N LEU B 101 36.43 0.48 -38.89
CA LEU B 101 37.04 -0.41 -39.88
C LEU B 101 37.39 0.32 -41.17
N ARG B 102 36.60 1.32 -41.55
CA ARG B 102 36.93 2.12 -42.73
C ARG B 102 38.07 3.09 -42.45
N ILE B 103 38.16 3.63 -41.23
CA ILE B 103 39.18 4.62 -40.91
C ILE B 103 40.53 4.02 -40.59
N ALA B 104 40.57 2.77 -40.13
CA ALA B 104 41.85 2.10 -39.89
C ALA B 104 42.62 1.87 -41.18
N GLU B 105 41.92 1.53 -42.26
CA GLU B 105 42.57 1.31 -43.55
C GLU B 105 43.20 2.60 -44.06
N GLU B 106 42.52 3.73 -43.90
CA GLU B 106 43.07 5.00 -44.34
C GLU B 106 44.34 5.35 -43.58
N HIS B 107 44.33 5.16 -42.26
CA HIS B 107 45.53 5.43 -41.46
C HIS B 107 46.67 4.49 -41.83
N THR B 108 46.36 3.21 -42.07
CA THR B 108 47.40 2.27 -42.47
C THR B 108 47.99 2.65 -43.82
N ARG B 109 47.15 3.04 -44.78
CA ARG B 109 47.64 3.46 -46.08
C ARG B 109 48.50 4.71 -45.97
N GLU B 110 48.08 5.67 -45.15
CA GLU B 110 48.88 6.89 -44.96
C GLU B 110 50.23 6.56 -44.33
N ALA B 111 50.24 5.68 -43.33
CA ALA B 111 51.49 5.33 -42.67
C ALA B 111 52.40 4.46 -43.53
N SER B 112 51.84 3.73 -44.50
CA SER B 112 52.67 2.89 -45.35
C SER B 112 53.63 3.72 -46.19
N GLY B 113 53.14 4.84 -46.75
CA GLY B 113 54.00 5.70 -47.55
C GLY B 113 55.09 6.37 -46.73
N SER B 114 54.74 6.86 -45.54
CA SER B 114 55.69 7.55 -44.69
C SER B 114 56.50 6.55 -43.87
N GLU B 115 57.48 7.07 -43.13
CA GLU B 115 58.34 6.24 -42.28
C GLU B 115 58.16 6.50 -40.80
N ASP B 116 57.71 7.69 -40.40
CA ASP B 116 57.51 8.00 -38.99
C ASP B 116 56.25 7.31 -38.46
N VAL B 117 56.43 6.13 -37.87
CA VAL B 117 55.29 5.39 -37.34
C VAL B 117 54.69 6.08 -36.13
N GLY B 118 55.52 6.69 -35.29
CA GLY B 118 55.02 7.31 -34.07
C GLY B 118 54.07 8.46 -34.34
N LYS B 119 54.41 9.30 -35.32
CA LYS B 119 53.56 10.46 -35.63
C LYS B 119 52.24 10.05 -36.25
N LEU B 120 52.21 8.92 -36.95
CA LEU B 120 51.00 8.48 -37.64
C LEU B 120 50.13 7.55 -36.79
N ILE B 121 50.70 6.88 -35.80
CA ILE B 121 49.89 6.01 -34.94
C ILE B 121 48.92 6.82 -34.12
N ALA B 122 49.30 8.04 -33.75
CA ALA B 122 48.38 8.91 -33.01
C ALA B 122 47.15 9.24 -33.83
N ARG B 123 47.29 9.37 -35.15
CA ARG B 123 46.13 9.62 -36.00
C ARG B 123 45.13 8.46 -35.93
N LEU B 124 45.64 7.23 -36.03
CA LEU B 124 44.75 6.07 -35.93
C LEU B 124 44.12 5.97 -34.56
N ARG B 125 44.90 6.24 -33.50
CA ARG B 125 44.37 6.19 -32.15
C ARG B 125 43.25 7.21 -31.96
N GLU B 126 43.47 8.45 -32.43
CA GLU B 126 42.45 9.48 -32.30
C GLU B 126 41.21 9.13 -33.12
N LYS B 127 41.40 8.60 -34.33
CA LYS B 127 40.27 8.21 -35.16
C LYS B 127 39.44 7.13 -34.48
N TYR B 128 40.10 6.12 -33.92
CA TYR B 128 39.38 5.06 -33.23
C TYR B 128 38.64 5.59 -32.01
N ARG B 129 39.32 6.41 -31.20
CA ARG B 129 38.74 6.92 -29.97
C ARG B 129 37.61 7.93 -30.23
N GLU B 130 37.58 8.57 -31.40
CA GLU B 130 36.52 9.50 -31.74
C GLU B 130 35.40 8.86 -32.54
N ALA B 131 35.65 7.73 -33.20
CA ALA B 131 34.60 7.06 -33.94
C ALA B 131 33.86 6.00 -33.11
N LEU B 132 34.56 5.32 -32.21
CA LEU B 132 33.97 4.25 -31.42
C LEU B 132 33.77 4.64 -29.96
N ARG B 133 34.81 5.14 -29.30
CA ARG B 133 34.74 5.48 -27.88
C ARG B 133 34.06 6.82 -27.62
N GLN B 134 33.44 7.42 -28.63
CA GLN B 134 32.77 8.70 -28.48
C GLN B 134 31.38 8.62 -29.11
N GLY B 135 30.43 9.35 -28.51
CA GLY B 135 29.08 9.39 -29.01
C GLY B 135 28.15 8.40 -28.32
N ILE B 136 28.70 7.26 -27.89
CA ILE B 136 27.93 6.23 -27.23
C ILE B 136 28.60 5.88 -25.90
N LEU B 137 27.95 5.03 -25.12
CA LEU B 137 28.51 4.55 -23.87
C LEU B 137 29.70 3.65 -24.15
N ASP B 138 30.88 4.02 -23.64
CA ASP B 138 32.13 3.35 -23.97
C ASP B 138 32.78 2.68 -22.77
N SER B 139 32.04 2.47 -21.68
CA SER B 139 32.61 1.85 -20.50
C SER B 139 31.49 1.21 -19.69
N LYS B 140 31.88 0.30 -18.79
CA LYS B 140 30.93 -0.27 -17.85
C LYS B 140 30.44 0.76 -16.84
N GLU B 141 31.29 1.76 -16.55
CA GLU B 141 30.90 2.84 -15.64
C GLU B 141 29.74 3.66 -16.19
N ASP B 142 29.73 3.97 -17.48
CA ASP B 142 28.62 4.69 -18.10
C ASP B 142 27.32 3.90 -18.02
N VAL B 143 27.38 2.59 -18.30
CA VAL B 143 26.19 1.75 -18.21
C VAL B 143 25.70 1.67 -16.77
N ASP B 144 26.61 1.55 -15.81
CA ASP B 144 26.23 1.52 -14.41
C ASP B 144 25.58 2.83 -13.98
N VAL B 145 26.13 3.96 -14.42
CA VAL B 145 25.55 5.26 -14.08
C VAL B 145 24.16 5.40 -14.69
N LEU B 146 23.99 4.99 -15.95
CA LEU B 146 22.68 5.06 -16.59
C LEU B 146 21.66 4.18 -15.87
N LEU B 147 22.07 2.96 -15.49
CA LEU B 147 21.15 2.06 -14.80
C LEU B 147 20.79 2.58 -13.41
N LEU B 148 21.76 3.17 -12.71
CA LEU B 148 21.48 3.76 -11.40
C LEU B 148 20.53 4.94 -11.53
N ALA B 149 20.71 5.77 -12.55
CA ALA B 149 19.81 6.88 -12.78
C ALA B 149 18.40 6.40 -13.11
N TYR B 150 18.29 5.37 -13.95
CA TYR B 150 16.98 4.85 -14.33
C TYR B 150 16.26 4.22 -13.14
N GLU B 151 16.97 3.37 -12.38
CA GLU B 151 16.34 2.68 -11.27
C GLU B 151 15.87 3.65 -10.19
N LEU B 152 16.69 4.65 -9.86
CA LEU B 152 16.33 5.62 -8.85
C LEU B 152 15.49 6.77 -9.41
N ASP B 153 15.26 6.81 -10.72
CA ASP B 153 14.51 7.88 -11.38
C ASP B 153 15.08 9.25 -11.03
N GLY B 154 16.38 9.39 -11.26
CA GLY B 154 17.10 10.61 -10.91
C GLY B 154 17.55 11.38 -12.14
N VAL B 155 18.29 12.44 -11.87
CA VAL B 155 18.80 13.34 -12.89
C VAL B 155 20.28 13.05 -13.09
N LEU B 156 20.64 12.52 -14.25
CA LEU B 156 22.04 12.22 -14.54
C LEU B 156 22.84 13.51 -14.68
N VAL B 157 24.07 13.49 -14.16
CA VAL B 157 24.99 14.62 -14.24
C VAL B 157 26.30 14.07 -14.80
N SER B 158 26.46 14.13 -16.12
CA SER B 158 27.67 13.66 -16.78
C SER B 158 28.12 14.70 -17.80
N ALA B 159 29.39 15.13 -17.69
CA ALA B 159 29.95 16.10 -18.62
C ALA B 159 30.26 15.49 -19.98
N ASP B 160 30.20 14.17 -20.11
CA ASP B 160 30.40 13.52 -21.40
C ASP B 160 29.10 13.55 -22.20
N GLU B 161 29.20 13.98 -23.46
CA GLU B 161 28.01 14.13 -24.29
C GLU B 161 27.37 12.77 -24.58
N GLY B 162 28.18 11.74 -24.80
CA GLY B 162 27.64 10.44 -25.14
C GLY B 162 26.79 9.85 -24.03
N LEU B 163 27.30 9.90 -22.79
CA LEU B 163 26.55 9.34 -21.68
C LEU B 163 25.25 10.10 -21.45
N ARG B 164 25.30 11.44 -21.52
CA ARG B 164 24.09 12.24 -21.31
C ARG B 164 23.07 11.96 -22.40
N THR B 165 23.51 11.85 -23.66
CA THR B 165 22.60 11.56 -24.75
C THR B 165 21.98 10.18 -24.59
N TRP B 166 22.79 9.18 -24.22
CA TRP B 166 22.27 7.83 -24.04
C TRP B 166 21.27 7.77 -22.89
N ALA B 167 21.54 8.50 -21.81
CA ALA B 167 20.61 8.52 -20.69
C ALA B 167 19.30 9.21 -21.08
N ASP B 168 19.39 10.35 -21.75
CA ASP B 168 18.19 11.09 -22.14
C ASP B 168 17.38 10.37 -23.22
N LYS B 169 18.01 9.50 -24.00
CA LYS B 169 17.31 8.78 -25.06
C LYS B 169 16.37 7.70 -24.55
N ILE B 170 16.41 7.37 -23.26
CA ILE B 170 15.62 6.28 -22.73
C ILE B 170 14.53 6.74 -21.75
N GLY B 171 14.60 7.96 -21.23
CA GLY B 171 13.59 8.43 -20.30
C GLY B 171 14.16 9.29 -19.18
N ILE B 172 15.48 9.27 -19.02
CA ILE B 172 16.14 10.06 -18.00
C ILE B 172 16.24 11.50 -18.47
N LYS B 173 16.50 12.42 -17.54
CA LYS B 173 16.64 13.84 -17.86
C LYS B 173 18.04 14.28 -17.43
N LEU B 174 18.87 14.65 -18.40
CA LEU B 174 20.24 15.04 -18.12
C LEU B 174 20.29 16.53 -17.81
N ILE B 175 20.57 16.85 -16.55
CA ILE B 175 20.73 18.25 -16.15
C ILE B 175 22.03 18.79 -16.70
N ASP B 176 22.17 20.11 -16.69
CA ASP B 176 23.38 20.74 -17.21
C ASP B 176 24.55 20.49 -16.27
N PRO B 177 25.62 19.84 -16.72
CA PRO B 177 26.77 19.62 -15.83
C PRO B 177 27.47 20.90 -15.43
N LYS B 178 27.58 21.86 -16.35
CA LYS B 178 28.24 23.12 -16.03
C LYS B 178 27.41 23.95 -15.07
N ASN B 179 26.08 23.88 -15.20
CA ASN B 179 25.18 24.63 -14.33
C ASN B 179 24.83 23.89 -13.05
N PHE B 180 25.41 22.71 -12.83
CA PHE B 180 25.13 21.96 -11.60
C PHE B 180 25.57 22.74 -10.38
N LYS B 181 26.70 23.44 -10.46
CA LYS B 181 27.10 24.34 -9.38
C LYS B 181 26.09 25.45 -9.19
N ASN B 182 25.59 26.02 -10.30
CA ASN B 182 24.55 27.03 -10.20
C ASN B 182 23.20 26.43 -9.84
N ILE B 183 22.94 25.18 -10.23
CA ILE B 183 21.72 24.51 -9.83
C ILE B 183 21.69 24.26 -8.33
N LEU B 184 22.85 24.12 -7.71
CA LEU B 184 22.97 23.98 -6.26
C LEU B 184 23.28 25.35 -5.66
N GLU B 185 23.57 25.36 -4.36
CA GLU B 185 23.90 26.53 -3.55
C GLU B 185 22.74 27.51 -3.42
N SER B 186 21.58 27.22 -4.04
CA SER B 186 20.40 28.07 -3.93
C SER B 186 19.26 27.34 -3.23
N LEU B 187 19.57 26.22 -2.57
CA LEU B 187 18.57 25.44 -1.87
C LEU B 187 18.76 25.56 -0.36
N VAL B 188 19.96 25.90 0.07
CA VAL B 188 20.26 26.06 1.48
C VAL B 188 19.89 27.46 1.95
N ASP C 2 1.54 -30.44 -16.86
CA ASP C 2 2.76 -30.97 -16.25
C ASP C 2 4.00 -30.32 -16.85
N VAL C 3 4.95 -29.95 -15.98
CA VAL C 3 6.21 -29.39 -16.42
C VAL C 3 7.35 -29.95 -15.57
N PHE C 4 8.09 -30.90 -16.12
CA PHE C 4 9.20 -31.52 -15.41
C PHE C 4 10.51 -30.81 -15.75
N VAL C 5 11.27 -30.47 -14.73
CA VAL C 5 12.57 -29.83 -14.91
C VAL C 5 13.63 -30.90 -14.64
N LEU C 6 14.38 -31.26 -15.68
CA LEU C 6 15.28 -32.40 -15.62
C LEU C 6 16.70 -31.97 -15.25
N ASP C 7 17.55 -32.96 -14.98
CA ASP C 7 18.91 -32.71 -14.54
C ASP C 7 19.90 -33.67 -15.18
N THR C 8 21.16 -33.61 -14.74
CA THR C 8 22.17 -34.55 -15.19
C THR C 8 21.94 -35.94 -14.60
N SER C 9 21.48 -36.00 -13.35
CA SER C 9 21.32 -37.28 -12.67
C SER C 9 20.32 -38.19 -13.37
N VAL C 10 19.35 -37.61 -14.08
CA VAL C 10 18.38 -38.43 -14.79
C VAL C 10 18.96 -39.07 -16.04
N PHE C 11 20.23 -38.81 -16.35
CA PHE C 11 20.86 -39.36 -17.54
C PHE C 11 22.26 -39.89 -17.28
N THR C 12 22.80 -39.71 -16.08
CA THR C 12 24.15 -40.16 -15.74
C THR C 12 24.21 -41.12 -14.56
N ASN C 13 23.33 -40.95 -13.55
CA ASN C 13 23.36 -41.80 -12.36
C ASN C 13 22.89 -43.21 -12.71
N PRO C 14 23.69 -44.24 -12.41
CA PRO C 14 23.41 -45.60 -12.92
C PRO C 14 21.97 -46.06 -12.80
N GLU C 15 21.44 -46.07 -11.57
CA GLU C 15 20.12 -46.62 -11.33
C GLU C 15 19.05 -45.87 -12.11
N ILE C 16 19.28 -44.57 -12.37
CA ILE C 16 18.23 -43.75 -12.96
C ILE C 16 17.94 -44.19 -14.40
N TYR C 17 18.99 -44.36 -15.21
CA TYR C 17 18.76 -44.91 -16.54
C TYR C 17 18.70 -46.43 -16.53
N ARG C 18 18.96 -47.08 -15.39
CA ARG C 18 18.54 -48.46 -15.28
C ARG C 18 17.04 -48.59 -15.14
N THR C 19 16.37 -47.55 -14.66
CA THR C 19 14.91 -47.55 -14.66
C THR C 19 14.34 -47.34 -16.05
N PHE C 20 14.91 -46.42 -16.83
CA PHE C 20 14.55 -46.27 -18.24
C PHE C 20 15.13 -47.45 -19.02
N GLU C 21 14.47 -47.81 -20.11
CA GLU C 21 14.97 -48.88 -20.96
C GLU C 21 16.29 -48.46 -21.60
N GLU C 22 17.27 -49.38 -21.58
CA GLU C 22 18.59 -49.19 -22.16
C GLU C 22 19.42 -48.19 -21.36
N ASP C 23 20.72 -48.12 -21.63
CA ASP C 23 21.67 -47.30 -20.89
C ASP C 23 22.27 -46.25 -21.82
N GLN C 24 22.26 -44.98 -21.38
CA GLN C 24 22.72 -43.86 -22.20
C GLN C 24 22.14 -43.92 -23.61
N ARG C 25 22.97 -44.36 -24.56
CA ARG C 25 22.50 -44.58 -25.92
C ARG C 25 21.40 -45.64 -25.92
N GLY C 26 20.20 -45.20 -26.23
CA GLY C 26 19.01 -46.04 -26.07
C GLY C 26 18.17 -45.63 -24.89
N ALA C 27 18.82 -45.28 -23.77
CA ALA C 27 18.09 -44.72 -22.64
C ALA C 27 17.43 -43.41 -23.02
N MET C 28 18.19 -42.54 -23.70
CA MET C 28 17.62 -41.29 -24.18
C MET C 28 16.54 -41.55 -25.22
N GLU C 29 16.74 -42.55 -26.08
CA GLU C 29 15.73 -42.88 -27.08
C GLU C 29 14.41 -43.30 -26.43
N THR C 30 14.48 -44.16 -25.41
CA THR C 30 13.26 -44.63 -24.77
C THR C 30 12.63 -43.55 -23.91
N PHE C 31 13.45 -42.71 -23.26
CA PHE C 31 12.93 -41.57 -22.53
C PHE C 31 12.17 -40.64 -23.46
N ILE C 32 12.74 -40.39 -24.65
CA ILE C 32 12.07 -39.55 -25.64
C ILE C 32 10.79 -40.21 -26.11
N HIS C 33 10.82 -41.52 -26.33
CA HIS C 33 9.63 -42.27 -26.72
C HIS C 33 8.50 -42.04 -25.70
N LEU C 34 8.83 -42.16 -24.41
CA LEU C 34 7.81 -41.97 -23.38
C LEU C 34 7.41 -40.50 -23.24
N ALA C 35 8.31 -39.58 -23.55
CA ALA C 35 8.08 -38.17 -23.22
C ALA C 35 7.36 -37.41 -24.32
N LEU C 36 7.69 -37.67 -25.59
CA LEU C 36 7.20 -36.81 -26.66
C LEU C 36 5.68 -36.93 -26.85
N ASN C 37 5.05 -37.97 -26.30
CA ASN C 37 3.59 -38.01 -26.18
C ASN C 37 3.27 -38.09 -24.70
N SER C 38 3.32 -36.95 -24.03
CA SER C 38 2.98 -36.87 -22.61
C SER C 38 2.20 -35.62 -22.24
N ARG C 39 2.13 -34.62 -23.11
CA ARG C 39 1.53 -33.31 -22.82
C ARG C 39 2.22 -32.61 -21.66
N ALA C 40 3.51 -32.86 -21.48
CA ALA C 40 4.30 -32.24 -20.42
C ALA C 40 5.47 -31.47 -21.02
N GLU C 41 5.89 -30.42 -20.30
CA GLU C 41 6.97 -29.54 -20.77
C GLU C 41 8.25 -29.91 -20.03
N PHE C 42 9.04 -30.77 -20.64
CA PHE C 42 10.31 -31.18 -20.06
C PHE C 42 11.35 -30.08 -20.29
N TYR C 43 12.11 -29.76 -19.24
CA TYR C 43 13.04 -28.64 -19.27
C TYR C 43 14.37 -29.04 -18.66
N MET C 44 15.43 -28.32 -19.05
CA MET C 44 16.76 -28.43 -18.48
C MET C 44 17.51 -27.14 -18.77
N PRO C 45 18.25 -26.61 -17.80
CA PRO C 45 19.02 -25.38 -18.04
C PRO C 45 20.18 -25.62 -19.00
N THR C 46 20.64 -24.51 -19.60
CA THR C 46 21.70 -24.60 -20.60
C THR C 46 23.02 -25.06 -20.00
N SER C 47 23.35 -24.60 -18.80
CA SER C 47 24.56 -25.05 -18.13
C SER C 47 24.50 -26.54 -17.83
N VAL C 48 23.34 -27.02 -17.39
CA VAL C 48 23.16 -28.44 -17.14
C VAL C 48 23.38 -29.22 -18.43
N TYR C 49 22.83 -28.73 -19.54
CA TYR C 49 23.00 -29.39 -20.83
C TYR C 49 24.45 -29.42 -21.26
N THR C 50 25.19 -28.33 -21.00
CA THR C 50 26.59 -28.29 -21.37
C THR C 50 27.40 -29.31 -20.55
N GLU C 51 27.20 -29.32 -19.23
CA GLU C 51 27.94 -30.25 -18.39
C GLU C 51 27.47 -31.69 -18.58
N MET C 52 26.30 -31.90 -19.18
CA MET C 52 25.83 -33.24 -19.51
C MET C 52 26.28 -33.70 -20.89
N ARG C 53 26.50 -32.74 -21.81
CA ARG C 53 27.19 -33.03 -23.06
C ARG C 53 28.64 -33.40 -22.79
N LYS C 54 29.25 -32.76 -21.80
CA LYS C 54 30.64 -33.04 -21.47
C LYS C 54 30.84 -34.49 -21.02
N ILE C 55 29.83 -35.10 -20.41
CA ILE C 55 30.01 -36.42 -19.81
C ILE C 55 29.74 -37.53 -20.81
N MET C 56 28.67 -37.42 -21.61
CA MET C 56 28.39 -38.40 -22.66
C MET C 56 28.02 -37.65 -23.93
N ASP C 57 28.24 -38.31 -25.07
CA ASP C 57 28.01 -37.70 -26.38
C ASP C 57 27.46 -38.76 -27.34
N VAL C 58 26.13 -38.82 -27.46
CA VAL C 58 25.45 -39.63 -28.46
C VAL C 58 25.58 -38.94 -29.81
N GLY C 59 25.11 -39.60 -30.87
CA GLY C 59 25.18 -39.02 -32.19
C GLY C 59 23.93 -38.20 -32.52
N GLU C 60 23.10 -38.70 -33.42
CA GLU C 60 21.90 -37.96 -33.82
C GLU C 60 20.88 -37.83 -32.70
N LEU C 61 21.04 -38.59 -31.61
CA LEU C 61 20.07 -38.51 -30.52
C LEU C 61 20.06 -37.14 -29.84
N TRP C 62 21.12 -36.34 -29.98
CA TRP C 62 21.09 -34.99 -29.44
C TRP C 62 20.08 -34.13 -30.19
N ALA C 63 19.97 -34.32 -31.51
CA ALA C 63 18.99 -33.56 -32.29
C ALA C 63 17.57 -33.86 -31.83
N GLU C 64 17.28 -35.12 -31.52
CA GLU C 64 15.99 -35.47 -30.96
C GLU C 64 15.83 -34.96 -29.54
N PHE C 65 16.93 -34.91 -28.78
CA PHE C 65 16.87 -34.49 -27.39
C PHE C 65 16.60 -32.99 -27.26
N GLU C 66 17.03 -32.20 -28.25
CA GLU C 66 16.81 -30.75 -28.17
C GLU C 66 15.34 -30.40 -28.10
N MET C 67 14.51 -31.05 -28.93
CA MET C 67 13.12 -30.65 -29.06
C MET C 67 12.33 -30.91 -27.79
N VAL C 68 12.41 -32.12 -27.25
CA VAL C 68 11.57 -32.50 -26.11
C VAL C 68 12.00 -31.76 -24.85
N VAL C 69 13.30 -31.75 -24.57
CA VAL C 69 13.82 -31.12 -23.35
C VAL C 69 14.28 -29.72 -23.75
N LYS C 70 13.49 -28.72 -23.37
CA LYS C 70 13.82 -27.34 -23.72
C LYS C 70 15.02 -26.86 -22.93
N ILE C 71 15.99 -26.29 -23.63
CA ILE C 71 17.25 -25.86 -23.05
C ILE C 71 17.26 -24.34 -22.98
N ARG C 72 17.27 -23.79 -21.77
CA ARG C 72 17.27 -22.35 -21.61
C ARG C 72 17.75 -22.00 -20.20
N SER C 73 18.21 -20.77 -20.04
CA SER C 73 18.65 -20.26 -18.75
C SER C 73 17.46 -20.01 -17.83
N PRO C 74 17.69 -20.04 -16.52
CA PRO C 74 16.58 -19.81 -15.58
C PRO C 74 15.94 -18.44 -15.68
N ARG C 75 16.58 -17.47 -16.34
CA ARG C 75 16.16 -16.06 -16.30
C ARG C 75 16.26 -15.51 -14.88
N ARG C 76 17.48 -15.57 -14.33
CA ARG C 76 17.71 -15.27 -12.92
C ARG C 76 17.48 -13.81 -12.56
N PHE C 77 17.34 -12.92 -13.54
CA PHE C 77 17.10 -11.52 -13.23
C PHE C 77 15.68 -11.28 -12.73
N GLN C 78 14.72 -12.09 -13.17
CA GLN C 78 13.33 -11.97 -12.75
C GLN C 78 13.01 -12.90 -11.57
N LEU C 79 14.00 -13.60 -11.03
CA LEU C 79 13.79 -14.56 -9.96
C LEU C 79 14.48 -14.09 -8.69
N THR C 80 13.93 -14.52 -7.56
CA THR C 80 14.47 -14.20 -6.24
C THR C 80 14.50 -15.47 -5.39
N VAL C 81 15.38 -15.46 -4.40
CA VAL C 81 15.54 -16.62 -3.52
C VAL C 81 15.36 -16.14 -2.08
N PRO C 82 14.70 -16.91 -1.22
CA PRO C 82 14.50 -16.49 0.17
C PRO C 82 15.82 -16.28 0.90
N ALA C 83 15.82 -15.30 1.80
CA ALA C 83 17.01 -15.00 2.59
C ALA C 83 17.40 -16.19 3.48
N ASP C 84 16.41 -16.85 4.08
CA ASP C 84 16.70 -17.98 4.95
C ASP C 84 17.33 -19.13 4.20
N PHE C 85 17.02 -19.27 2.90
CA PHE C 85 17.67 -20.29 2.09
C PHE C 85 19.17 -20.04 2.00
N LEU C 86 19.57 -18.80 1.70
CA LEU C 86 20.98 -18.46 1.64
C LEU C 86 21.64 -18.62 3.00
N TYR C 87 20.94 -18.22 4.07
CA TYR C 87 21.48 -18.38 5.42
C TYR C 87 21.77 -19.85 5.74
N GLU C 88 20.79 -20.72 5.50
CA GLU C 88 20.96 -22.14 5.77
C GLU C 88 22.05 -22.74 4.90
N PHE C 89 22.09 -22.36 3.62
CA PHE C 89 23.11 -22.87 2.71
C PHE C 89 24.50 -22.50 3.21
N ILE C 90 24.68 -21.24 3.62
CA ILE C 90 26.01 -20.81 4.03
C ILE C 90 26.43 -21.49 5.33
N GLU C 91 25.49 -21.67 6.27
CA GLU C 91 25.84 -22.33 7.52
C GLU C 91 26.22 -23.80 7.29
N GLU C 92 25.42 -24.52 6.50
CA GLU C 92 25.74 -25.91 6.22
C GLU C 92 27.04 -26.03 5.42
N LEU C 93 27.27 -25.10 4.51
CA LEU C 93 28.50 -25.08 3.73
C LEU C 93 29.72 -24.84 4.62
N ARG C 94 29.58 -23.97 5.62
CA ARG C 94 30.67 -23.77 6.58
C ARG C 94 30.96 -25.06 7.34
N TYR C 95 29.90 -25.74 7.79
CA TYR C 95 30.09 -27.04 8.45
C TYR C 95 30.86 -28.00 7.55
N ARG C 96 30.46 -28.09 6.28
CA ARG C 96 31.08 -29.05 5.38
C ARG C 96 32.51 -28.66 5.02
N ILE C 97 32.80 -27.36 4.93
CA ILE C 97 34.17 -26.92 4.68
C ILE C 97 35.06 -27.31 5.85
N ASN C 98 34.57 -27.12 7.08
CA ASN C 98 35.35 -27.55 8.25
C ASN C 98 35.58 -29.06 8.24
N LYS C 99 34.55 -29.82 7.87
CA LYS C 99 34.71 -31.27 7.78
C LYS C 99 35.76 -31.66 6.75
N GLY C 100 35.74 -31.00 5.59
CA GLY C 100 36.74 -31.28 4.57
C GLY C 100 38.14 -30.91 5.01
N LEU C 101 38.28 -29.81 5.75
CA LEU C 101 39.59 -29.45 6.29
C LEU C 101 40.11 -30.52 7.24
N ARG C 102 39.24 -31.01 8.13
CA ARG C 102 39.65 -32.07 9.05
C ARG C 102 40.02 -33.35 8.30
N ILE C 103 39.28 -33.66 7.24
CA ILE C 103 39.61 -34.83 6.42
C ILE C 103 40.99 -34.67 5.79
N ALA C 104 41.28 -33.47 5.26
CA ALA C 104 42.59 -33.22 4.68
C ALA C 104 43.70 -33.38 5.72
N GLU C 105 43.47 -32.87 6.93
CA GLU C 105 44.47 -32.98 7.99
C GLU C 105 44.73 -34.44 8.33
N GLU C 106 43.66 -35.24 8.47
CA GLU C 106 43.84 -36.64 8.82
C GLU C 106 44.54 -37.41 7.71
N HIS C 107 44.24 -37.08 6.45
CA HIS C 107 44.91 -37.79 5.36
C HIS C 107 46.37 -37.39 5.24
N THR C 108 46.70 -36.13 5.55
CA THR C 108 48.11 -35.75 5.59
C THR C 108 48.85 -36.47 6.71
N ARG C 109 48.24 -36.57 7.89
CA ARG C 109 48.88 -37.29 8.97
C ARG C 109 49.03 -38.78 8.66
N GLU C 110 48.12 -39.33 7.86
CA GLU C 110 48.30 -40.70 7.38
C GLU C 110 49.41 -40.77 6.34
N ALA C 111 49.55 -39.74 5.49
CA ALA C 111 50.63 -39.68 4.53
C ALA C 111 51.99 -39.63 5.21
N SER C 112 52.03 -39.09 6.43
CA SER C 112 53.29 -38.97 7.17
C SER C 112 54.05 -40.29 7.21
N GLY C 113 53.34 -41.40 7.36
CA GLY C 113 53.97 -42.71 7.37
C GLY C 113 53.29 -43.73 6.48
N SER C 114 52.73 -43.28 5.35
CA SER C 114 51.98 -44.17 4.48
C SER C 114 52.92 -44.99 3.60
N GLU C 115 52.36 -46.03 2.98
CA GLU C 115 53.10 -46.92 2.09
C GLU C 115 52.76 -46.73 0.62
N ASP C 116 51.52 -46.37 0.31
CA ASP C 116 51.08 -46.14 -1.07
C ASP C 116 50.40 -44.77 -1.09
N VAL C 117 51.18 -43.75 -1.44
CA VAL C 117 50.66 -42.37 -1.38
C VAL C 117 49.59 -42.15 -2.44
N GLY C 118 49.59 -42.94 -3.52
CA GLY C 118 48.57 -42.75 -4.55
C GLY C 118 47.19 -43.19 -4.09
N LYS C 119 47.11 -44.36 -3.47
CA LYS C 119 45.83 -44.80 -2.91
C LYS C 119 45.35 -43.85 -1.83
N LEU C 120 46.27 -43.32 -1.04
CA LEU C 120 45.92 -42.34 -0.02
C LEU C 120 45.38 -41.05 -0.65
N ILE C 121 46.00 -40.60 -1.75
CA ILE C 121 45.50 -39.40 -2.43
C ILE C 121 44.11 -39.65 -2.98
N ALA C 122 43.88 -40.83 -3.55
CA ALA C 122 42.55 -41.16 -4.04
C ALA C 122 41.52 -41.16 -2.91
N ARG C 123 41.88 -41.75 -1.77
CA ARG C 123 40.97 -41.77 -0.62
C ARG C 123 40.71 -40.36 -0.11
N LEU C 124 41.74 -39.53 -0.09
CA LEU C 124 41.58 -38.14 0.35
C LEU C 124 40.62 -37.39 -0.56
N ARG C 125 40.77 -37.57 -1.88
CA ARG C 125 39.87 -36.90 -2.81
C ARG C 125 38.43 -37.40 -2.63
N GLU C 126 38.27 -38.72 -2.47
CA GLU C 126 36.92 -39.27 -2.28
C GLU C 126 36.28 -38.73 -1.02
N LYS C 127 37.03 -38.75 0.09
CA LYS C 127 36.47 -38.28 1.36
C LYS C 127 36.17 -36.79 1.32
N TYR C 128 37.06 -35.99 0.71
CA TYR C 128 36.84 -34.56 0.63
C TYR C 128 35.62 -34.23 -0.22
N ARG C 129 35.46 -34.91 -1.37
CA ARG C 129 34.31 -34.66 -2.22
C ARG C 129 33.02 -35.20 -1.63
N GLU C 130 33.10 -36.21 -0.76
CA GLU C 130 31.91 -36.66 -0.05
C GLU C 130 31.53 -35.70 1.07
N ALA C 131 32.52 -35.11 1.73
CA ALA C 131 32.24 -34.18 2.81
C ALA C 131 31.80 -32.81 2.29
N LEU C 132 32.24 -32.41 1.09
CA LEU C 132 31.99 -31.07 0.59
C LEU C 132 30.81 -30.97 -0.36
N ARG C 133 30.48 -32.04 -1.08
CA ARG C 133 29.48 -31.95 -2.14
C ARG C 133 28.32 -32.92 -2.01
N GLN C 134 28.38 -33.90 -1.11
CA GLN C 134 27.31 -34.89 -0.98
C GLN C 134 26.22 -34.35 -0.07
N GLY C 135 25.01 -34.18 -0.62
CA GLY C 135 23.88 -33.71 0.14
C GLY C 135 23.65 -32.22 0.14
N ILE C 136 24.45 -31.45 -0.60
CA ILE C 136 24.28 -30.01 -0.70
C ILE C 136 24.44 -29.59 -2.15
N LEU C 137 23.96 -28.40 -2.46
CA LEU C 137 24.19 -27.81 -3.78
C LEU C 137 25.66 -27.46 -3.93
N ASP C 138 26.28 -27.93 -5.01
CA ASP C 138 27.71 -27.75 -5.21
C ASP C 138 28.05 -26.94 -6.44
N SER C 139 27.47 -27.27 -7.59
CA SER C 139 27.77 -26.61 -8.85
C SER C 139 26.67 -25.63 -9.23
N LYS C 140 27.05 -24.64 -10.03
CA LYS C 140 26.06 -23.69 -10.57
C LYS C 140 25.04 -24.39 -11.46
N GLU C 141 25.37 -25.60 -11.93
CA GLU C 141 24.38 -26.44 -12.59
C GLU C 141 23.19 -26.73 -11.69
N ASP C 142 23.47 -27.07 -10.42
CA ASP C 142 22.40 -27.34 -9.46
C ASP C 142 21.56 -26.08 -9.19
N VAL C 143 22.21 -24.92 -9.07
CA VAL C 143 21.47 -23.69 -8.85
C VAL C 143 20.60 -23.37 -10.06
N ASP C 144 21.13 -23.59 -11.27
CA ASP C 144 20.34 -23.35 -12.47
C ASP C 144 19.13 -24.27 -12.54
N VAL C 145 19.30 -25.56 -12.20
CA VAL C 145 18.15 -26.46 -12.24
C VAL C 145 17.14 -26.09 -11.17
N LEU C 146 17.62 -25.68 -9.99
CA LEU C 146 16.72 -25.25 -8.93
C LEU C 146 15.90 -24.03 -9.36
N LEU C 147 16.56 -23.05 -9.98
CA LEU C 147 15.88 -21.83 -10.34
C LEU C 147 14.94 -22.03 -11.52
N LEU C 148 15.30 -22.93 -12.45
CA LEU C 148 14.39 -23.25 -13.54
C LEU C 148 13.16 -24.00 -13.04
N ALA C 149 13.34 -24.88 -12.04
CA ALA C 149 12.17 -25.51 -11.43
C ALA C 149 11.31 -24.50 -10.68
N TYR C 150 11.95 -23.53 -10.02
CA TYR C 150 11.22 -22.51 -9.28
C TYR C 150 10.39 -21.64 -10.23
N GLU C 151 11.01 -21.14 -11.30
CA GLU C 151 10.32 -20.19 -12.18
C GLU C 151 9.13 -20.83 -12.88
N LEU C 152 9.29 -22.08 -13.33
CA LEU C 152 8.24 -22.74 -14.09
C LEU C 152 7.16 -23.38 -13.23
N ASP C 153 7.30 -23.30 -11.90
CA ASP C 153 6.49 -24.10 -10.98
C ASP C 153 6.55 -25.56 -11.40
N GLY C 154 7.78 -26.02 -11.66
CA GLY C 154 8.01 -27.32 -12.26
C GLY C 154 8.40 -28.39 -11.27
N VAL C 155 8.35 -29.63 -11.76
CA VAL C 155 8.73 -30.80 -10.98
C VAL C 155 10.23 -31.01 -11.16
N LEU C 156 10.96 -31.02 -10.04
CA LEU C 156 12.39 -31.27 -10.06
C LEU C 156 12.64 -32.78 -10.08
N VAL C 157 13.22 -33.27 -11.17
CA VAL C 157 13.52 -34.69 -11.33
C VAL C 157 15.03 -34.84 -11.24
N SER C 158 15.50 -35.39 -10.11
CA SER C 158 16.93 -35.56 -9.91
C SER C 158 17.16 -36.64 -8.86
N ALA C 159 18.31 -37.30 -8.97
CA ALA C 159 18.77 -38.25 -7.96
C ALA C 159 19.71 -37.61 -6.95
N ASP C 160 20.18 -36.40 -7.20
CA ASP C 160 21.07 -35.71 -6.26
C ASP C 160 20.28 -35.40 -5.00
N GLU C 161 20.69 -36.02 -3.88
CA GLU C 161 20.00 -35.77 -2.63
C GLU C 161 20.16 -34.34 -2.15
N GLY C 162 21.23 -33.66 -2.54
CA GLY C 162 21.33 -32.24 -2.27
C GLY C 162 20.30 -31.44 -3.03
N LEU C 163 20.09 -31.79 -4.31
CA LEU C 163 19.06 -31.12 -5.10
C LEU C 163 17.68 -31.29 -4.48
N ARG C 164 17.33 -32.53 -4.13
CA ARG C 164 16.03 -32.79 -3.53
C ARG C 164 15.91 -32.21 -2.13
N THR C 165 17.01 -32.08 -1.41
CA THR C 165 16.96 -31.52 -0.06
C THR C 165 16.77 -30.01 -0.10
N TRP C 166 17.45 -29.33 -1.03
CA TRP C 166 17.37 -27.87 -1.07
C TRP C 166 16.27 -27.35 -1.97
N ALA C 167 15.66 -28.19 -2.81
CA ALA C 167 14.47 -27.78 -3.52
C ALA C 167 13.24 -27.81 -2.62
N ASP C 168 13.34 -28.45 -1.46
CA ASP C 168 12.23 -28.51 -0.53
C ASP C 168 12.11 -27.27 0.35
N LYS C 169 13.22 -26.59 0.61
CA LYS C 169 13.17 -25.34 1.35
C LYS C 169 12.69 -24.18 0.48
N ILE C 170 12.50 -24.40 -0.82
CA ILE C 170 11.98 -23.37 -1.71
C ILE C 170 10.51 -23.56 -2.03
N GLY C 171 10.05 -24.80 -2.18
CA GLY C 171 8.67 -25.07 -2.53
C GLY C 171 8.52 -25.65 -3.91
N ILE C 172 9.51 -26.41 -4.35
CA ILE C 172 9.49 -27.05 -5.65
C ILE C 172 8.87 -28.43 -5.51
N LYS C 173 7.89 -28.74 -6.35
CA LYS C 173 7.33 -30.08 -6.37
C LYS C 173 8.41 -31.10 -6.70
N LEU C 174 8.70 -31.97 -5.74
CA LEU C 174 9.75 -32.96 -5.88
C LEU C 174 9.15 -34.30 -6.23
N ILE C 175 9.82 -35.02 -7.13
CA ILE C 175 9.42 -36.36 -7.54
C ILE C 175 10.63 -37.26 -7.34
N ASP C 176 10.39 -38.47 -6.83
CA ASP C 176 11.48 -39.42 -6.70
C ASP C 176 11.93 -39.87 -8.09
N PRO C 177 13.25 -39.90 -8.35
CA PRO C 177 13.70 -40.15 -9.72
C PRO C 177 13.48 -41.56 -10.20
N LYS C 178 13.19 -42.50 -9.30
CA LYS C 178 12.97 -43.89 -9.72
C LYS C 178 11.67 -44.04 -10.49
N ASN C 179 10.61 -43.38 -10.05
CA ASN C 179 9.29 -43.57 -10.64
C ASN C 179 8.99 -42.61 -11.79
N PHE C 180 9.96 -41.80 -12.21
CA PHE C 180 9.70 -40.82 -13.26
C PHE C 180 9.34 -41.52 -14.57
N LYS C 181 10.01 -42.63 -14.88
CA LYS C 181 9.65 -43.41 -16.07
C LYS C 181 8.23 -43.95 -15.96
N ASN C 182 7.86 -44.45 -14.78
CA ASN C 182 6.48 -44.89 -14.57
C ASN C 182 5.51 -43.72 -14.62
N ILE C 183 5.95 -42.53 -14.22
CA ILE C 183 5.11 -41.34 -14.36
C ILE C 183 4.86 -41.05 -15.83
N LEU C 184 5.89 -41.16 -16.66
CA LEU C 184 5.69 -41.02 -18.10
C LEU C 184 4.75 -42.08 -18.64
N GLU C 185 4.88 -43.31 -18.15
CA GLU C 185 3.99 -44.38 -18.60
C GLU C 185 2.55 -44.05 -18.23
N SER C 186 2.32 -43.52 -17.03
CA SER C 186 0.98 -43.10 -16.63
C SER C 186 0.47 -41.97 -17.51
N LEU C 187 1.34 -41.02 -17.85
CA LEU C 187 0.92 -39.93 -18.74
C LEU C 187 0.52 -40.44 -20.11
N VAL C 188 1.26 -41.41 -20.66
CA VAL C 188 0.89 -41.95 -21.97
C VAL C 188 -0.29 -42.91 -21.88
N ARG C 189 -0.60 -43.41 -20.69
CA ARG C 189 -1.66 -44.41 -20.53
C ARG C 189 -3.00 -43.70 -20.26
N HIS C 190 -3.42 -42.92 -21.26
CA HIS C 190 -4.74 -42.28 -21.25
C HIS C 190 -4.99 -41.60 -22.60
N ASP D 2 20.73 8.89 8.65
CA ASP D 2 21.50 7.83 8.02
C ASP D 2 21.59 6.60 8.92
N VAL D 3 21.45 5.42 8.32
CA VAL D 3 21.49 4.16 9.04
C VAL D 3 22.61 3.30 8.47
N PHE D 4 23.48 2.82 9.35
CA PHE D 4 24.60 1.96 8.97
C PHE D 4 24.45 0.59 9.61
N VAL D 5 24.92 -0.44 8.92
CA VAL D 5 24.88 -1.82 9.41
C VAL D 5 26.29 -2.24 9.77
N LEU D 6 26.49 -2.59 11.04
CA LEU D 6 27.81 -2.90 11.56
C LEU D 6 28.17 -4.36 11.33
N ASP D 7 29.47 -4.60 11.11
CA ASP D 7 30.06 -5.93 11.09
C ASP D 7 30.90 -6.11 12.34
N THR D 8 31.57 -7.26 12.46
CA THR D 8 32.51 -7.46 13.56
C THR D 8 33.80 -6.68 13.36
N SER D 9 34.13 -6.32 12.13
CA SER D 9 35.44 -5.76 11.80
C SER D 9 35.66 -4.36 12.35
N VAL D 10 34.61 -3.56 12.57
CA VAL D 10 34.79 -2.20 13.03
C VAL D 10 35.41 -2.13 14.42
N PHE D 11 35.31 -3.18 15.21
CA PHE D 11 35.78 -3.18 16.57
C PHE D 11 36.44 -4.47 17.02
N THR D 12 36.76 -5.38 16.10
CA THR D 12 37.57 -6.55 16.42
C THR D 12 38.72 -6.76 15.44
N ASN D 13 38.66 -6.16 14.26
CA ASN D 13 39.75 -6.29 13.32
C ASN D 13 40.95 -5.48 13.80
N PRO D 14 42.18 -5.90 13.47
CA PRO D 14 43.37 -5.29 14.08
C PRO D 14 43.71 -3.89 13.60
N GLU D 15 42.88 -3.24 12.80
CA GLU D 15 43.18 -1.87 12.37
C GLU D 15 42.06 -0.88 12.67
N ILE D 16 40.81 -1.26 12.46
CA ILE D 16 39.71 -0.34 12.77
C ILE D 16 39.60 -0.15 14.27
N TYR D 17 39.95 -1.18 15.05
CA TYR D 17 39.98 -1.03 16.49
C TYR D 17 41.08 -0.08 16.97
N ARG D 18 42.05 0.24 16.12
CA ARG D 18 43.11 1.16 16.50
C ARG D 18 42.93 2.56 15.92
N THR D 19 42.36 2.69 14.71
CA THR D 19 42.04 4.03 14.24
C THR D 19 40.88 4.63 15.05
N PHE D 20 40.20 3.82 15.84
CA PHE D 20 39.19 4.28 16.79
C PHE D 20 39.80 4.19 18.19
N GLU D 21 40.09 5.33 18.79
CA GLU D 21 40.79 5.43 20.08
C GLU D 21 42.13 4.72 19.94
N GLU D 22 42.49 3.79 20.83
CA GLU D 22 43.79 3.12 20.74
C GLU D 22 43.73 1.61 20.84
N ASP D 23 42.72 1.02 21.48
CA ASP D 23 42.67 -0.42 21.65
C ASP D 23 41.22 -0.87 21.53
N GLN D 24 40.99 -2.17 21.80
CA GLN D 24 39.66 -2.74 21.62
C GLN D 24 38.70 -2.26 22.71
N ARG D 25 39.22 -2.01 23.91
CA ARG D 25 38.38 -1.55 25.00
C ARG D 25 38.01 -0.08 24.83
N GLY D 26 38.99 0.75 24.44
CA GLY D 26 38.72 2.17 24.24
C GLY D 26 37.98 2.46 22.96
N ALA D 27 38.18 1.63 21.93
CA ALA D 27 37.45 1.81 20.69
C ALA D 27 35.95 1.74 20.93
N MET D 28 35.50 0.74 21.69
CA MET D 28 34.07 0.61 21.97
C MET D 28 33.54 1.78 22.80
N GLU D 29 34.29 2.18 23.83
CA GLU D 29 33.82 3.25 24.72
C GLU D 29 33.65 4.55 23.95
N THR D 30 34.69 4.94 23.19
CA THR D 30 34.57 6.15 22.38
C THR D 30 33.57 5.96 21.24
N PHE D 31 33.39 4.73 20.76
CA PHE D 31 32.41 4.47 19.73
C PHE D 31 31.01 4.79 20.23
N ILE D 32 30.67 4.28 21.42
CA ILE D 32 29.40 4.67 22.03
C ILE D 32 29.32 6.17 22.19
N HIS D 33 30.26 6.76 22.94
CA HIS D 33 30.15 8.16 23.32
C HIS D 33 30.09 9.10 22.12
N LEU D 34 30.64 8.69 20.97
CA LEU D 34 30.49 9.48 19.76
C LEU D 34 29.30 9.04 18.93
N ALA D 35 28.72 7.87 19.23
CA ALA D 35 27.60 7.35 18.46
C ALA D 35 26.24 7.81 18.96
N LEU D 36 26.03 7.90 20.28
CA LEU D 36 24.72 8.40 20.70
C LEU D 36 24.60 9.92 20.53
N ASN D 37 25.61 10.56 19.93
CA ASN D 37 25.58 11.99 19.65
C ASN D 37 25.61 12.29 18.17
N SER D 38 25.46 11.28 17.31
CA SER D 38 25.50 11.46 15.87
C SER D 38 24.13 11.38 15.21
N ARG D 39 23.09 10.99 15.95
CA ARG D 39 21.73 10.91 15.44
C ARG D 39 21.63 9.96 14.24
N ALA D 40 22.54 8.99 14.16
CA ALA D 40 22.53 7.97 13.13
C ALA D 40 22.14 6.63 13.73
N GLU D 41 21.55 5.78 12.90
CA GLU D 41 21.13 4.45 13.33
C GLU D 41 22.22 3.44 12.98
N PHE D 42 22.57 2.61 13.96
CA PHE D 42 23.55 1.55 13.77
C PHE D 42 22.89 0.21 14.06
N TYR D 43 23.08 -0.75 13.17
CA TYR D 43 22.48 -2.07 13.29
C TYR D 43 23.54 -3.14 13.11
N MET D 44 23.51 -4.16 13.96
CA MET D 44 24.29 -5.36 13.66
C MET D 44 23.49 -6.59 14.06
N PRO D 45 23.54 -7.66 13.25
CA PRO D 45 22.70 -8.82 13.52
C PRO D 45 23.04 -9.48 14.85
N THR D 46 22.04 -10.16 15.41
CA THR D 46 22.21 -10.83 16.69
C THR D 46 23.26 -11.93 16.62
N SER D 47 23.27 -12.70 15.52
CA SER D 47 24.30 -13.71 15.35
C SER D 47 25.68 -13.09 15.27
N VAL D 48 25.82 -12.01 14.49
CA VAL D 48 27.09 -11.31 14.40
C VAL D 48 27.51 -10.82 15.79
N TYR D 49 26.55 -10.32 16.56
CA TYR D 49 26.82 -9.85 17.90
C TYR D 49 27.29 -10.99 18.81
N THR D 50 26.69 -12.17 18.68
CA THR D 50 27.07 -13.28 19.55
C THR D 50 28.47 -13.79 19.22
N GLU D 51 28.78 -13.97 17.93
CA GLU D 51 30.16 -14.34 17.60
C GLU D 51 31.15 -13.24 17.97
N MET D 52 30.76 -11.97 17.87
CA MET D 52 31.59 -10.89 18.37
C MET D 52 31.89 -11.04 19.86
N ARG D 53 30.84 -11.22 20.67
CA ARG D 53 31.02 -11.29 22.11
C ARG D 53 31.69 -12.59 22.54
N LYS D 54 31.66 -13.61 21.69
CA LYS D 54 32.45 -14.81 21.93
C LYS D 54 33.93 -14.57 21.62
N ILE D 55 34.21 -13.80 20.57
CA ILE D 55 35.60 -13.45 20.27
C ILE D 55 36.11 -12.39 21.23
N MET D 56 35.30 -11.37 21.51
CA MET D 56 35.72 -10.22 22.30
C MET D 56 34.85 -10.11 23.55
N ASP D 57 35.48 -9.81 24.68
CA ASP D 57 34.83 -9.85 25.99
C ASP D 57 35.16 -8.61 26.81
N VAL D 58 34.96 -7.42 26.23
CA VAL D 58 35.10 -6.20 27.01
C VAL D 58 34.09 -6.21 28.17
N GLY D 59 34.55 -5.75 29.34
CA GLY D 59 33.79 -5.86 30.56
C GLY D 59 32.90 -4.65 30.81
N GLU D 60 31.60 -4.91 30.95
CA GLU D 60 30.57 -3.96 31.35
C GLU D 60 30.30 -2.87 30.31
N LEU D 61 31.05 -2.83 29.22
CA LEU D 61 30.81 -1.82 28.20
C LEU D 61 29.67 -2.20 27.27
N TRP D 62 29.24 -3.47 27.29
CA TRP D 62 28.07 -3.87 26.51
C TRP D 62 26.81 -3.20 27.02
N ALA D 63 26.76 -2.88 28.32
CA ALA D 63 25.60 -2.19 28.86
C ALA D 63 25.38 -0.86 28.16
N GLU D 64 26.45 -0.12 27.90
CA GLU D 64 26.36 1.13 27.14
C GLU D 64 26.32 0.90 25.63
N PHE D 65 26.87 -0.23 25.16
CA PHE D 65 26.86 -0.55 23.75
C PHE D 65 25.47 -0.94 23.24
N GLU D 66 24.62 -1.47 24.13
CA GLU D 66 23.29 -1.90 23.72
C GLU D 66 22.37 -0.74 23.37
N MET D 67 22.78 0.51 23.58
CA MET D 67 21.92 1.65 23.28
C MET D 67 21.91 2.03 21.81
N VAL D 68 23.05 2.35 21.23
CA VAL D 68 23.07 2.93 19.90
C VAL D 68 22.90 1.86 18.82
N VAL D 69 23.60 0.75 18.95
CA VAL D 69 23.47 -0.35 18.01
C VAL D 69 22.28 -1.19 18.42
N LYS D 70 21.35 -1.40 17.48
CA LYS D 70 20.13 -2.15 17.73
C LYS D 70 20.33 -3.57 17.22
N ILE D 71 20.27 -4.54 18.13
CA ILE D 71 20.65 -5.91 17.83
C ILE D 71 19.40 -6.70 17.46
N ARG D 72 19.30 -7.11 16.20
CA ARG D 72 18.12 -7.83 15.74
C ARG D 72 18.51 -8.67 14.53
N SER D 73 17.66 -9.63 14.22
CA SER D 73 17.91 -10.48 13.08
C SER D 73 17.43 -9.81 11.80
N PRO D 74 18.06 -10.14 10.66
CA PRO D 74 17.68 -9.48 9.39
C PRO D 74 16.23 -9.68 8.97
N ARG D 75 15.44 -10.44 9.71
CA ARG D 75 14.06 -10.78 9.33
C ARG D 75 14.05 -11.54 8.00
N ARG D 76 14.79 -12.65 8.00
CA ARG D 76 15.04 -13.42 6.78
C ARG D 76 13.79 -14.10 6.22
N PHE D 77 12.63 -13.93 6.86
CA PHE D 77 11.41 -14.50 6.33
C PHE D 77 10.70 -13.57 5.33
N GLN D 78 10.93 -12.27 5.41
CA GLN D 78 10.31 -11.30 4.51
C GLN D 78 11.29 -10.76 3.47
N LEU D 79 12.43 -11.41 3.29
CA LEU D 79 13.46 -10.95 2.37
C LEU D 79 13.66 -11.95 1.25
N THR D 80 14.10 -11.45 0.10
CA THR D 80 14.39 -12.28 -1.06
C THR D 80 15.65 -11.78 -1.74
N VAL D 81 16.70 -12.59 -1.71
CA VAL D 81 17.97 -12.27 -2.37
C VAL D 81 17.81 -12.59 -3.85
N PRO D 82 18.38 -11.80 -4.76
CA PRO D 82 18.28 -12.12 -6.19
C PRO D 82 18.91 -13.46 -6.50
N ALA D 83 18.30 -14.16 -7.47
CA ALA D 83 18.74 -15.52 -7.82
C ALA D 83 20.14 -15.53 -8.40
N ASP D 84 20.46 -14.56 -9.25
CA ASP D 84 21.80 -14.51 -9.86
C ASP D 84 22.88 -14.36 -8.81
N PHE D 85 22.56 -13.72 -7.67
CA PHE D 85 23.51 -13.64 -6.57
C PHE D 85 23.86 -15.04 -6.06
N LEU D 86 22.85 -15.88 -5.85
CA LEU D 86 23.09 -17.25 -5.41
C LEU D 86 23.86 -18.04 -6.47
N TYR D 87 23.50 -17.84 -7.74
CA TYR D 87 24.22 -18.51 -8.82
C TYR D 87 25.71 -18.17 -8.80
N GLU D 88 26.02 -16.88 -8.70
CA GLU D 88 27.41 -16.45 -8.66
C GLU D 88 28.13 -16.99 -7.43
N PHE D 89 27.44 -16.99 -6.27
CA PHE D 89 28.04 -17.50 -5.06
C PHE D 89 28.42 -18.96 -5.19
N ILE D 90 27.51 -19.78 -5.73
CA ILE D 90 27.79 -21.21 -5.84
C ILE D 90 28.85 -21.46 -6.89
N GLU D 91 28.82 -20.69 -7.99
CA GLU D 91 29.82 -20.87 -9.04
C GLU D 91 31.23 -20.55 -8.52
N GLU D 92 31.36 -19.50 -7.71
CA GLU D 92 32.67 -19.17 -7.15
C GLU D 92 33.08 -20.17 -6.07
N LEU D 93 32.10 -20.64 -5.27
CA LEU D 93 32.43 -21.57 -4.21
C LEU D 93 32.88 -22.92 -4.75
N ARG D 94 32.38 -23.35 -5.90
CA ARG D 94 32.90 -24.58 -6.50
C ARG D 94 34.37 -24.45 -6.84
N TYR D 95 34.75 -23.31 -7.44
CA TYR D 95 36.16 -23.07 -7.74
C TYR D 95 37.00 -23.07 -6.47
N ARG D 96 36.49 -22.43 -5.40
CA ARG D 96 37.25 -22.39 -4.16
C ARG D 96 37.36 -23.76 -3.50
N ILE D 97 36.31 -24.58 -3.62
CA ILE D 97 36.37 -25.95 -3.09
C ILE D 97 37.41 -26.76 -3.83
N ASN D 98 37.46 -26.63 -5.16
CA ASN D 98 38.49 -27.33 -5.92
C ASN D 98 39.88 -26.83 -5.56
N LYS D 99 40.03 -25.53 -5.35
CA LYS D 99 41.32 -24.99 -4.90
C LYS D 99 41.73 -25.58 -3.57
N GLY D 100 40.79 -25.67 -2.62
CA GLY D 100 41.10 -26.27 -1.33
C GLY D 100 41.48 -27.74 -1.45
N LEU D 101 40.79 -28.48 -2.30
CA LEU D 101 41.14 -29.88 -2.52
C LEU D 101 42.53 -30.02 -3.11
N ARG D 102 42.88 -29.17 -4.08
CA ARG D 102 44.22 -29.22 -4.65
C ARG D 102 45.28 -28.87 -3.62
N ILE D 103 45.01 -27.87 -2.77
CA ILE D 103 45.94 -27.53 -1.70
C ILE D 103 46.11 -28.73 -0.76
N ALA D 104 45.00 -29.40 -0.42
CA ALA D 104 45.06 -30.56 0.46
C ALA D 104 45.90 -31.67 -0.14
N GLU D 105 45.71 -31.95 -1.44
CA GLU D 105 46.46 -33.03 -2.06
C GLU D 105 47.94 -32.69 -2.18
N GLU D 106 48.25 -31.41 -2.45
CA GLU D 106 49.66 -31.02 -2.52
C GLU D 106 50.32 -31.13 -1.14
N HIS D 107 49.61 -30.75 -0.08
CA HIS D 107 50.18 -30.86 1.26
C HIS D 107 50.32 -32.32 1.68
N THR D 108 49.36 -33.16 1.31
CA THR D 108 49.46 -34.59 1.61
C THR D 108 50.67 -35.20 0.91
N ARG D 109 50.88 -34.84 -0.35
CA ARG D 109 52.05 -35.37 -1.07
C ARG D 109 53.35 -34.85 -0.49
N GLU D 110 53.38 -33.57 -0.09
CA GLU D 110 54.61 -33.02 0.48
C GLU D 110 54.90 -33.62 1.85
N ALA D 111 53.88 -34.03 2.59
CA ALA D 111 54.08 -34.60 3.91
C ALA D 111 54.78 -35.95 3.89
N SER D 112 54.79 -36.63 2.74
CA SER D 112 55.42 -37.94 2.64
C SER D 112 56.92 -37.86 2.90
N GLY D 113 57.60 -36.89 2.28
CA GLY D 113 59.03 -36.77 2.45
C GLY D 113 59.44 -35.92 3.64
N SER D 114 58.57 -35.00 4.06
CA SER D 114 58.92 -34.10 5.15
C SER D 114 58.74 -34.79 6.50
N GLU D 115 59.40 -34.23 7.52
CA GLU D 115 59.30 -34.72 8.89
C GLU D 115 58.53 -33.79 9.81
N ASP D 116 58.48 -32.50 9.51
CA ASP D 116 57.71 -31.54 10.30
C ASP D 116 56.24 -31.58 9.88
N VAL D 117 55.55 -32.63 10.34
CA VAL D 117 54.16 -32.84 9.95
C VAL D 117 53.27 -31.76 10.52
N GLY D 118 53.53 -31.34 11.76
CA GLY D 118 52.72 -30.31 12.39
C GLY D 118 52.80 -28.95 11.74
N LYS D 119 54.02 -28.54 11.38
CA LYS D 119 54.18 -27.25 10.69
C LYS D 119 53.50 -27.27 9.33
N LEU D 120 53.60 -28.39 8.61
CA LEU D 120 52.92 -28.48 7.32
C LEU D 120 51.41 -28.54 7.51
N ILE D 121 50.92 -29.11 8.61
CA ILE D 121 49.51 -29.08 8.92
C ILE D 121 49.05 -27.64 9.15
N ALA D 122 49.87 -26.85 9.85
CA ALA D 122 49.55 -25.44 10.04
C ALA D 122 49.53 -24.69 8.70
N ARG D 123 50.49 -24.99 7.82
CA ARG D 123 50.51 -24.38 6.50
C ARG D 123 49.26 -24.76 5.70
N LEU D 124 48.85 -26.03 5.79
CA LEU D 124 47.62 -26.48 5.14
C LEU D 124 46.42 -25.75 5.70
N ARG D 125 46.37 -25.56 7.02
CA ARG D 125 45.28 -24.81 7.64
C ARG D 125 45.20 -23.41 7.04
N GLU D 126 46.34 -22.71 7.01
CA GLU D 126 46.36 -21.35 6.50
C GLU D 126 45.94 -21.29 5.04
N LYS D 127 46.50 -22.17 4.20
CA LYS D 127 46.18 -22.14 2.78
C LYS D 127 44.72 -22.51 2.52
N TYR D 128 44.19 -23.48 3.27
CA TYR D 128 42.81 -23.89 3.08
C TYR D 128 41.85 -22.78 3.48
N ARG D 129 42.03 -22.20 4.67
CA ARG D 129 41.13 -21.16 5.15
C ARG D 129 41.40 -19.81 4.51
N GLU D 130 42.45 -19.70 3.70
CA GLU D 130 42.57 -18.57 2.80
C GLU D 130 42.01 -18.82 1.40
N ALA D 131 42.01 -20.05 0.91
CA ALA D 131 41.43 -20.34 -0.39
C ALA D 131 39.92 -20.38 -0.35
N LEU D 132 39.34 -20.87 0.75
CA LEU D 132 37.90 -21.03 0.83
C LEU D 132 37.18 -19.95 1.62
N ARG D 133 37.83 -19.33 2.61
CA ARG D 133 37.16 -18.38 3.49
C ARG D 133 37.51 -16.93 3.21
N GLN D 134 38.50 -16.65 2.37
CA GLN D 134 38.93 -15.28 2.08
C GLN D 134 38.31 -14.83 0.77
N GLY D 135 37.73 -13.63 0.76
CA GLY D 135 37.12 -13.09 -0.43
C GLY D 135 35.74 -13.62 -0.75
N ILE D 136 35.05 -14.22 0.21
CA ILE D 136 33.69 -14.71 0.00
C ILE D 136 33.01 -14.82 1.35
N LEU D 137 31.67 -14.88 1.34
CA LEU D 137 30.89 -15.10 2.54
C LEU D 137 31.06 -16.54 3.00
N ASP D 138 31.71 -16.75 4.14
CA ASP D 138 31.93 -18.09 4.66
C ASP D 138 30.99 -18.43 5.82
N SER D 139 30.86 -17.54 6.79
CA SER D 139 30.01 -17.77 7.94
C SER D 139 28.61 -17.19 7.72
N LYS D 140 27.67 -17.64 8.53
CA LYS D 140 26.30 -17.11 8.47
C LYS D 140 26.25 -15.66 8.95
N GLU D 141 27.28 -15.20 9.67
CA GLU D 141 27.32 -13.81 10.11
C GLU D 141 27.41 -12.85 8.93
N ASP D 142 28.15 -13.21 7.88
CA ASP D 142 28.26 -12.34 6.71
C ASP D 142 26.92 -12.19 6.02
N VAL D 143 26.20 -13.30 5.82
CA VAL D 143 24.89 -13.22 5.18
C VAL D 143 23.90 -12.49 6.08
N ASP D 144 24.02 -12.64 7.40
CA ASP D 144 23.17 -11.89 8.31
C ASP D 144 23.39 -10.39 8.15
N VAL D 145 24.65 -9.96 8.12
CA VAL D 145 24.96 -8.54 7.92
C VAL D 145 24.44 -8.08 6.57
N LEU D 146 24.66 -8.89 5.53
CA LEU D 146 24.22 -8.52 4.19
C LEU D 146 22.72 -8.33 4.13
N LEU D 147 21.96 -9.25 4.73
CA LEU D 147 20.51 -9.16 4.67
C LEU D 147 19.98 -8.03 5.54
N LEU D 148 20.62 -7.77 6.68
CA LEU D 148 20.22 -6.63 7.50
C LEU D 148 20.43 -5.31 6.76
N ALA D 149 21.55 -5.20 6.03
CA ALA D 149 21.78 -4.00 5.23
C ALA D 149 20.81 -3.92 4.05
N TYR D 150 20.52 -5.07 3.42
CA TYR D 150 19.63 -5.10 2.27
C TYR D 150 18.20 -4.71 2.66
N GLU D 151 17.75 -5.16 3.82
CA GLU D 151 16.38 -4.89 4.26
C GLU D 151 16.21 -3.43 4.68
N LEU D 152 17.18 -2.88 5.41
CA LEU D 152 17.07 -1.52 5.92
C LEU D 152 17.57 -0.48 4.94
N ASP D 153 18.14 -0.89 3.80
CA ASP D 153 18.75 0.02 2.83
C ASP D 153 19.81 0.89 3.52
N GLY D 154 20.57 0.26 4.42
CA GLY D 154 21.69 0.91 5.07
C GLY D 154 23.00 0.60 4.36
N VAL D 155 24.07 1.14 4.91
CA VAL D 155 25.41 0.95 4.37
C VAL D 155 26.12 -0.12 5.19
N LEU D 156 26.93 -0.93 4.52
CA LEU D 156 27.64 -2.01 5.18
C LEU D 156 28.92 -1.48 5.82
N VAL D 157 28.96 -1.48 7.15
CA VAL D 157 30.17 -1.06 7.88
C VAL D 157 30.98 -2.32 8.12
N SER D 158 31.78 -2.68 7.12
CA SER D 158 32.59 -3.89 7.19
C SER D 158 33.91 -3.67 6.47
N ALA D 159 34.92 -4.44 6.89
CA ALA D 159 36.24 -4.42 6.27
C ALA D 159 36.62 -5.77 5.70
N ASP D 160 35.63 -6.62 5.42
CA ASP D 160 35.88 -7.95 4.85
C ASP D 160 35.61 -7.88 3.35
N GLU D 161 36.63 -8.29 2.57
CA GLU D 161 36.53 -8.18 1.12
C GLU D 161 35.38 -9.02 0.58
N GLY D 162 35.20 -10.23 1.09
CA GLY D 162 34.09 -11.06 0.70
C GLY D 162 32.74 -10.59 1.21
N LEU D 163 32.73 -9.65 2.15
CA LEU D 163 31.47 -9.01 2.53
C LEU D 163 31.15 -7.87 1.58
N ARG D 164 32.11 -6.98 1.34
CA ARG D 164 31.89 -5.81 0.50
C ARG D 164 31.60 -6.20 -0.94
N THR D 165 32.30 -7.22 -1.45
CA THR D 165 32.11 -7.61 -2.85
C THR D 165 30.68 -8.05 -3.11
N TRP D 166 30.15 -8.92 -2.25
CA TRP D 166 28.80 -9.42 -2.46
C TRP D 166 27.75 -8.38 -2.07
N ALA D 167 28.08 -7.49 -1.13
CA ALA D 167 27.19 -6.35 -0.88
C ALA D 167 27.06 -5.48 -2.12
N ASP D 168 28.17 -5.24 -2.82
CA ASP D 168 28.13 -4.49 -4.07
C ASP D 168 27.34 -5.25 -5.14
N LYS D 169 27.52 -6.56 -5.22
CA LYS D 169 26.74 -7.34 -6.19
C LYS D 169 25.26 -7.34 -5.89
N ILE D 170 24.86 -7.19 -4.62
CA ILE D 170 23.44 -7.19 -4.29
C ILE D 170 22.83 -5.79 -4.32
N GLY D 171 23.63 -4.74 -4.20
CA GLY D 171 23.14 -3.39 -4.23
C GLY D 171 23.20 -2.62 -2.92
N ILE D 172 24.01 -3.06 -1.97
CA ILE D 172 24.18 -2.36 -0.69
C ILE D 172 25.27 -1.32 -0.86
N LYS D 173 25.11 -0.18 -0.19
CA LYS D 173 26.13 0.85 -0.20
C LYS D 173 27.31 0.45 0.68
N LEU D 174 28.52 0.53 0.13
CA LEU D 174 29.74 0.32 0.89
C LEU D 174 30.44 1.66 1.10
N ILE D 175 30.88 1.92 2.33
CA ILE D 175 31.50 3.19 2.70
C ILE D 175 32.81 2.89 3.42
N ASP D 176 33.91 2.73 2.65
CA ASP D 176 35.30 2.98 3.03
C ASP D 176 35.58 2.84 4.53
N PRO D 177 35.53 1.62 5.08
CA PRO D 177 35.55 1.47 6.55
C PRO D 177 36.79 2.04 7.23
N LYS D 178 37.76 2.52 6.46
CA LYS D 178 38.98 3.08 7.03
C LYS D 178 38.69 4.33 7.86
N ASN D 179 37.84 5.21 7.37
CA ASN D 179 37.65 6.54 7.94
C ASN D 179 36.32 6.71 8.66
N PHE D 180 35.74 5.61 9.15
CA PHE D 180 34.42 5.70 9.77
C PHE D 180 34.44 6.49 11.06
N LYS D 181 35.56 6.46 11.80
CA LYS D 181 35.68 7.31 12.97
C LYS D 181 35.58 8.78 12.60
N ASN D 182 36.06 9.15 11.41
CA ASN D 182 35.92 10.52 10.92
C ASN D 182 34.50 10.78 10.44
N ILE D 183 33.86 9.79 9.82
CA ILE D 183 32.51 9.97 9.31
C ILE D 183 31.52 10.17 10.46
N LEU D 184 31.74 9.49 11.58
CA LEU D 184 30.90 9.70 12.75
C LEU D 184 30.99 11.14 13.25
N GLU D 185 32.21 11.69 13.29
CA GLU D 185 32.38 13.08 13.69
C GLU D 185 31.72 14.02 12.69
N SER D 186 31.86 13.72 11.39
CA SER D 186 31.26 14.57 10.36
C SER D 186 29.74 14.60 10.49
N LEU D 187 29.12 13.44 10.75
CA LEU D 187 27.68 13.40 10.93
C LEU D 187 27.26 14.01 12.26
N VAL D 188 28.14 13.98 13.27
CA VAL D 188 27.89 14.74 14.49
C VAL D 188 27.83 16.23 14.17
N ARG D 189 28.76 16.71 13.35
CA ARG D 189 28.79 18.12 12.95
C ARG D 189 28.00 18.33 11.66
N MET E 1 -9.53 -25.89 -11.64
CA MET E 1 -9.96 -24.69 -10.93
C MET E 1 -9.98 -24.91 -9.43
N ASP E 2 -10.52 -26.06 -9.02
CA ASP E 2 -10.60 -26.39 -7.60
C ASP E 2 -9.39 -27.22 -7.20
N VAL E 3 -8.78 -26.86 -6.07
CA VAL E 3 -7.57 -27.51 -5.58
C VAL E 3 -7.84 -28.06 -4.18
N PHE E 4 -7.42 -29.30 -3.95
CA PHE E 4 -7.56 -29.95 -2.65
C PHE E 4 -6.18 -30.22 -2.08
N VAL E 5 -5.97 -29.83 -0.82
CA VAL E 5 -4.72 -30.09 -0.13
C VAL E 5 -4.94 -31.31 0.77
N LEU E 6 -4.36 -32.44 0.37
CA LEU E 6 -4.58 -33.71 1.03
C LEU E 6 -3.80 -33.80 2.34
N ASP E 7 -4.14 -34.82 3.12
CA ASP E 7 -3.48 -35.12 4.38
C ASP E 7 -3.07 -36.59 4.41
N THR E 8 -2.43 -36.99 5.49
CA THR E 8 -2.14 -38.40 5.72
C THR E 8 -3.39 -39.14 6.20
N SER E 9 -4.23 -38.48 7.00
CA SER E 9 -5.42 -39.12 7.55
C SER E 9 -6.43 -39.51 6.48
N VAL E 10 -6.31 -38.95 5.27
CA VAL E 10 -7.26 -39.26 4.21
C VAL E 10 -7.16 -40.73 3.82
N PHE E 11 -5.94 -41.25 3.73
CA PHE E 11 -5.72 -42.63 3.32
C PHE E 11 -5.03 -43.45 4.40
N THR E 12 -5.20 -43.07 5.67
CA THR E 12 -4.62 -43.83 6.78
C THR E 12 -5.70 -44.14 7.82
N ASN E 13 -6.65 -43.22 8.00
CA ASN E 13 -7.70 -43.42 8.99
C ASN E 13 -8.72 -44.42 8.44
N PRO E 14 -9.04 -45.50 9.19
CA PRO E 14 -9.91 -46.57 8.67
C PRO E 14 -11.17 -46.11 7.95
N GLU E 15 -11.92 -45.19 8.55
CA GLU E 15 -13.19 -44.77 7.95
C GLU E 15 -13.00 -44.07 6.61
N ILE E 16 -11.98 -43.21 6.52
CA ILE E 16 -11.85 -42.36 5.33
C ILE E 16 -11.48 -43.18 4.11
N TYR E 17 -10.55 -44.13 4.26
CA TYR E 17 -10.25 -45.02 3.14
C TYR E 17 -11.24 -46.17 3.03
N ARG E 18 -12.09 -46.37 4.04
CA ARG E 18 -13.22 -47.27 3.91
C ARG E 18 -14.33 -46.67 3.08
N THR E 19 -14.41 -45.33 3.01
CA THR E 19 -15.30 -44.69 2.05
C THR E 19 -14.92 -45.07 0.62
N PHE E 20 -13.63 -45.21 0.36
CA PHE E 20 -13.15 -45.75 -0.90
C PHE E 20 -13.25 -47.27 -0.85
N GLU E 21 -12.59 -47.94 -1.79
CA GLU E 21 -12.49 -49.40 -1.71
C GLU E 21 -11.73 -49.79 -0.43
N GLU E 22 -12.01 -50.99 0.05
CA GLU E 22 -11.47 -51.41 1.33
C GLU E 22 -9.96 -51.61 1.26
N ASP E 23 -9.35 -51.74 2.43
CA ASP E 23 -7.90 -51.86 2.62
C ASP E 23 -7.20 -50.54 2.31
N GLN E 24 -6.08 -50.29 2.99
CA GLN E 24 -5.34 -49.05 2.83
C GLN E 24 -4.71 -48.91 1.46
N ARG E 25 -4.60 -49.99 0.68
CA ARG E 25 -3.86 -49.99 -0.57
C ARG E 25 -4.76 -49.84 -1.79
N GLY E 26 -5.84 -50.62 -1.88
CA GLY E 26 -6.75 -50.47 -2.99
C GLY E 26 -7.43 -49.12 -3.02
N ALA E 27 -7.75 -48.58 -1.84
CA ALA E 27 -8.33 -47.25 -1.73
C ALA E 27 -7.46 -46.21 -2.43
N MET E 28 -6.15 -46.35 -2.30
CA MET E 28 -5.22 -45.47 -3.00
C MET E 28 -5.41 -45.53 -4.51
N GLU E 29 -5.53 -46.73 -5.06
CA GLU E 29 -5.66 -46.88 -6.51
C GLU E 29 -6.98 -46.30 -7.00
N THR E 30 -8.08 -46.59 -6.29
CA THR E 30 -9.37 -46.02 -6.68
C THR E 30 -9.37 -44.51 -6.56
N PHE E 31 -8.77 -43.97 -5.50
CA PHE E 31 -8.61 -42.53 -5.38
C PHE E 31 -7.79 -41.98 -6.56
N ILE E 32 -6.80 -42.75 -7.02
CA ILE E 32 -5.99 -42.30 -8.15
C ILE E 32 -6.85 -42.15 -9.39
N HIS E 33 -7.68 -43.17 -9.69
CA HIS E 33 -8.56 -43.03 -10.85
C HIS E 33 -9.52 -41.85 -10.67
N LEU E 34 -10.16 -41.75 -9.51
CA LEU E 34 -11.17 -40.71 -9.34
C LEU E 34 -10.57 -39.31 -9.37
N ALA E 35 -9.36 -39.15 -8.84
CA ALA E 35 -8.71 -37.85 -8.83
C ALA E 35 -8.16 -37.48 -10.20
N LEU E 36 -7.67 -38.48 -10.96
CA LEU E 36 -7.18 -38.19 -12.29
C LEU E 36 -8.32 -37.73 -13.20
N ASN E 37 -9.47 -38.38 -13.10
CA ASN E 37 -10.63 -38.00 -13.91
C ASN E 37 -11.23 -36.68 -13.47
N SER E 38 -11.05 -36.27 -12.21
CA SER E 38 -11.71 -35.08 -11.70
C SER E 38 -11.21 -33.79 -12.34
N ARG E 39 -10.00 -33.80 -12.91
CA ARG E 39 -9.37 -32.61 -13.49
C ARG E 39 -9.16 -31.51 -12.46
N ALA E 40 -9.16 -31.86 -11.18
CA ALA E 40 -8.84 -30.91 -10.11
C ALA E 40 -7.32 -30.82 -9.98
N GLU E 41 -6.85 -30.22 -8.88
CA GLU E 41 -5.42 -30.06 -8.62
C GLU E 41 -5.16 -30.44 -7.18
N PHE E 42 -4.83 -31.71 -6.94
CA PHE E 42 -4.59 -32.21 -5.60
C PHE E 42 -3.15 -31.95 -5.17
N TYR E 43 -2.97 -31.73 -3.86
CA TYR E 43 -1.68 -31.37 -3.31
C TYR E 43 -1.50 -32.06 -1.96
N MET E 44 -0.24 -32.19 -1.54
CA MET E 44 0.09 -32.63 -0.19
C MET E 44 1.51 -32.22 0.13
N PRO E 45 1.79 -31.75 1.35
CA PRO E 45 3.14 -31.31 1.68
C PRO E 45 4.14 -32.45 1.73
N THR E 46 5.41 -32.09 1.60
CA THR E 46 6.49 -33.09 1.54
C THR E 46 6.61 -33.86 2.85
N SER E 47 6.52 -33.17 3.99
CA SER E 47 6.62 -33.86 5.28
C SER E 47 5.48 -34.85 5.47
N VAL E 48 4.26 -34.46 5.10
CA VAL E 48 3.12 -35.37 5.17
C VAL E 48 3.34 -36.55 4.25
N TYR E 49 3.94 -36.31 3.08
CA TYR E 49 4.23 -37.41 2.16
C TYR E 49 5.26 -38.38 2.74
N THR E 50 6.28 -37.85 3.42
CA THR E 50 7.27 -38.74 4.04
C THR E 50 6.65 -39.56 5.16
N GLU E 51 5.79 -38.94 5.97
CA GLU E 51 5.09 -39.69 7.00
C GLU E 51 4.13 -40.71 6.41
N MET E 52 3.57 -40.41 5.24
CA MET E 52 2.84 -41.42 4.48
C MET E 52 3.73 -42.60 4.15
N ARG E 53 4.83 -42.35 3.44
CA ARG E 53 5.71 -43.43 2.99
C ARG E 53 6.28 -44.22 4.16
N LYS E 54 6.34 -43.61 5.35
CA LYS E 54 6.89 -44.31 6.51
C LYS E 54 5.81 -45.10 7.27
N ILE E 55 4.70 -44.45 7.62
CA ILE E 55 3.66 -45.13 8.39
C ILE E 55 2.97 -46.20 7.54
N MET E 56 2.60 -45.86 6.32
CA MET E 56 2.02 -46.81 5.37
C MET E 56 3.02 -47.05 4.25
N ASP E 57 2.74 -48.07 3.44
CA ASP E 57 3.68 -48.45 2.38
C ASP E 57 2.96 -49.28 1.33
N VAL E 58 3.15 -48.90 0.06
CA VAL E 58 2.69 -49.67 -1.08
C VAL E 58 3.85 -49.76 -2.07
N GLY E 59 3.79 -50.76 -2.94
CA GLY E 59 4.80 -50.96 -3.97
C GLY E 59 4.23 -50.64 -5.35
N GLU E 60 4.96 -49.81 -6.10
CA GLU E 60 4.65 -49.41 -7.46
C GLU E 60 3.35 -48.61 -7.58
N LEU E 61 2.70 -48.28 -6.46
CA LEU E 61 1.53 -47.43 -6.51
C LEU E 61 1.88 -45.96 -6.36
N TRP E 62 2.96 -45.64 -5.63
CA TRP E 62 3.38 -44.26 -5.52
C TRP E 62 3.94 -43.73 -6.83
N ALA E 63 4.35 -44.61 -7.74
CA ALA E 63 4.71 -44.17 -9.08
C ALA E 63 3.54 -43.47 -9.76
N GLU E 64 2.31 -43.86 -9.42
CA GLU E 64 1.12 -43.16 -9.89
C GLU E 64 0.65 -42.09 -8.92
N PHE E 65 0.92 -42.26 -7.63
CA PHE E 65 0.57 -41.25 -6.64
C PHE E 65 1.35 -39.95 -6.86
N GLU E 66 2.55 -40.06 -7.43
CA GLU E 66 3.37 -38.87 -7.66
C GLU E 66 2.71 -37.92 -8.67
N MET E 67 2.09 -38.49 -9.69
CA MET E 67 1.47 -37.69 -10.76
C MET E 67 0.34 -36.82 -10.25
N VAL E 68 -0.74 -37.44 -9.76
CA VAL E 68 -1.95 -36.69 -9.43
C VAL E 68 -1.71 -35.78 -8.24
N VAL E 69 -1.39 -36.36 -7.09
CA VAL E 69 -1.07 -35.56 -5.90
C VAL E 69 0.30 -34.94 -6.11
N LYS E 70 0.37 -33.62 -6.00
CA LYS E 70 1.62 -32.89 -6.22
C LYS E 70 2.24 -32.58 -4.87
N ILE E 71 3.42 -33.13 -4.62
CA ILE E 71 4.05 -33.09 -3.31
C ILE E 71 5.09 -31.97 -3.31
N ARG E 72 4.89 -30.98 -2.44
CA ARG E 72 5.79 -29.85 -2.33
C ARG E 72 5.57 -29.15 -1.00
N SER E 73 6.60 -28.45 -0.55
CA SER E 73 6.48 -27.69 0.69
C SER E 73 5.54 -26.50 0.48
N PRO E 74 4.84 -26.07 1.53
CA PRO E 74 3.86 -24.97 1.38
C PRO E 74 4.44 -23.63 0.95
N ARG E 75 5.77 -23.55 0.77
CA ARG E 75 6.43 -22.31 0.38
C ARG E 75 6.20 -21.23 1.44
N ARG E 76 6.70 -21.52 2.64
CA ARG E 76 6.32 -20.79 3.84
C ARG E 76 7.02 -19.44 3.99
N PHE E 77 8.02 -19.14 3.17
CA PHE E 77 8.70 -17.85 3.28
C PHE E 77 7.87 -16.69 2.73
N GLN E 78 6.91 -16.98 1.86
CA GLN E 78 6.03 -15.96 1.30
C GLN E 78 4.66 -15.97 1.96
N LEU E 79 4.55 -16.54 3.16
CA LEU E 79 3.28 -16.68 3.84
C LEU E 79 3.37 -16.11 5.25
N THR E 80 2.23 -15.66 5.75
CA THR E 80 2.10 -15.20 7.12
C THR E 80 0.82 -15.77 7.72
N VAL E 81 0.79 -15.85 9.05
CA VAL E 81 -0.40 -16.30 9.76
C VAL E 81 -0.81 -15.21 10.74
N PRO E 82 -2.10 -15.07 11.04
CA PRO E 82 -2.51 -14.03 12.00
C PRO E 82 -1.90 -14.27 13.37
N ALA E 83 -1.62 -13.16 14.07
CA ALA E 83 -1.05 -13.24 15.40
C ALA E 83 -2.00 -13.91 16.38
N ASP E 84 -3.29 -13.60 16.27
CA ASP E 84 -4.28 -14.20 17.17
C ASP E 84 -4.35 -15.71 17.01
N PHE E 85 -4.01 -16.23 15.82
CA PHE E 85 -3.96 -17.67 15.62
C PHE E 85 -2.92 -18.31 16.53
N LEU E 86 -1.69 -17.79 16.50
CA LEU E 86 -0.63 -18.32 17.36
C LEU E 86 -0.96 -18.10 18.83
N TYR E 87 -1.57 -16.95 19.15
CA TYR E 87 -1.99 -16.67 20.51
C TYR E 87 -2.95 -17.75 21.02
N GLU E 88 -4.00 -18.04 20.25
CA GLU E 88 -4.96 -19.06 20.64
C GLU E 88 -4.31 -20.43 20.72
N PHE E 89 -3.40 -20.74 19.78
CA PHE E 89 -2.76 -22.04 19.78
C PHE E 89 -1.97 -22.26 21.07
N ILE E 90 -1.15 -21.28 21.46
CA ILE E 90 -0.33 -21.45 22.65
C ILE E 90 -1.20 -21.39 23.91
N GLU E 91 -2.27 -20.59 23.89
CA GLU E 91 -3.20 -20.59 25.00
C GLU E 91 -3.81 -21.97 25.24
N GLU E 92 -4.23 -22.64 24.17
CA GLU E 92 -4.81 -23.97 24.31
C GLU E 92 -3.75 -24.99 24.70
N LEU E 93 -2.54 -24.83 24.15
CA LEU E 93 -1.44 -25.74 24.47
C LEU E 93 -1.07 -25.69 25.95
N ARG E 94 -1.17 -24.51 26.56
CA ARG E 94 -0.88 -24.42 28.00
C ARG E 94 -1.82 -25.31 28.80
N TYR E 95 -3.13 -25.25 28.48
CA TYR E 95 -4.09 -26.11 29.15
C TYR E 95 -3.77 -27.58 28.91
N ARG E 96 -3.44 -27.93 27.67
CA ARG E 96 -3.15 -29.33 27.37
C ARG E 96 -1.92 -29.81 28.14
N ILE E 97 -0.89 -28.96 28.26
CA ILE E 97 0.32 -29.35 28.97
C ILE E 97 0.03 -29.55 30.45
N ASN E 98 -0.76 -28.65 31.05
CA ASN E 98 -1.11 -28.81 32.46
C ASN E 98 -1.92 -30.09 32.68
N LYS E 99 -2.86 -30.38 31.77
CA LYS E 99 -3.68 -31.58 31.91
C LYS E 99 -2.84 -32.85 31.75
N GLY E 100 -1.89 -32.83 30.81
CA GLY E 100 -1.01 -33.98 30.66
C GLY E 100 -0.13 -34.21 31.88
N LEU E 101 0.34 -33.12 32.49
CA LEU E 101 1.11 -33.24 33.72
C LEU E 101 0.25 -33.84 34.84
N ARG E 102 -0.99 -33.40 34.96
CA ARG E 102 -1.86 -33.97 35.98
C ARG E 102 -2.12 -35.45 35.72
N ILE E 103 -2.30 -35.83 34.45
CA ILE E 103 -2.49 -37.25 34.12
C ILE E 103 -1.26 -38.06 34.52
N ALA E 104 -0.07 -37.52 34.23
CA ALA E 104 1.16 -38.22 34.62
C ALA E 104 1.25 -38.38 36.14
N GLU E 105 0.87 -37.33 36.88
CA GLU E 105 0.90 -37.41 38.34
C GLU E 105 -0.05 -38.49 38.85
N GLU E 106 -1.28 -38.51 38.30
CA GLU E 106 -2.26 -39.49 38.74
C GLU E 106 -1.80 -40.91 38.43
N HIS E 107 -1.19 -41.13 37.26
CA HIS E 107 -0.75 -42.48 36.93
C HIS E 107 0.47 -42.89 37.74
N THR E 108 1.36 -41.96 38.08
CA THR E 108 2.46 -42.29 38.98
C THR E 108 1.93 -42.68 40.35
N ARG E 109 0.94 -41.93 40.86
CA ARG E 109 0.37 -42.27 42.16
C ARG E 109 -0.36 -43.61 42.12
N GLU E 110 -1.03 -43.92 41.01
CA GLU E 110 -1.67 -45.21 40.85
C GLU E 110 -0.64 -46.34 40.84
N ALA E 111 0.49 -46.12 40.15
CA ALA E 111 1.56 -47.12 40.13
C ALA E 111 2.22 -47.28 41.50
N SER E 112 2.18 -46.22 42.32
CA SER E 112 2.74 -46.30 43.67
C SER E 112 2.10 -47.43 44.45
N GLY E 113 0.78 -47.38 44.64
CA GLY E 113 0.07 -48.42 45.34
C GLY E 113 -0.01 -49.72 44.56
N SER E 114 -0.72 -49.68 43.43
CA SER E 114 -0.89 -50.86 42.58
C SER E 114 0.38 -51.11 41.79
N GLU E 115 0.99 -52.28 41.99
CA GLU E 115 2.24 -52.65 41.31
C GLU E 115 1.93 -53.42 40.02
N ASP E 116 1.24 -52.73 39.10
CA ASP E 116 0.81 -53.31 37.83
C ASP E 116 1.13 -52.35 36.69
N VAL E 117 2.39 -51.89 36.64
CA VAL E 117 2.80 -50.88 35.66
C VAL E 117 2.75 -51.40 34.23
N GLY E 118 2.61 -52.72 34.03
CA GLY E 118 2.66 -53.26 32.67
C GLY E 118 1.58 -52.69 31.77
N LYS E 119 0.35 -52.66 32.24
CA LYS E 119 -0.74 -52.04 31.51
C LYS E 119 -0.92 -50.57 31.87
N LEU E 120 -0.43 -50.16 33.04
CA LEU E 120 -0.47 -48.75 33.41
C LEU E 120 0.36 -47.90 32.46
N ILE E 121 1.44 -48.45 31.93
CA ILE E 121 2.26 -47.69 30.98
C ILE E 121 1.44 -47.38 29.73
N ALA E 122 0.72 -48.38 29.20
CA ALA E 122 -0.10 -48.17 28.01
C ALA E 122 -1.24 -47.21 28.31
N ARG E 123 -1.86 -47.33 29.48
CA ARG E 123 -2.96 -46.43 29.82
C ARG E 123 -2.46 -44.99 29.94
N LEU E 124 -1.31 -44.79 30.58
CA LEU E 124 -0.73 -43.46 30.70
C LEU E 124 -0.36 -42.90 29.34
N ARG E 125 0.20 -43.73 28.46
CA ARG E 125 0.53 -43.28 27.11
C ARG E 125 -0.71 -42.81 26.37
N GLU E 126 -1.78 -43.61 26.43
CA GLU E 126 -3.02 -43.25 25.74
C GLU E 126 -3.60 -41.96 26.29
N LYS E 127 -3.65 -41.83 27.63
CA LYS E 127 -4.23 -40.64 28.23
C LYS E 127 -3.39 -39.40 27.94
N TYR E 128 -2.07 -39.52 28.00
CA TYR E 128 -1.20 -38.38 27.70
C TYR E 128 -1.36 -37.93 26.25
N ARG E 129 -1.35 -38.87 25.32
CA ARG E 129 -1.51 -38.53 23.91
CA ARG E 129 -1.51 -38.53 23.91
C ARG E 129 -2.88 -37.91 23.63
N GLU E 130 -3.92 -38.43 24.25
CA GLU E 130 -5.24 -37.80 24.13
C GLU E 130 -5.24 -36.41 24.75
N ALA E 131 -4.44 -36.19 25.80
CA ALA E 131 -4.48 -34.95 26.54
C ALA E 131 -3.80 -33.80 25.80
N LEU E 132 -2.66 -34.05 25.17
CA LEU E 132 -1.93 -32.98 24.48
C LEU E 132 -1.97 -33.02 22.97
N ARG E 133 -2.07 -34.19 22.33
CA ARG E 133 -2.01 -34.24 20.87
C ARG E 133 -3.33 -34.57 20.19
N GLN E 134 -4.44 -34.63 20.93
CA GLN E 134 -5.74 -34.91 20.34
C GLN E 134 -6.52 -33.62 20.16
N GLY E 135 -7.01 -33.39 18.95
CA GLY E 135 -7.80 -32.21 18.65
C GLY E 135 -7.05 -30.91 18.69
N ILE E 136 -5.79 -30.90 18.23
CA ILE E 136 -5.01 -29.67 18.13
C ILE E 136 -3.84 -29.95 17.19
N LEU E 137 -3.27 -28.90 16.63
CA LEU E 137 -2.07 -29.03 15.82
C LEU E 137 -0.94 -29.62 16.66
N ASP E 138 -0.48 -30.82 16.30
CA ASP E 138 0.49 -31.54 17.11
C ASP E 138 1.72 -31.97 16.33
N SER E 139 1.86 -31.56 15.08
CA SER E 139 3.03 -31.91 14.29
C SER E 139 3.22 -30.88 13.19
N LYS E 140 4.48 -30.71 12.79
CA LYS E 140 4.79 -29.82 11.68
C LYS E 140 4.12 -30.27 10.39
N GLU E 141 3.70 -31.54 10.34
CA GLU E 141 2.95 -32.04 9.19
C GLU E 141 1.61 -31.33 9.06
N ASP E 142 0.91 -31.17 10.19
CA ASP E 142 -0.37 -30.46 10.20
C ASP E 142 -0.16 -28.99 9.84
N VAL E 143 0.91 -28.38 10.34
CA VAL E 143 1.21 -27.00 9.99
C VAL E 143 1.46 -26.86 8.49
N ASP E 144 2.18 -27.83 7.91
CA ASP E 144 2.43 -27.79 6.47
C ASP E 144 1.15 -27.95 5.68
N VAL E 145 0.24 -28.83 6.14
CA VAL E 145 -1.05 -28.95 5.47
C VAL E 145 -1.81 -27.63 5.54
N LEU E 146 -1.84 -27.02 6.73
CA LEU E 146 -2.51 -25.74 6.90
C LEU E 146 -1.95 -24.69 5.95
N LEU E 147 -0.63 -24.61 5.87
CA LEU E 147 0.00 -23.54 5.08
C LEU E 147 -0.12 -23.80 3.59
N LEU E 148 -0.08 -25.07 3.16
CA LEU E 148 -0.29 -25.37 1.76
C LEU E 148 -1.73 -25.10 1.33
N ALA E 149 -2.69 -25.36 2.22
CA ALA E 149 -4.08 -24.99 1.92
C ALA E 149 -4.26 -23.48 1.93
N TYR E 150 -3.55 -22.78 2.82
CA TYR E 150 -3.68 -21.33 2.93
C TYR E 150 -3.09 -20.62 1.72
N GLU E 151 -1.91 -21.07 1.27
CA GLU E 151 -1.26 -20.41 0.14
C GLU E 151 -2.01 -20.67 -1.16
N LEU E 152 -2.61 -21.85 -1.31
CA LEU E 152 -3.34 -22.21 -2.50
C LEU E 152 -4.81 -21.82 -2.44
N ASP E 153 -5.30 -21.38 -1.28
CA ASP E 153 -6.73 -21.17 -1.06
C ASP E 153 -7.52 -22.40 -1.47
N GLY E 154 -7.07 -23.56 -0.98
CA GLY E 154 -7.63 -24.84 -1.36
C GLY E 154 -8.47 -25.48 -0.28
N VAL E 155 -8.99 -26.66 -0.63
CA VAL E 155 -9.85 -27.43 0.24
C VAL E 155 -8.98 -28.36 1.08
N LEU E 156 -9.03 -28.18 2.40
CA LEU E 156 -8.30 -29.05 3.32
C LEU E 156 -9.11 -30.31 3.55
N VAL E 157 -8.59 -31.45 3.12
CA VAL E 157 -9.24 -32.75 3.29
C VAL E 157 -8.50 -33.48 4.39
N SER E 158 -9.18 -33.69 5.52
CA SER E 158 -8.56 -34.34 6.66
C SER E 158 -9.64 -34.87 7.59
N ALA E 159 -9.33 -35.98 8.26
CA ALA E 159 -10.18 -36.52 9.32
C ALA E 159 -9.74 -36.07 10.70
N ASP E 160 -8.71 -35.23 10.79
CA ASP E 160 -8.20 -34.77 12.08
C ASP E 160 -9.11 -33.66 12.59
N GLU E 161 -9.64 -33.84 13.80
CA GLU E 161 -10.49 -32.82 14.40
C GLU E 161 -9.72 -31.52 14.64
N GLY E 162 -8.49 -31.64 15.16
CA GLY E 162 -7.69 -30.46 15.41
C GLY E 162 -7.28 -29.72 14.15
N LEU E 163 -6.90 -30.45 13.10
CA LEU E 163 -6.51 -29.80 11.86
C LEU E 163 -7.69 -29.03 11.26
N ARG E 164 -8.88 -29.63 11.24
CA ARG E 164 -10.06 -28.93 10.74
C ARG E 164 -10.39 -27.73 11.62
N THR E 165 -10.31 -27.90 12.94
CA THR E 165 -10.64 -26.82 13.86
C THR E 165 -9.72 -25.62 13.66
N TRP E 166 -8.43 -25.87 13.47
CA TRP E 166 -7.49 -24.77 13.32
C TRP E 166 -7.42 -24.24 11.89
N ALA E 167 -7.81 -25.03 10.90
CA ALA E 167 -8.02 -24.48 9.56
C ALA E 167 -9.23 -23.55 9.52
N ASP E 168 -10.25 -23.85 10.33
CA ASP E 168 -11.41 -22.97 10.39
C ASP E 168 -11.09 -21.60 10.96
N LYS E 169 -10.05 -21.48 11.77
CA LYS E 169 -9.71 -20.22 12.42
C LYS E 169 -8.81 -19.33 11.58
N ILE E 170 -8.44 -19.77 10.37
CA ILE E 170 -7.55 -18.97 9.53
C ILE E 170 -8.22 -18.68 8.19
N GLY E 171 -9.29 -19.41 7.89
CA GLY E 171 -10.05 -19.14 6.68
C GLY E 171 -9.82 -20.12 5.56
N ILE E 172 -9.53 -21.37 5.89
CA ILE E 172 -9.30 -22.41 4.89
C ILE E 172 -10.62 -23.09 4.59
N LYS E 173 -10.94 -23.22 3.30
CA LYS E 173 -12.11 -23.99 2.90
C LYS E 173 -11.96 -25.44 3.35
N LEU E 174 -12.98 -25.96 4.02
CA LEU E 174 -12.94 -27.31 4.55
C LEU E 174 -14.00 -28.17 3.88
N ILE E 175 -13.81 -29.49 3.99
CA ILE E 175 -14.72 -30.47 3.44
C ILE E 175 -14.95 -31.56 4.49
N ASP E 176 -16.06 -32.26 4.34
CA ASP E 176 -16.31 -33.44 5.18
C ASP E 176 -15.50 -34.59 4.60
N PRO E 177 -14.57 -35.17 5.35
CA PRO E 177 -13.75 -36.26 4.79
C PRO E 177 -14.53 -37.52 4.48
N LYS E 178 -15.71 -37.71 5.09
CA LYS E 178 -16.50 -38.91 4.86
C LYS E 178 -17.31 -38.85 3.57
N ASN E 179 -17.43 -37.68 2.95
CA ASN E 179 -18.01 -37.58 1.61
C ASN E 179 -17.02 -37.10 0.56
N PHE E 180 -15.77 -36.82 0.94
CA PHE E 180 -14.78 -36.33 -0.01
C PHE E 180 -14.64 -37.28 -1.19
N LYS E 181 -14.85 -38.59 -0.95
CA LYS E 181 -15.01 -39.54 -2.05
C LYS E 181 -16.08 -39.08 -3.02
N ASN E 182 -17.25 -38.68 -2.50
CA ASN E 182 -18.35 -38.23 -3.33
C ASN E 182 -18.23 -36.77 -3.76
N ILE E 183 -17.40 -35.97 -3.10
CA ILE E 183 -17.04 -34.67 -3.68
C ILE E 183 -16.35 -34.87 -5.02
N LEU E 184 -15.41 -35.82 -5.07
CA LEU E 184 -14.74 -36.12 -6.34
C LEU E 184 -15.68 -36.79 -7.32
N GLU E 185 -16.52 -37.72 -6.84
CA GLU E 185 -17.31 -38.54 -7.75
C GLU E 185 -18.26 -37.69 -8.59
N SER E 186 -19.04 -36.83 -7.95
CA SER E 186 -19.96 -35.97 -8.70
C SER E 186 -19.21 -34.89 -9.46
N LEU E 187 -18.02 -34.50 -8.99
CA LEU E 187 -17.23 -33.49 -9.69
C LEU E 187 -16.78 -33.97 -11.05
N VAL E 188 -16.43 -35.24 -11.17
CA VAL E 188 -16.03 -35.82 -12.45
C VAL E 188 -17.16 -35.73 -13.46
N ASP F 2 13.04 5.32 22.04
CA ASP F 2 13.21 3.90 22.35
C ASP F 2 11.92 3.30 22.87
N VAL F 3 11.64 2.06 22.48
CA VAL F 3 10.45 1.33 22.90
C VAL F 3 10.93 0.07 23.60
N PHE F 4 10.87 0.05 24.92
CA PHE F 4 11.24 -1.12 25.72
C PHE F 4 9.98 -1.88 26.09
N VAL F 5 9.75 -3.01 25.44
CA VAL F 5 8.60 -3.86 25.73
C VAL F 5 8.98 -4.77 26.89
N LEU F 6 8.34 -4.55 28.04
CA LEU F 6 8.73 -5.21 29.27
C LEU F 6 8.09 -6.59 29.37
N ASP F 7 8.47 -7.32 30.41
CA ASP F 7 7.99 -8.67 30.66
C ASP F 7 7.76 -8.84 32.15
N THR F 8 7.22 -10.00 32.53
CA THR F 8 7.07 -10.32 33.94
C THR F 8 8.40 -10.73 34.57
N SER F 9 9.31 -11.31 33.78
CA SER F 9 10.61 -11.73 34.30
C SER F 9 11.50 -10.54 34.65
N VAL F 10 11.25 -9.36 34.06
CA VAL F 10 12.08 -8.21 34.33
C VAL F 10 11.94 -7.75 35.77
N PHE F 11 10.78 -7.94 36.37
CA PHE F 11 10.50 -7.47 37.72
C PHE F 11 10.25 -8.59 38.72
N THR F 12 10.33 -9.85 38.30
CA THR F 12 10.07 -10.97 39.21
C THR F 12 11.19 -11.99 39.28
N ASN F 13 12.03 -12.11 38.25
CA ASN F 13 13.17 -13.02 38.31
C ASN F 13 14.17 -12.53 39.36
N PRO F 14 14.68 -13.40 40.22
CA PRO F 14 15.58 -12.93 41.29
C PRO F 14 16.78 -12.16 40.80
N GLU F 15 17.38 -12.58 39.67
CA GLU F 15 18.56 -11.88 39.16
C GLU F 15 18.19 -10.47 38.69
N ILE F 16 17.12 -10.34 37.91
CA ILE F 16 16.81 -9.06 37.28
C ILE F 16 16.42 -8.02 38.34
N TYR F 17 15.71 -8.44 39.38
CA TYR F 17 15.41 -7.49 40.45
C TYR F 17 16.52 -7.39 41.49
N ARG F 18 17.51 -8.28 41.44
CA ARG F 18 18.72 -8.09 42.24
C ARG F 18 19.62 -7.03 41.64
N THR F 19 19.70 -6.98 40.30
CA THR F 19 20.43 -5.88 39.65
C THR F 19 19.65 -4.57 39.69
N PHE F 20 18.37 -4.60 40.07
CA PHE F 20 17.52 -3.42 40.05
C PHE F 20 17.35 -2.79 41.43
N GLU F 21 18.39 -2.86 42.27
CA GLU F 21 18.42 -2.24 43.60
C GLU F 21 17.47 -2.92 44.59
N GLU F 22 17.87 -2.95 45.86
CA GLU F 22 17.06 -3.48 46.96
C GLU F 22 16.44 -4.83 46.66
N ASP F 23 15.25 -5.07 47.19
CA ASP F 23 14.52 -6.31 46.99
C ASP F 23 13.53 -6.13 45.84
N GLN F 24 12.65 -7.13 45.66
CA GLN F 24 11.72 -7.09 44.53
C GLN F 24 10.76 -5.91 44.64
N ARG F 25 10.30 -5.60 45.85
CA ARG F 25 9.38 -4.49 46.03
C ARG F 25 10.05 -3.16 45.69
N GLY F 26 11.29 -2.95 46.19
CA GLY F 26 12.02 -1.75 45.87
C GLY F 26 12.61 -1.75 44.48
N ALA F 27 12.79 -2.93 43.86
CA ALA F 27 13.34 -3.00 42.53
C ALA F 27 12.43 -2.32 41.52
N MET F 28 11.12 -2.59 41.60
CA MET F 28 10.19 -1.94 40.68
C MET F 28 10.11 -0.45 40.96
N GLU F 29 10.24 -0.03 42.22
CA GLU F 29 10.26 1.40 42.53
C GLU F 29 11.47 2.09 41.88
N THR F 30 12.65 1.48 41.99
CA THR F 30 13.82 2.07 41.35
C THR F 30 13.72 2.01 39.83
N PHE F 31 13.11 0.95 39.30
CA PHE F 31 12.89 0.89 37.85
C PHE F 31 11.97 2.02 37.39
N ILE F 32 10.91 2.30 38.16
CA ILE F 32 10.01 3.39 37.84
C ILE F 32 10.75 4.72 37.92
N HIS F 33 11.60 4.87 38.94
CA HIS F 33 12.41 6.08 39.05
C HIS F 33 13.28 6.27 37.81
N LEU F 34 13.93 5.20 37.36
CA LEU F 34 14.84 5.29 36.22
C LEU F 34 14.11 5.43 34.89
N ALA F 35 12.88 4.94 34.80
CA ALA F 35 12.15 4.97 33.54
C ALA F 35 11.28 6.23 33.38
N LEU F 36 10.80 6.79 34.48
CA LEU F 36 10.02 8.02 34.39
C LEU F 36 10.88 9.17 33.86
N ASN F 37 12.11 9.27 34.33
CA ASN F 37 13.04 10.30 33.83
C ASN F 37 13.86 9.78 32.66
N SER F 38 13.17 9.21 31.68
CA SER F 38 13.79 8.74 30.45
C SER F 38 12.84 9.02 29.29
N ARG F 39 13.41 9.11 28.10
CA ARG F 39 12.63 9.41 26.91
C ARG F 39 12.05 8.16 26.26
N ALA F 40 12.41 6.97 26.75
CA ALA F 40 11.96 5.72 26.16
C ALA F 40 10.51 5.43 26.53
N GLU F 41 9.86 4.65 25.66
CA GLU F 41 8.51 4.18 25.91
C GLU F 41 8.57 2.75 26.46
N PHE F 42 7.90 2.52 27.58
CA PHE F 42 7.87 1.22 28.23
C PHE F 42 6.48 0.62 28.10
N TYR F 43 6.41 -0.61 27.60
CA TYR F 43 5.15 -1.28 27.34
C TYR F 43 5.12 -2.65 27.99
N MET F 44 3.92 -3.12 28.30
CA MET F 44 3.72 -4.50 28.72
C MET F 44 2.33 -4.92 28.29
N PRO F 45 2.17 -6.13 27.78
CA PRO F 45 0.82 -6.62 27.46
C PRO F 45 -0.04 -6.78 28.70
N THR F 46 -1.35 -6.67 28.50
CA THR F 46 -2.29 -6.72 29.64
C THR F 46 -2.24 -8.06 30.35
N SER F 47 -2.16 -9.16 29.62
CA SER F 47 -2.12 -10.48 30.24
C SER F 47 -0.86 -10.65 31.09
N VAL F 48 0.29 -10.21 30.57
CA VAL F 48 1.52 -10.29 31.32
C VAL F 48 1.41 -9.47 32.61
N TYR F 49 0.78 -8.29 32.50
CA TYR F 49 0.53 -7.48 33.70
C TYR F 49 -0.35 -8.22 34.69
N THR F 50 -1.36 -8.93 34.21
CA THR F 50 -2.27 -9.64 35.10
C THR F 50 -1.54 -10.73 35.86
N GLU F 51 -0.72 -11.54 35.16
CA GLU F 51 -0.01 -12.59 35.87
C GLU F 51 1.08 -12.05 36.78
N MET F 52 1.75 -10.96 36.38
CA MET F 52 2.74 -10.37 37.26
C MET F 52 2.10 -9.77 38.50
N ARG F 53 0.88 -9.24 38.37
CA ARG F 53 0.14 -8.75 39.53
C ARG F 53 -0.33 -9.89 40.42
N LYS F 54 -0.70 -11.03 39.82
CA LYS F 54 -1.16 -12.16 40.62
C LYS F 54 -0.03 -12.99 41.20
N ILE F 55 1.21 -12.78 40.76
CA ILE F 55 2.38 -13.37 41.42
C ILE F 55 2.99 -12.41 42.43
N MET F 56 3.21 -11.16 42.03
CA MET F 56 3.85 -10.16 42.89
C MET F 56 2.78 -9.26 43.50
N ASP F 57 2.93 -9.01 44.80
CA ASP F 57 1.88 -8.39 45.60
C ASP F 57 2.33 -7.06 46.21
N VAL F 58 2.95 -6.20 45.40
CA VAL F 58 3.28 -4.86 45.88
C VAL F 58 2.02 -4.03 46.04
N GLY F 59 2.04 -3.10 46.97
CA GLY F 59 0.89 -2.23 47.21
C GLY F 59 1.26 -0.78 47.07
N GLU F 60 0.29 -0.01 46.55
CA GLU F 60 0.40 1.44 46.40
C GLU F 60 1.51 1.85 45.43
N LEU F 61 2.14 0.87 44.79
CA LEU F 61 3.17 1.16 43.79
C LEU F 61 2.74 0.83 42.37
N TRP F 62 1.72 -0.02 42.19
CA TRP F 62 1.14 -0.20 40.87
C TRP F 62 0.52 1.09 40.36
N ALA F 63 0.09 1.97 41.27
CA ALA F 63 -0.43 3.27 40.86
C ALA F 63 0.64 4.06 40.12
N GLU F 64 1.87 4.05 40.61
CA GLU F 64 2.97 4.70 39.90
C GLU F 64 3.53 3.84 38.77
N PHE F 65 3.24 2.53 38.79
CA PHE F 65 3.72 1.66 37.73
C PHE F 65 2.89 1.82 36.45
N GLU F 66 1.58 2.07 36.60
CA GLU F 66 0.72 2.27 35.44
C GLU F 66 1.02 3.58 34.72
N MET F 67 1.70 4.53 35.38
CA MET F 67 2.02 5.79 34.74
C MET F 67 3.09 5.63 33.67
N VAL F 68 4.16 4.90 33.98
CA VAL F 68 5.29 4.80 33.06
C VAL F 68 5.10 3.67 32.05
N VAL F 69 4.66 2.51 32.51
CA VAL F 69 4.47 1.36 31.63
C VAL F 69 3.07 1.43 31.03
N LYS F 70 3.00 1.39 29.70
CA LYS F 70 1.73 1.43 28.99
C LYS F 70 1.22 0.01 28.83
N ILE F 71 0.19 -0.35 29.59
CA ILE F 71 -0.34 -1.70 29.61
C ILE F 71 -1.46 -1.79 28.57
N ARG F 72 -1.25 -2.61 27.55
CA ARG F 72 -2.24 -2.80 26.50
C ARG F 72 -1.92 -4.10 25.77
N SER F 73 -2.96 -4.82 25.37
CA SER F 73 -2.75 -6.01 24.56
C SER F 73 -2.32 -5.60 23.16
N PRO F 74 -1.46 -6.39 22.52
CA PRO F 74 -1.10 -6.10 21.13
C PRO F 74 -2.33 -6.19 20.23
N ARG F 75 -2.35 -5.31 19.22
CA ARG F 75 -3.43 -5.32 18.24
C ARG F 75 -3.21 -6.50 17.30
N ARG F 76 -3.59 -7.68 17.78
CA ARG F 76 -3.31 -8.92 17.07
C ARG F 76 -3.98 -8.99 15.71
N PHE F 77 -5.08 -8.28 15.51
CA PHE F 77 -5.73 -8.22 14.21
C PHE F 77 -4.85 -7.49 13.20
N GLN F 78 -4.10 -6.50 13.65
CA GLN F 78 -3.21 -5.73 12.79
C GLN F 78 -1.91 -6.45 12.47
N LEU F 79 -1.63 -7.55 13.16
CA LEU F 79 -0.33 -8.21 13.07
C LEU F 79 -0.46 -9.59 12.41
N THR F 80 0.57 -9.94 11.65
CA THR F 80 0.74 -11.28 11.12
C THR F 80 2.09 -11.82 11.55
N VAL F 81 2.20 -13.15 11.54
CA VAL F 81 3.46 -13.80 11.93
C VAL F 81 3.87 -14.71 10.77
N PRO F 82 5.15 -14.75 10.42
CA PRO F 82 5.57 -15.62 9.31
C PRO F 82 5.23 -17.08 9.58
N ALA F 83 4.80 -17.76 8.52
CA ALA F 83 4.42 -19.17 8.62
C ALA F 83 5.57 -20.03 9.13
N ASP F 84 6.80 -19.70 8.74
CA ASP F 84 7.95 -20.49 9.15
C ASP F 84 8.14 -20.47 10.67
N PHE F 85 7.83 -19.34 11.31
CA PHE F 85 7.91 -19.25 12.75
C PHE F 85 7.01 -20.28 13.43
N LEU F 86 5.74 -20.33 13.00
CA LEU F 86 4.81 -21.32 13.54
C LEU F 86 5.29 -22.74 13.23
N TYR F 87 5.88 -22.94 12.04
CA TYR F 87 6.40 -24.25 11.67
C TYR F 87 7.46 -24.72 12.65
N GLU F 88 8.48 -23.90 12.91
CA GLU F 88 9.51 -24.31 13.86
C GLU F 88 8.96 -24.44 15.27
N PHE F 89 8.02 -23.57 15.66
CA PHE F 89 7.46 -23.67 17.00
C PHE F 89 6.79 -25.01 17.21
N ILE F 90 5.95 -25.43 16.26
CA ILE F 90 5.25 -26.71 16.40
C ILE F 90 6.24 -27.86 16.31
N GLU F 91 7.25 -27.74 15.45
CA GLU F 91 8.24 -28.80 15.29
C GLU F 91 8.99 -29.04 16.60
N GLU F 92 9.38 -27.97 17.29
CA GLU F 92 10.07 -28.14 18.57
C GLU F 92 9.11 -28.58 19.67
N LEU F 93 7.86 -28.10 19.63
CA LEU F 93 6.88 -28.49 20.63
C LEU F 93 6.61 -29.99 20.59
N ARG F 94 6.63 -30.58 19.39
CA ARG F 94 6.45 -32.04 19.31
C ARG F 94 7.55 -32.79 20.07
N TYR F 95 8.80 -32.35 19.91
CA TYR F 95 9.89 -32.95 20.66
C TYR F 95 9.71 -32.76 22.16
N ARG F 96 9.27 -31.56 22.57
CA ARG F 96 9.04 -31.32 23.99
C ARG F 96 7.99 -32.27 24.55
N ILE F 97 6.90 -32.47 23.80
CA ILE F 97 5.82 -33.34 24.25
C ILE F 97 6.30 -34.79 24.35
N ASN F 98 7.08 -35.24 23.36
CA ASN F 98 7.62 -36.60 23.42
C ASN F 98 8.53 -36.78 24.62
N LYS F 99 9.38 -35.79 24.90
CA LYS F 99 10.26 -35.86 26.06
C LYS F 99 9.46 -35.91 27.36
N GLY F 100 8.40 -35.11 27.45
CA GLY F 100 7.54 -35.17 28.64
C GLY F 100 6.88 -36.52 28.81
N LEU F 101 6.42 -37.12 27.71
CA LEU F 101 5.82 -38.45 27.79
C LEU F 101 6.83 -39.48 28.29
N ARG F 102 8.07 -39.41 27.77
CA ARG F 102 9.09 -40.34 28.23
C ARG F 102 9.39 -40.15 29.71
N ILE F 103 9.45 -38.89 30.16
CA ILE F 103 9.66 -38.62 31.58
C ILE F 103 8.54 -39.24 32.40
N ALA F 104 7.29 -39.09 31.94
CA ALA F 104 6.16 -39.67 32.67
C ALA F 104 6.27 -41.19 32.74
N GLU F 105 6.66 -41.83 31.63
CA GLU F 105 6.79 -43.29 31.63
C GLU F 105 7.86 -43.75 32.62
N GLU F 106 9.05 -43.15 32.56
CA GLU F 106 10.11 -43.55 33.49
C GLU F 106 9.75 -43.24 34.93
N HIS F 107 8.98 -42.18 35.18
CA HIS F 107 8.62 -41.89 36.57
C HIS F 107 7.55 -42.84 37.08
N THR F 108 6.64 -43.31 36.21
CA THR F 108 5.74 -44.38 36.60
C THR F 108 6.52 -45.65 36.93
N ARG F 109 7.53 -45.97 36.11
CA ARG F 109 8.38 -47.12 36.40
C ARG F 109 9.06 -46.98 37.75
N GLU F 110 9.59 -45.79 38.05
CA GLU F 110 10.22 -45.55 39.34
C GLU F 110 9.22 -45.68 40.49
N ALA F 111 8.02 -45.13 40.32
CA ALA F 111 6.99 -45.21 41.36
C ALA F 111 6.50 -46.63 41.57
N SER F 112 6.68 -47.52 40.59
CA SER F 112 6.28 -48.91 40.78
C SER F 112 6.91 -49.52 42.03
N GLY F 113 8.17 -49.18 42.32
CA GLY F 113 8.86 -49.75 43.46
C GLY F 113 9.37 -48.74 44.47
N SER F 114 8.96 -47.48 44.32
CA SER F 114 9.45 -46.43 45.22
C SER F 114 8.81 -46.56 46.60
N GLU F 115 9.63 -46.46 47.64
CA GLU F 115 9.12 -46.54 49.01
C GLU F 115 8.36 -45.28 49.41
N ASP F 116 8.72 -44.12 48.85
CA ASP F 116 8.00 -42.88 49.06
C ASP F 116 7.83 -42.19 47.71
N VAL F 117 6.67 -41.57 47.51
CA VAL F 117 6.30 -41.05 46.20
C VAL F 117 6.05 -39.56 46.18
N GLY F 118 6.07 -38.88 47.33
CA GLY F 118 5.97 -37.43 47.31
C GLY F 118 7.16 -36.77 46.66
N LYS F 119 8.37 -37.21 47.02
CA LYS F 119 9.58 -36.67 46.41
C LYS F 119 9.65 -37.01 44.93
N LEU F 120 9.19 -38.21 44.55
CA LEU F 120 9.18 -38.58 43.15
C LEU F 120 8.15 -37.78 42.37
N ILE F 121 7.01 -37.46 42.99
CA ILE F 121 6.02 -36.59 42.36
C ILE F 121 6.61 -35.21 42.13
N ALA F 122 7.33 -34.68 43.12
CA ALA F 122 7.96 -33.37 42.96
C ALA F 122 9.01 -33.41 41.84
N ARG F 123 9.81 -34.48 41.80
CA ARG F 123 10.81 -34.60 40.74
C ARG F 123 10.16 -34.71 39.37
N LEU F 124 9.05 -35.44 39.27
CA LEU F 124 8.32 -35.53 38.01
C LEU F 124 7.77 -34.17 37.59
N ARG F 125 7.23 -33.42 38.56
CA ARG F 125 6.76 -32.06 38.28
C ARG F 125 7.89 -31.21 37.69
N GLU F 126 9.04 -31.19 38.37
CA GLU F 126 10.14 -30.35 37.92
C GLU F 126 10.66 -30.80 36.57
N LYS F 127 10.76 -32.10 36.34
CA LYS F 127 11.23 -32.61 35.06
C LYS F 127 10.27 -32.27 33.94
N TYR F 128 8.96 -32.34 34.19
CA TYR F 128 7.98 -32.00 33.17
C TYR F 128 8.05 -30.51 32.83
N ARG F 129 8.18 -29.66 33.86
CA ARG F 129 8.34 -28.23 33.60
C ARG F 129 9.60 -27.96 32.78
N GLU F 130 10.71 -28.61 33.13
CA GLU F 130 11.95 -28.41 32.38
C GLU F 130 11.81 -28.88 30.94
N ALA F 131 11.12 -30.00 30.73
CA ALA F 131 11.04 -30.59 29.40
C ALA F 131 10.11 -29.81 28.48
N LEU F 132 9.01 -29.28 29.01
CA LEU F 132 7.99 -28.70 28.14
C LEU F 132 7.96 -27.18 28.12
N ARG F 133 8.10 -26.53 29.27
CA ARG F 133 7.90 -25.09 29.36
C ARG F 133 9.19 -24.29 29.45
N GLN F 134 10.34 -24.93 29.26
CA GLN F 134 11.63 -24.25 29.38
C GLN F 134 12.29 -24.19 28.01
N GLY F 135 12.71 -22.99 27.60
CA GLY F 135 13.34 -22.79 26.32
C GLY F 135 12.39 -22.61 25.16
N ILE F 136 11.11 -22.37 25.41
CA ILE F 136 10.10 -22.21 24.37
C ILE F 136 9.02 -21.25 24.89
N LEU F 137 8.17 -20.80 23.97
CA LEU F 137 6.98 -20.05 24.36
C LEU F 137 5.95 -21.02 24.93
N ASP F 138 5.63 -20.87 26.20
CA ASP F 138 4.72 -21.81 26.87
C ASP F 138 3.37 -21.21 27.21
N SER F 139 3.27 -19.89 27.33
CA SER F 139 2.03 -19.24 27.71
C SER F 139 1.66 -18.18 26.68
N LYS F 140 0.38 -17.80 26.70
CA LYS F 140 -0.10 -16.72 25.85
C LYS F 140 0.53 -15.38 26.24
N GLU F 141 1.04 -15.26 27.46
CA GLU F 141 1.71 -14.04 27.88
C GLU F 141 3.01 -13.81 27.10
N ASP F 142 3.77 -14.88 26.86
CA ASP F 142 4.97 -14.75 26.04
C ASP F 142 4.60 -14.34 24.62
N VAL F 143 3.52 -14.90 24.09
CA VAL F 143 3.04 -14.53 22.76
C VAL F 143 2.67 -13.06 22.72
N ASP F 144 1.98 -12.58 23.76
CA ASP F 144 1.60 -11.18 23.80
C ASP F 144 2.81 -10.26 23.88
N VAL F 145 3.82 -10.64 24.66
CA VAL F 145 5.06 -9.87 24.71
C VAL F 145 5.71 -9.85 23.33
N LEU F 146 5.78 -11.00 22.68
CA LEU F 146 6.38 -11.09 21.35
C LEU F 146 5.67 -10.17 20.37
N LEU F 147 4.34 -10.23 20.33
CA LEU F 147 3.59 -9.45 19.35
C LEU F 147 3.59 -7.96 19.70
N LEU F 148 3.66 -7.62 20.98
CA LEU F 148 3.74 -6.21 21.36
C LEU F 148 5.09 -5.63 20.99
N ALA F 149 6.17 -6.40 21.12
CA ALA F 149 7.47 -5.92 20.66
C ALA F 149 7.54 -5.87 19.14
N TYR F 150 6.90 -6.83 18.47
CA TYR F 150 6.89 -6.84 17.01
C TYR F 150 6.11 -5.64 16.46
N GLU F 151 4.95 -5.34 17.03
CA GLU F 151 4.10 -4.28 16.51
C GLU F 151 4.76 -2.91 16.67
N LEU F 152 5.36 -2.66 17.83
CA LEU F 152 5.96 -1.36 18.12
C LEU F 152 7.37 -1.22 17.58
N ASP F 153 7.93 -2.26 16.96
CA ASP F 153 9.34 -2.32 16.62
C ASP F 153 10.19 -1.99 17.84
N GLY F 154 9.80 -2.60 18.97
CA GLY F 154 10.37 -2.26 20.26
C GLY F 154 11.45 -3.24 20.70
N VAL F 155 12.09 -2.88 21.81
CA VAL F 155 13.16 -3.69 22.40
C VAL F 155 12.54 -4.63 23.42
N LEU F 156 12.70 -5.93 23.18
CA LEU F 156 12.14 -6.95 24.07
C LEU F 156 13.12 -7.18 25.22
N VAL F 157 12.69 -6.86 26.43
CA VAL F 157 13.47 -7.08 27.64
C VAL F 157 12.85 -8.24 28.38
N SER F 158 13.58 -9.35 28.48
CA SER F 158 13.08 -10.53 29.16
C SER F 158 14.24 -11.43 29.55
N ALA F 159 14.03 -12.20 30.61
CA ALA F 159 14.99 -13.21 31.04
C ALA F 159 14.66 -14.61 30.53
N ASP F 160 13.47 -14.81 29.97
CA ASP F 160 13.09 -16.11 29.44
C ASP F 160 13.94 -16.40 28.22
N GLU F 161 14.54 -17.59 28.19
CA GLU F 161 15.39 -17.95 27.06
C GLU F 161 14.57 -18.30 25.82
N GLY F 162 13.41 -18.93 26.00
CA GLY F 162 12.54 -19.20 24.87
C GLY F 162 11.98 -17.92 24.25
N LEU F 163 11.59 -16.97 25.10
CA LEU F 163 11.12 -15.69 24.60
C LEU F 163 12.18 -15.00 23.76
N ARG F 164 13.41 -14.94 24.28
CA ARG F 164 14.50 -14.32 23.53
C ARG F 164 14.78 -15.06 22.24
N THR F 165 14.79 -16.39 22.29
CA THR F 165 15.12 -17.19 21.10
C THR F 165 14.08 -16.96 20.00
N TRP F 166 12.80 -17.04 20.35
CA TRP F 166 11.78 -16.90 19.31
C TRP F 166 11.59 -15.44 18.89
N ALA F 167 11.90 -14.48 19.76
CA ALA F 167 11.96 -13.09 19.33
C ALA F 167 13.09 -12.87 18.32
N ASP F 168 14.22 -13.54 18.53
CA ASP F 168 15.29 -13.48 17.55
C ASP F 168 14.86 -14.12 16.23
N LYS F 169 14.13 -15.23 16.31
CA LYS F 169 13.60 -15.84 15.09
C LYS F 169 12.62 -14.92 14.37
N ILE F 170 11.86 -14.12 15.13
CA ILE F 170 10.84 -13.26 14.54
C ILE F 170 11.38 -11.92 14.06
N GLY F 171 12.60 -11.56 14.42
CA GLY F 171 13.19 -10.30 13.99
C GLY F 171 13.08 -9.17 14.99
N ILE F 172 12.67 -9.44 16.23
CA ILE F 172 12.61 -8.41 17.25
C ILE F 172 14.03 -8.07 17.70
N LYS F 173 14.27 -6.79 18.01
CA LYS F 173 15.55 -6.40 18.58
C LYS F 173 15.56 -6.73 20.07
N LEU F 174 16.41 -7.68 20.45
CA LEU F 174 16.53 -8.11 21.84
C LEU F 174 17.47 -7.21 22.61
N ILE F 175 17.60 -7.50 23.91
CA ILE F 175 18.51 -6.79 24.77
C ILE F 175 18.87 -7.70 25.94
N ASP F 176 20.07 -7.52 26.47
CA ASP F 176 20.50 -8.31 27.61
C ASP F 176 19.81 -7.80 28.86
N PRO F 177 19.03 -8.63 29.57
CA PRO F 177 18.27 -8.12 30.72
C PRO F 177 19.13 -7.81 31.93
N LYS F 178 20.36 -8.31 31.99
CA LYS F 178 21.24 -7.98 33.11
C LYS F 178 21.80 -6.56 32.98
N ASN F 179 21.90 -6.05 31.77
CA ASN F 179 22.36 -4.68 31.52
C ASN F 179 21.22 -3.69 31.40
N PHE F 180 19.97 -4.15 31.50
CA PHE F 180 18.83 -3.28 31.23
C PHE F 180 18.74 -2.14 32.23
N LYS F 181 19.02 -2.43 33.51
CA LYS F 181 19.07 -1.36 34.51
C LYS F 181 20.16 -0.36 34.18
N ASN F 182 21.35 -0.85 33.80
CA ASN F 182 22.41 0.05 33.37
C ASN F 182 22.03 0.79 32.10
N ILE F 183 21.25 0.15 31.22
CA ILE F 183 20.80 0.84 30.00
C ILE F 183 19.91 2.02 30.36
N LEU F 184 18.98 1.82 31.29
CA LEU F 184 18.15 2.92 31.74
C LEU F 184 18.98 4.00 32.43
N GLU F 185 19.93 3.57 33.28
CA GLU F 185 20.75 4.53 34.01
C GLU F 185 21.56 5.42 33.08
N SER F 186 22.14 4.84 32.03
CA SER F 186 22.95 5.61 31.09
C SER F 186 22.11 6.30 30.02
N LEU F 187 20.84 5.92 29.86
CA LEU F 187 19.93 6.72 29.04
C LEU F 187 19.47 7.96 29.78
N VAL F 188 19.29 7.88 31.10
CA VAL F 188 19.05 9.07 31.90
C VAL F 188 20.32 9.91 31.97
N ARG F 189 21.48 9.26 32.09
CA ARG F 189 22.77 9.95 32.21
C ARG F 189 23.17 10.67 30.93
N HIS F 190 22.49 10.42 29.81
CA HIS F 190 22.80 11.08 28.55
C HIS F 190 22.53 12.58 28.64
N ASP G 2 -21.47 -12.93 -9.52
CA ASP G 2 -20.33 -13.82 -9.73
C ASP G 2 -19.95 -14.52 -8.43
N VAL G 3 -20.12 -13.83 -7.32
CA VAL G 3 -19.81 -14.37 -5.99
C VAL G 3 -21.06 -14.20 -5.14
N PHE G 4 -21.72 -15.31 -4.82
CA PHE G 4 -22.90 -15.31 -3.98
C PHE G 4 -22.55 -15.92 -2.62
N VAL G 5 -22.83 -15.18 -1.56
CA VAL G 5 -22.61 -15.66 -0.20
C VAL G 5 -23.95 -16.09 0.37
N LEU G 6 -24.06 -17.38 0.68
CA LEU G 6 -25.33 -18.01 1.01
C LEU G 6 -25.53 -18.08 2.52
N ASP G 7 -26.76 -17.83 2.96
CA ASP G 7 -27.14 -17.95 4.35
C ASP G 7 -27.90 -19.26 4.57
N THR G 8 -28.39 -19.44 5.79
CA THR G 8 -29.21 -20.61 6.11
C THR G 8 -30.62 -20.50 5.55
N SER G 9 -31.14 -19.28 5.40
CA SER G 9 -32.51 -19.10 4.93
C SER G 9 -32.68 -19.56 3.49
N VAL G 10 -31.58 -19.61 2.72
CA VAL G 10 -31.68 -19.99 1.32
C VAL G 10 -32.18 -21.43 1.18
N PHE G 11 -31.92 -22.27 2.18
CA PHE G 11 -32.32 -23.67 2.12
C PHE G 11 -33.14 -24.12 3.32
N THR G 12 -33.47 -23.21 4.25
CA THR G 12 -34.19 -23.61 5.45
C THR G 12 -35.44 -22.77 5.67
N ASN G 13 -35.46 -21.55 5.14
CA ASN G 13 -36.65 -20.71 5.26
C ASN G 13 -37.80 -21.35 4.48
N PRO G 14 -39.01 -21.37 5.04
CA PRO G 14 -40.11 -22.12 4.40
C PRO G 14 -40.52 -21.58 3.04
N GLU G 15 -40.11 -20.37 2.68
CA GLU G 15 -40.50 -19.77 1.41
C GLU G 15 -39.42 -19.91 0.34
N ILE G 16 -38.16 -19.70 0.69
CA ILE G 16 -37.10 -19.73 -0.32
C ILE G 16 -36.96 -21.12 -0.92
N TYR G 17 -36.99 -22.16 -0.08
CA TYR G 17 -36.95 -23.51 -0.63
C TYR G 17 -38.26 -23.85 -1.34
N ARG G 18 -39.35 -23.14 -1.00
CA ARG G 18 -40.60 -23.34 -1.72
C ARG G 18 -40.51 -22.83 -3.15
N THR G 19 -39.82 -21.70 -3.36
CA THR G 19 -39.61 -21.23 -4.72
C THR G 19 -38.77 -22.22 -5.53
N PHE G 20 -37.75 -22.80 -4.90
CA PHE G 20 -36.86 -23.70 -5.62
C PHE G 20 -37.59 -24.98 -6.03
N GLU G 21 -38.24 -25.63 -5.07
CA GLU G 21 -38.93 -26.89 -5.31
C GLU G 21 -39.90 -27.16 -4.17
N GLU G 22 -40.43 -28.38 -4.08
CA GLU G 22 -41.27 -28.78 -2.97
C GLU G 22 -40.42 -29.42 -1.89
N ASP G 23 -40.63 -29.01 -0.63
CA ASP G 23 -40.00 -29.60 0.55
C ASP G 23 -38.52 -29.23 0.63
N GLN G 24 -37.95 -29.25 1.83
CA GLN G 24 -36.55 -28.87 2.02
C GLN G 24 -35.63 -29.75 1.19
N ARG G 25 -35.81 -31.07 1.26
CA ARG G 25 -35.10 -31.96 0.35
C ARG G 25 -35.60 -31.76 -1.07
N GLY G 26 -34.70 -31.91 -2.03
CA GLY G 26 -35.03 -31.68 -3.42
C GLY G 26 -34.87 -30.23 -3.82
N ALA G 27 -35.28 -29.31 -2.94
CA ALA G 27 -35.02 -27.90 -3.18
C ALA G 27 -33.52 -27.63 -3.27
N MET G 28 -32.76 -28.16 -2.31
CA MET G 28 -31.31 -28.04 -2.37
C MET G 28 -30.73 -28.80 -3.57
N GLU G 29 -31.40 -29.88 -4.00
CA GLU G 29 -30.95 -30.63 -5.16
C GLU G 29 -31.04 -29.78 -6.43
N THR G 30 -32.19 -29.15 -6.66
CA THR G 30 -32.33 -28.27 -7.81
C THR G 30 -31.46 -27.02 -7.66
N PHE G 31 -31.24 -26.56 -6.43
CA PHE G 31 -30.30 -25.47 -6.23
C PHE G 31 -28.90 -25.87 -6.67
N ILE G 32 -28.48 -27.09 -6.36
CA ILE G 32 -27.18 -27.58 -6.83
C ILE G 32 -27.16 -27.65 -8.35
N HIS G 33 -28.21 -28.22 -8.94
CA HIS G 33 -28.32 -28.29 -10.40
C HIS G 33 -28.12 -26.92 -11.04
N LEU G 34 -28.74 -25.90 -10.48
CA LEU G 34 -28.63 -24.55 -11.02
C LEU G 34 -27.37 -23.82 -10.55
N ALA G 35 -26.66 -24.35 -9.58
CA ALA G 35 -25.46 -23.70 -9.05
C ALA G 35 -24.17 -24.18 -9.69
N LEU G 36 -24.06 -25.47 -10.02
CA LEU G 36 -22.93 -25.95 -10.79
C LEU G 36 -23.08 -25.67 -12.28
N ASN G 37 -24.01 -24.80 -12.65
CA ASN G 37 -24.30 -24.48 -14.04
C ASN G 37 -24.19 -23.00 -14.36
N SER G 38 -23.89 -22.15 -13.36
CA SER G 38 -23.90 -20.71 -13.53
C SER G 38 -22.53 -20.07 -13.56
N ARG G 39 -21.47 -20.81 -13.22
CA ARG G 39 -20.09 -20.34 -13.13
C ARG G 39 -19.86 -19.37 -11.98
N ALA G 40 -20.90 -19.03 -11.22
CA ALA G 40 -20.74 -18.16 -10.07
C ALA G 40 -20.04 -18.90 -8.93
N GLU G 41 -19.49 -18.12 -8.00
CA GLU G 41 -18.78 -18.66 -6.85
C GLU G 41 -19.68 -18.56 -5.63
N PHE G 42 -20.26 -19.69 -5.24
CA PHE G 42 -21.16 -19.72 -4.10
C PHE G 42 -20.38 -20.04 -2.83
N TYR G 43 -20.69 -19.29 -1.77
CA TYR G 43 -19.96 -19.40 -0.51
C TYR G 43 -20.94 -19.38 0.66
N MET G 44 -20.54 -20.00 1.76
CA MET G 44 -21.28 -19.87 3.00
C MET G 44 -20.32 -20.11 4.16
N PRO G 45 -20.42 -19.34 5.24
CA PRO G 45 -19.51 -19.54 6.37
C PRO G 45 -19.69 -20.89 7.02
N THR G 46 -18.60 -21.38 7.62
CA THR G 46 -18.61 -22.72 8.21
C THR G 46 -19.57 -22.82 9.39
N SER G 47 -19.65 -21.78 10.21
CA SER G 47 -20.59 -21.79 11.33
C SER G 47 -22.03 -21.87 10.85
N VAL G 48 -22.37 -21.08 9.84
CA VAL G 48 -23.71 -21.12 9.26
C VAL G 48 -23.99 -22.51 8.71
N TYR G 49 -23.00 -23.12 8.06
CA TYR G 49 -23.15 -24.47 7.55
C TYR G 49 -23.42 -25.47 8.66
N THR G 50 -22.67 -25.39 9.75
CA THR G 50 -22.82 -26.36 10.83
C THR G 50 -24.17 -26.23 11.50
N GLU G 51 -24.59 -25.00 11.79
CA GLU G 51 -25.91 -24.81 12.41
C GLU G 51 -27.05 -25.16 11.45
N MET G 52 -26.89 -24.89 10.15
CA MET G 52 -27.93 -25.28 9.21
C MET G 52 -28.04 -26.79 9.10
N ARG G 53 -26.90 -27.49 9.07
CA ARG G 53 -26.93 -28.95 9.10
C ARG G 53 -27.52 -29.48 10.40
N LYS G 54 -27.31 -28.75 11.50
CA LYS G 54 -27.93 -29.10 12.76
C LYS G 54 -29.43 -28.87 12.75
N ILE G 55 -29.90 -27.95 11.92
CA ILE G 55 -31.35 -27.72 11.77
C ILE G 55 -31.96 -28.72 10.78
N MET G 56 -31.38 -28.85 9.59
CA MET G 56 -31.86 -29.79 8.59
C MET G 56 -30.80 -30.86 8.35
N ASP G 57 -31.22 -32.12 8.33
CA ASP G 57 -30.32 -33.26 8.37
C ASP G 57 -30.60 -34.22 7.23
N VAL G 58 -30.61 -33.68 6.00
CA VAL G 58 -30.73 -34.47 4.79
C VAL G 58 -29.49 -35.37 4.71
N GLY G 59 -29.56 -36.44 3.91
CA GLY G 59 -28.50 -37.43 3.90
C GLY G 59 -27.42 -37.20 2.88
N GLU G 60 -27.42 -37.96 1.78
CA GLU G 60 -26.34 -37.94 0.82
C GLU G 60 -26.23 -36.62 0.06
N LEU G 61 -27.25 -35.76 0.11
CA LEU G 61 -27.23 -34.50 -0.63
C LEU G 61 -26.04 -33.63 -0.24
N TRP G 62 -25.59 -33.71 1.02
CA TRP G 62 -24.44 -32.93 1.44
C TRP G 62 -23.20 -33.26 0.61
N ALA G 63 -23.11 -34.49 0.10
CA ALA G 63 -21.93 -34.88 -0.66
C ALA G 63 -21.75 -34.03 -1.91
N GLU G 64 -22.83 -33.83 -2.68
CA GLU G 64 -22.71 -32.95 -3.84
C GLU G 64 -22.93 -31.49 -3.47
N PHE G 65 -23.42 -31.22 -2.26
CA PHE G 65 -23.54 -29.84 -1.80
C PHE G 65 -22.20 -29.25 -1.43
N GLU G 66 -21.27 -30.08 -0.92
CA GLU G 66 -19.95 -29.57 -0.55
C GLU G 66 -19.14 -29.15 -1.78
N MET G 67 -19.47 -29.70 -2.95
CA MET G 67 -18.72 -29.38 -4.16
C MET G 67 -18.96 -27.94 -4.59
N VAL G 68 -20.22 -27.51 -4.61
CA VAL G 68 -20.56 -26.20 -5.17
C VAL G 68 -20.30 -25.10 -4.15
N VAL G 69 -20.90 -25.20 -2.98
CA VAL G 69 -20.76 -24.16 -1.96
C VAL G 69 -19.44 -24.34 -1.24
N LYS G 70 -18.63 -23.29 -1.23
CA LYS G 70 -17.30 -23.32 -0.63
C LYS G 70 -17.45 -22.95 0.84
N ILE G 71 -17.49 -23.96 1.70
CA ILE G 71 -17.65 -23.75 3.14
C ILE G 71 -16.36 -23.17 3.68
N ARG G 72 -16.44 -21.98 4.27
CA ARG G 72 -15.25 -21.21 4.60
C ARG G 72 -15.60 -20.12 5.60
N SER G 73 -14.91 -20.11 6.72
CA SER G 73 -15.12 -19.01 7.66
C SER G 73 -14.43 -17.75 7.15
N PRO G 74 -15.00 -16.57 7.42
CA PRO G 74 -14.33 -15.33 7.00
C PRO G 74 -13.00 -15.16 7.73
N ARG G 75 -12.05 -14.52 7.03
CA ARG G 75 -10.74 -14.22 7.61
C ARG G 75 -10.88 -12.95 8.44
N ARG G 76 -11.46 -13.11 9.62
CA ARG G 76 -11.76 -11.97 10.49
C ARG G 76 -10.52 -11.24 10.95
N PHE G 77 -9.36 -11.88 10.91
CA PHE G 77 -8.12 -11.21 11.29
C PHE G 77 -7.74 -10.14 10.28
N GLN G 78 -7.99 -10.37 8.99
CA GLN G 78 -7.68 -9.43 7.94
C GLN G 78 -8.87 -8.56 7.56
N LEU G 79 -9.96 -8.65 8.30
CA LEU G 79 -11.17 -7.88 8.04
C LEU G 79 -11.39 -6.85 9.13
N THR G 80 -11.99 -5.73 8.74
CA THR G 80 -12.34 -4.67 9.67
C THR G 80 -13.77 -4.20 9.38
N VAL G 81 -14.40 -3.64 10.39
CA VAL G 81 -15.76 -3.13 10.24
C VAL G 81 -15.78 -1.68 10.73
N PRO G 82 -16.57 -0.82 10.09
CA PRO G 82 -16.63 0.59 10.51
C PRO G 82 -17.09 0.74 11.95
N ALA G 83 -16.56 1.79 12.60
CA ALA G 83 -16.95 2.12 13.96
C ALA G 83 -18.44 2.46 14.05
N ASP G 84 -18.94 3.22 13.08
CA ASP G 84 -20.36 3.62 13.10
C ASP G 84 -21.28 2.42 13.01
N PHE G 85 -20.84 1.35 12.33
CA PHE G 85 -21.64 0.14 12.26
C PHE G 85 -21.88 -0.45 13.64
N LEU G 86 -20.80 -0.65 14.40
CA LEU G 86 -20.93 -1.19 15.76
C LEU G 86 -21.69 -0.23 16.66
N TYR G 87 -21.47 1.07 16.48
CA TYR G 87 -22.20 2.07 17.25
C TYR G 87 -23.71 1.93 17.05
N GLU G 88 -24.14 1.87 15.79
CA GLU G 88 -25.57 1.73 15.49
C GLU G 88 -26.11 0.41 16.02
N PHE G 89 -25.33 -0.67 15.87
CA PHE G 89 -25.78 -1.96 16.35
C PHE G 89 -26.05 -1.94 17.85
N ILE G 90 -25.10 -1.41 18.62
CA ILE G 90 -25.26 -1.37 20.07
C ILE G 90 -26.41 -0.44 20.45
N GLU G 91 -26.54 0.69 19.76
CA GLU G 91 -27.59 1.64 20.09
C GLU G 91 -28.98 1.04 19.88
N GLU G 92 -29.18 0.32 18.77
CA GLU G 92 -30.49 -0.29 18.53
C GLU G 92 -30.71 -1.48 19.45
N LEU G 93 -29.65 -2.23 19.73
CA LEU G 93 -29.77 -3.39 20.61
C LEU G 93 -30.16 -3.00 22.02
N ARG G 94 -29.73 -1.83 22.48
CA ARG G 94 -30.17 -1.37 23.80
C ARG G 94 -31.68 -1.19 23.84
N TYR G 95 -32.25 -0.59 22.80
CA TYR G 95 -33.70 -0.45 22.72
C TYR G 95 -34.38 -1.81 22.71
N ARG G 96 -33.84 -2.76 21.94
CA ARG G 96 -34.45 -4.08 21.88
C ARG G 96 -34.40 -4.78 23.23
N ILE G 97 -33.30 -4.63 23.96
CA ILE G 97 -33.17 -5.25 25.27
C ILE G 97 -34.18 -4.64 26.25
N ASN G 98 -34.33 -3.32 26.21
CA ASN G 98 -35.33 -2.69 27.07
C ASN G 98 -36.74 -3.15 26.72
N LYS G 99 -37.02 -3.33 25.43
CA LYS G 99 -38.31 -3.86 25.01
C LYS G 99 -38.54 -5.26 25.56
N GLY G 100 -37.51 -6.11 25.51
CA GLY G 100 -37.64 -7.44 26.07
C GLY G 100 -37.89 -7.43 27.56
N LEU G 101 -37.21 -6.53 28.28
CA LEU G 101 -37.45 -6.40 29.72
C LEU G 101 -38.89 -5.96 29.98
N ARG G 102 -39.40 -5.02 29.18
CA ARG G 102 -40.80 -4.61 29.32
C ARG G 102 -41.74 -5.78 29.11
N ILE G 103 -41.49 -6.58 28.08
CA ILE G 103 -42.34 -7.74 27.80
C ILE G 103 -42.30 -8.71 28.97
N ALA G 104 -41.11 -8.93 29.53
CA ALA G 104 -40.98 -9.81 30.69
C ALA G 104 -41.81 -9.30 31.86
N GLU G 105 -41.76 -7.99 32.14
CA GLU G 105 -42.52 -7.43 33.24
C GLU G 105 -44.03 -7.61 33.02
N GLU G 106 -44.50 -7.31 31.82
CA GLU G 106 -45.93 -7.44 31.55
C GLU G 106 -46.39 -8.89 31.66
N HIS G 107 -45.57 -9.83 31.17
CA HIS G 107 -45.98 -11.24 31.25
C HIS G 107 -45.95 -11.74 32.68
N THR G 108 -44.98 -11.30 33.49
CA THR G 108 -44.98 -11.67 34.90
C THR G 108 -46.23 -11.16 35.60
N ARG G 109 -46.58 -9.90 35.35
CA ARG G 109 -47.77 -9.32 35.97
C ARG G 109 -49.05 -10.00 35.51
N GLU G 110 -49.10 -10.40 34.23
CA GLU G 110 -50.27 -11.11 33.73
C GLU G 110 -50.38 -12.49 34.32
N ALA G 111 -49.25 -13.20 34.44
CA ALA G 111 -49.26 -14.52 35.07
C ALA G 111 -49.58 -14.46 36.55
N SER G 112 -49.33 -13.32 37.19
CA SER G 112 -49.75 -13.16 38.58
C SER G 112 -51.25 -13.42 38.76
N GLY G 113 -52.04 -13.14 37.73
CA GLY G 113 -53.47 -13.39 37.78
C GLY G 113 -53.98 -14.25 36.65
N SER G 114 -53.21 -15.27 36.25
CA SER G 114 -53.56 -16.13 35.14
C SER G 114 -53.51 -17.59 35.57
N GLU G 115 -54.22 -18.43 34.82
CA GLU G 115 -54.32 -19.85 35.12
C GLU G 115 -53.55 -20.73 34.15
N ASP G 116 -53.53 -20.40 32.86
CA ASP G 116 -52.80 -21.19 31.87
C ASP G 116 -51.40 -20.59 31.68
N VAL G 117 -50.55 -20.86 32.67
CA VAL G 117 -49.23 -20.25 32.72
C VAL G 117 -48.28 -20.82 31.67
N GLY G 118 -48.51 -22.06 31.23
CA GLY G 118 -47.68 -22.61 30.17
C GLY G 118 -47.82 -21.85 28.86
N LYS G 119 -49.06 -21.58 28.44
CA LYS G 119 -49.25 -20.80 27.23
C LYS G 119 -48.78 -19.37 27.41
N LEU G 120 -48.87 -18.83 28.63
CA LEU G 120 -48.30 -17.52 28.91
C LEU G 120 -46.79 -17.53 28.71
N ILE G 121 -46.13 -18.61 29.16
CA ILE G 121 -44.69 -18.76 28.93
C ILE G 121 -44.40 -18.84 27.44
N ALA G 122 -45.23 -19.55 26.70
CA ALA G 122 -45.03 -19.64 25.25
C ALA G 122 -45.13 -18.28 24.58
N ARG G 123 -46.15 -17.50 24.97
CA ARG G 123 -46.30 -16.15 24.42
C ARG G 123 -45.12 -15.26 24.82
N LEU G 124 -44.62 -15.40 26.05
CA LEU G 124 -43.45 -14.64 26.46
C LEU G 124 -42.23 -15.02 25.62
N ARG G 125 -42.06 -16.31 25.37
CA ARG G 125 -40.98 -16.76 24.50
C ARG G 125 -41.07 -16.11 23.12
N GLU G 126 -42.26 -16.17 22.52
CA GLU G 126 -42.44 -15.63 21.17
C GLU G 126 -42.19 -14.12 21.14
N LYS G 127 -42.73 -13.40 22.12
CA LYS G 127 -42.57 -11.95 22.12
C LYS G 127 -41.13 -11.54 22.40
N TYR G 128 -40.44 -12.25 23.28
CA TYR G 128 -39.04 -11.95 23.54
C TYR G 128 -38.19 -12.21 22.30
N ARG G 129 -38.40 -13.35 21.65
CA ARG G 129 -37.66 -13.66 20.43
C ARG G 129 -37.93 -12.65 19.33
N GLU G 130 -39.18 -12.17 19.24
CA GLU G 130 -39.49 -11.15 18.24
C GLU G 130 -38.83 -9.82 18.57
N ALA G 131 -38.87 -9.41 19.85
CA ALA G 131 -38.38 -8.10 20.24
C ALA G 131 -36.86 -8.01 20.27
N LEU G 132 -36.15 -9.12 20.42
CA LEU G 132 -34.70 -9.06 20.56
C LEU G 132 -33.92 -9.59 19.36
N ARG G 133 -34.56 -10.38 18.49
CA ARG G 133 -33.83 -11.03 17.41
C ARG G 133 -34.43 -10.81 16.02
N GLN G 134 -35.59 -10.18 15.90
CA GLN G 134 -36.21 -9.91 14.61
C GLN G 134 -35.84 -8.51 14.14
N GLY G 135 -35.21 -8.43 12.97
CA GLY G 135 -34.78 -7.14 12.44
C GLY G 135 -33.39 -6.72 12.83
N ILE G 136 -32.56 -7.63 13.34
CA ILE G 136 -31.19 -7.32 13.73
C ILE G 136 -30.39 -8.60 13.70
N LEU G 137 -29.07 -8.48 13.58
CA LEU G 137 -28.19 -9.64 13.63
C LEU G 137 -28.19 -10.22 15.04
N ASP G 138 -28.63 -11.47 15.19
CA ASP G 138 -28.77 -12.11 16.49
C ASP G 138 -27.66 -13.11 16.80
N SER G 139 -27.31 -13.97 15.85
CA SER G 139 -26.30 -14.99 16.06
C SER G 139 -25.00 -14.62 15.38
N LYS G 140 -23.92 -15.30 15.77
CA LYS G 140 -22.65 -15.14 15.08
C LYS G 140 -22.70 -15.68 13.67
N GLU G 141 -23.72 -16.47 13.34
CA GLU G 141 -23.95 -16.88 11.96
C GLU G 141 -24.17 -15.67 11.07
N ASP G 142 -24.97 -14.70 11.54
CA ASP G 142 -25.25 -13.50 10.76
C ASP G 142 -23.97 -12.70 10.53
N VAL G 143 -23.16 -12.53 11.58
CA VAL G 143 -21.91 -11.80 11.45
C VAL G 143 -20.98 -12.51 10.48
N ASP G 144 -20.95 -13.84 10.54
CA ASP G 144 -20.09 -14.59 9.62
C ASP G 144 -20.53 -14.40 8.18
N VAL G 145 -21.84 -14.44 7.92
CA VAL G 145 -22.34 -14.19 6.56
C VAL G 145 -21.96 -12.79 6.11
N LEU G 146 -22.14 -11.80 7.00
CA LEU G 146 -21.85 -10.42 6.65
C LEU G 146 -20.38 -10.25 6.28
N LEU G 147 -19.49 -10.84 7.07
CA LEU G 147 -18.06 -10.66 6.83
C LEU G 147 -17.60 -11.46 5.60
N LEU G 148 -18.19 -12.64 5.38
CA LEU G 148 -17.85 -13.41 4.20
C LEU G 148 -18.29 -12.69 2.93
N ALA G 149 -19.45 -12.03 2.97
CA ALA G 149 -19.87 -11.22 1.82
C ALA G 149 -19.02 -9.96 1.68
N TYR G 150 -18.59 -9.38 2.80
CA TYR G 150 -17.81 -8.15 2.75
C TYR G 150 -16.43 -8.39 2.15
N GLU G 151 -15.76 -9.45 2.61
CA GLU G 151 -14.39 -9.70 2.16
C GLU G 151 -14.34 -10.13 0.70
N LEU G 152 -15.29 -10.97 0.27
CA LEU G 152 -15.33 -11.43 -1.11
C LEU G 152 -15.95 -10.43 -2.06
N ASP G 153 -16.49 -9.32 -1.54
CA ASP G 153 -17.32 -8.41 -2.32
C ASP G 153 -18.44 -9.17 -3.03
N GLY G 154 -19.05 -10.11 -2.30
CA GLY G 154 -20.03 -11.00 -2.86
C GLY G 154 -21.46 -10.51 -2.65
N VAL G 155 -22.39 -11.35 -3.10
CA VAL G 155 -23.81 -11.04 -3.07
C VAL G 155 -24.44 -11.84 -1.93
N LEU G 156 -24.92 -11.14 -0.91
CA LEU G 156 -25.57 -11.78 0.22
C LEU G 156 -26.98 -12.20 -0.17
N VAL G 157 -27.31 -13.46 0.09
CA VAL G 157 -28.63 -14.02 -0.21
C VAL G 157 -29.22 -14.50 1.10
N SER G 158 -30.23 -13.80 1.60
CA SER G 158 -30.89 -14.18 2.84
C SER G 158 -32.26 -13.53 2.91
N ALA G 159 -33.18 -14.20 3.60
CA ALA G 159 -34.51 -13.67 3.89
C ALA G 159 -34.59 -13.08 5.28
N ASP G 160 -33.46 -12.77 5.90
CA ASP G 160 -33.41 -12.21 7.24
C ASP G 160 -33.35 -10.70 7.13
N GLU G 161 -34.33 -10.02 7.71
CA GLU G 161 -34.36 -8.56 7.63
C GLU G 161 -33.19 -7.94 8.36
N GLY G 162 -32.72 -8.56 9.45
CA GLY G 162 -31.51 -8.08 10.09
C GLY G 162 -30.30 -8.20 9.18
N LEU G 163 -30.15 -9.37 8.54
CA LEU G 163 -29.04 -9.59 7.62
C LEU G 163 -29.05 -8.55 6.51
N ARG G 164 -30.21 -8.34 5.88
CA ARG G 164 -30.29 -7.43 4.75
C ARG G 164 -30.09 -5.99 5.18
N THR G 165 -30.75 -5.57 6.27
CA THR G 165 -30.66 -4.18 6.69
C THR G 165 -29.30 -3.83 7.28
N TRP G 166 -28.50 -4.82 7.68
CA TRP G 166 -27.15 -4.51 8.12
C TRP G 166 -26.11 -4.71 7.03
N ALA G 167 -26.35 -5.61 6.08
CA ALA G 167 -25.53 -5.68 4.89
C ALA G 167 -25.64 -4.40 4.07
N ASP G 168 -26.84 -3.82 4.04
CA ASP G 168 -27.00 -2.52 3.38
C ASP G 168 -26.19 -1.43 4.07
N LYS G 169 -26.24 -1.40 5.41
CA LYS G 169 -25.47 -0.39 6.13
C LYS G 169 -23.97 -0.61 5.95
N ILE G 170 -23.54 -1.86 5.79
CA ILE G 170 -22.11 -2.15 5.72
C ILE G 170 -21.57 -2.08 4.30
N GLY G 171 -22.42 -2.21 3.28
CA GLY G 171 -21.98 -1.99 1.91
C GLY G 171 -21.91 -3.22 1.03
N ILE G 172 -22.66 -4.26 1.37
CA ILE G 172 -22.67 -5.51 0.63
C ILE G 172 -23.77 -5.47 -0.43
N LYS G 173 -23.44 -5.97 -1.63
CA LYS G 173 -24.42 -6.09 -2.69
C LYS G 173 -25.55 -7.01 -2.26
N LEU G 174 -26.73 -6.45 -2.04
CA LEU G 174 -27.89 -7.22 -1.62
C LEU G 174 -28.64 -7.74 -2.84
N ILE G 175 -29.50 -8.72 -2.60
CA ILE G 175 -30.27 -9.36 -3.65
C ILE G 175 -31.55 -9.90 -3.03
N ASP G 176 -32.61 -9.89 -3.81
CA ASP G 176 -33.89 -10.41 -3.31
C ASP G 176 -33.83 -11.93 -3.26
N PRO G 177 -33.97 -12.54 -2.08
CA PRO G 177 -33.86 -14.00 -2.01
C PRO G 177 -34.94 -14.74 -2.75
N LYS G 178 -36.07 -14.11 -3.05
CA LYS G 178 -37.15 -14.73 -3.80
C LYS G 178 -36.90 -14.75 -5.29
N ASN G 179 -35.96 -13.94 -5.79
CA ASN G 179 -35.62 -13.92 -7.20
C ASN G 179 -34.28 -14.57 -7.49
N PHE G 180 -33.63 -15.14 -6.47
CA PHE G 180 -32.26 -15.64 -6.65
C PHE G 180 -32.25 -16.94 -7.44
N LYS G 181 -33.32 -17.73 -7.37
CA LYS G 181 -33.44 -18.89 -8.25
C LYS G 181 -33.54 -18.45 -9.71
N ASN G 182 -34.36 -17.45 -10.00
CA ASN G 182 -34.46 -16.94 -11.36
C ASN G 182 -33.14 -16.33 -11.81
N ILE G 183 -32.41 -15.71 -10.87
CA ILE G 183 -31.08 -15.19 -11.19
C ILE G 183 -30.14 -16.32 -11.57
N LEU G 184 -30.20 -17.43 -10.84
CA LEU G 184 -29.40 -18.59 -11.22
C LEU G 184 -29.77 -19.09 -12.62
N GLU G 185 -31.07 -19.16 -12.92
CA GLU G 185 -31.51 -19.60 -14.24
C GLU G 185 -30.98 -18.68 -15.34
N SER G 186 -31.08 -17.37 -15.13
CA SER G 186 -30.65 -16.43 -16.16
C SER G 186 -29.14 -16.35 -16.26
N LEU G 187 -28.42 -16.70 -15.19
CA LEU G 187 -26.97 -16.80 -15.27
C LEU G 187 -26.55 -18.04 -16.03
N VAL G 188 -27.28 -19.14 -15.87
CA VAL G 188 -27.03 -20.32 -16.70
C VAL G 188 -27.32 -20.00 -18.16
N ARG G 189 -28.42 -19.32 -18.43
CA ARG G 189 -28.76 -18.91 -19.80
C ARG G 189 -28.37 -17.47 -20.06
N ASP H 2 0.73 11.96 26.82
CA ASP H 2 -0.28 11.26 27.59
C ASP H 2 -1.68 11.74 27.21
N VAL H 3 -2.59 10.79 26.98
CA VAL H 3 -3.99 11.09 26.69
C VAL H 3 -4.87 10.13 27.48
N PHE H 4 -5.80 10.68 28.27
CA PHE H 4 -6.75 9.88 29.05
C PHE H 4 -8.15 10.10 28.51
N VAL H 5 -8.82 9.02 28.13
CA VAL H 5 -10.20 9.06 27.68
C VAL H 5 -11.10 8.67 28.85
N LEU H 6 -11.87 9.63 29.35
CA LEU H 6 -12.65 9.45 30.56
C LEU H 6 -14.01 8.85 30.26
N ASP H 7 -14.54 8.13 31.24
CA ASP H 7 -15.86 7.54 31.19
C ASP H 7 -16.78 8.27 32.17
N THR H 8 -18.03 7.82 32.21
CA THR H 8 -18.98 8.32 33.21
C THR H 8 -18.66 7.79 34.60
N SER H 9 -18.10 6.57 34.68
CA SER H 9 -17.87 5.95 35.98
C SER H 9 -16.77 6.65 36.77
N VAL H 10 -15.91 7.41 36.09
CA VAL H 10 -14.81 8.10 36.78
C VAL H 10 -15.34 9.09 37.79
N PHE H 11 -16.51 9.66 37.54
CA PHE H 11 -17.08 10.69 38.40
C PHE H 11 -18.51 10.39 38.83
N THR H 12 -18.99 9.16 38.62
CA THR H 12 -20.36 8.81 39.01
C THR H 12 -20.36 7.54 39.85
N ASN H 13 -19.45 6.62 39.57
CA ASN H 13 -19.38 5.36 40.32
C ASN H 13 -18.78 5.62 41.70
N PRO H 14 -19.40 5.13 42.78
CA PRO H 14 -18.99 5.53 44.13
C PRO H 14 -17.52 5.32 44.46
N GLU H 15 -16.91 4.23 43.97
CA GLU H 15 -15.54 3.91 44.38
C GLU H 15 -14.54 4.94 43.85
N ILE H 16 -14.63 5.27 42.56
CA ILE H 16 -13.64 6.16 41.96
C ILE H 16 -13.77 7.58 42.51
N TYR H 17 -14.99 8.08 42.68
CA TYR H 17 -15.14 9.40 43.26
C TYR H 17 -14.99 9.37 44.77
N ARG H 18 -14.90 8.18 45.37
CA ARG H 18 -14.45 8.08 46.75
C ARG H 18 -12.94 8.16 46.87
N THR H 19 -12.21 7.58 45.91
CA THR H 19 -10.78 7.87 45.81
C THR H 19 -10.56 9.33 45.47
N PHE H 20 -11.37 9.88 44.57
CA PHE H 20 -11.33 11.30 44.23
C PHE H 20 -12.11 12.09 45.28
N GLU H 21 -11.51 12.18 46.48
CA GLU H 21 -12.10 12.92 47.59
C GLU H 21 -13.49 12.39 47.94
N GLU H 22 -14.40 13.27 48.35
CA GLU H 22 -15.71 12.85 48.82
C GLU H 22 -16.79 13.80 48.30
N ASP H 23 -18.04 13.40 48.50
CA ASP H 23 -19.27 14.13 48.29
C ASP H 23 -19.66 14.21 46.80
N GLN H 24 -18.79 13.78 45.88
CA GLN H 24 -19.06 13.70 44.44
C GLN H 24 -19.13 15.08 43.81
N ARG H 25 -19.14 16.14 44.63
CA ARG H 25 -19.06 17.49 44.07
C ARG H 25 -17.66 18.05 44.25
N GLY H 26 -17.04 17.80 45.40
CA GLY H 26 -15.62 18.05 45.53
C GLY H 26 -14.79 17.09 44.71
N ALA H 27 -15.37 15.93 44.36
CA ALA H 27 -14.65 14.95 43.54
C ALA H 27 -14.27 15.55 42.19
N MET H 28 -15.26 16.10 41.47
CA MET H 28 -15.00 16.71 40.18
C MET H 28 -14.07 17.92 40.33
N GLU H 29 -14.24 18.68 41.41
CA GLU H 29 -13.41 19.86 41.64
C GLU H 29 -11.94 19.47 41.74
N THR H 30 -11.66 18.49 42.61
CA THR H 30 -10.26 18.04 42.82
C THR H 30 -9.74 17.32 41.57
N PHE H 31 -10.59 16.55 40.88
CA PHE H 31 -10.16 15.90 39.61
C PHE H 31 -9.66 17.00 38.65
N ILE H 32 -10.54 17.93 38.29
CA ILE H 32 -10.15 19.05 37.38
C ILE H 32 -8.81 19.61 37.88
N HIS H 33 -8.71 19.89 39.18
CA HIS H 33 -7.44 20.39 39.76
C HIS H 33 -6.28 19.51 39.26
N LEU H 34 -6.29 18.23 39.63
CA LEU H 34 -5.23 17.33 39.20
C LEU H 34 -5.06 17.33 37.68
N ALA H 35 -6.14 17.58 36.94
CA ALA H 35 -6.07 17.58 35.48
C ALA H 35 -5.45 18.85 34.93
N LEU H 36 -5.63 19.99 35.61
CA LEU H 36 -5.11 21.26 35.09
C LEU H 36 -3.59 21.23 35.01
N ASN H 37 -2.92 20.84 36.09
CA ASN H 37 -1.47 20.72 36.10
C ASN H 37 -1.04 19.27 35.87
N SER H 38 -1.43 18.73 34.72
CA SER H 38 -1.01 17.38 34.35
C SER H 38 -0.50 17.33 32.91
N ARG H 39 -1.01 18.22 32.06
CA ARG H 39 -0.70 18.21 30.63
C ARG H 39 -1.00 16.83 30.01
N ALA H 40 -2.11 16.23 30.45
CA ALA H 40 -2.42 14.84 30.13
C ALA H 40 -3.53 14.68 29.10
N GLU H 41 -4.08 15.78 28.57
CA GLU H 41 -4.98 15.73 27.41
C GLU H 41 -6.17 14.80 27.64
N PHE H 42 -7.00 15.17 28.61
CA PHE H 42 -8.18 14.37 28.92
C PHE H 42 -9.26 14.55 27.87
N TYR H 43 -10.03 13.48 27.63
CA TYR H 43 -11.09 13.49 26.65
C TYR H 43 -12.31 12.78 27.19
N MET H 44 -13.47 13.09 26.60
CA MET H 44 -14.73 12.45 26.92
C MET H 44 -15.62 12.53 25.68
N PRO H 45 -16.23 11.43 25.27
CA PRO H 45 -17.17 11.50 24.15
C PRO H 45 -18.43 12.27 24.52
N THR H 46 -19.08 12.82 23.49
CA THR H 46 -20.23 13.69 23.71
C THR H 46 -21.41 12.93 24.30
N SER H 47 -21.66 11.71 23.82
CA SER H 47 -22.78 10.93 24.34
C SER H 47 -22.58 10.59 25.82
N VAL H 48 -21.37 10.23 26.20
CA VAL H 48 -21.08 9.96 27.60
C VAL H 48 -21.28 11.21 28.44
N TYR H 49 -20.90 12.37 27.91
CA TYR H 49 -21.11 13.62 28.63
C TYR H 49 -22.60 13.92 28.79
N THR H 50 -23.40 13.65 27.76
CA THR H 50 -24.84 13.87 27.85
C THR H 50 -25.47 12.96 28.90
N GLU H 51 -25.10 11.68 28.89
CA GLU H 51 -25.60 10.76 29.91
C GLU H 51 -25.13 11.16 31.30
N MET H 52 -23.91 11.68 31.39
CA MET H 52 -23.41 12.22 32.66
C MET H 52 -24.30 13.35 33.16
N ARG H 53 -24.58 14.33 32.30
CA ARG H 53 -25.43 15.44 32.70
C ARG H 53 -26.84 14.98 33.07
N LYS H 54 -27.32 13.92 32.40
CA LYS H 54 -28.61 13.34 32.78
C LYS H 54 -28.54 12.73 34.17
N ILE H 55 -27.47 11.99 34.47
CA ILE H 55 -27.39 11.25 35.73
C ILE H 55 -27.01 12.16 36.87
N MET H 56 -26.02 13.03 36.67
CA MET H 56 -25.56 13.95 37.70
C MET H 56 -25.62 15.37 37.18
N ASP H 57 -25.85 16.31 38.10
CA ASP H 57 -25.93 17.73 37.76
C ASP H 57 -25.40 18.53 38.95
N VAL H 58 -24.30 19.24 38.74
CA VAL H 58 -23.67 20.04 39.79
C VAL H 58 -23.98 21.52 39.66
N GLY H 59 -23.94 22.08 38.47
CA GLY H 59 -24.18 23.51 38.28
C GLY H 59 -22.97 24.19 37.64
N GLU H 60 -22.28 25.01 38.41
CA GLU H 60 -21.19 25.83 37.88
C GLU H 60 -19.85 25.10 37.86
N LEU H 61 -19.80 23.84 38.28
CA LEU H 61 -18.58 23.06 38.09
C LEU H 61 -18.42 22.63 36.63
N TRP H 62 -19.53 22.44 35.91
CA TRP H 62 -19.45 22.22 34.48
C TRP H 62 -18.84 23.39 33.74
N ALA H 63 -18.79 24.56 34.37
CA ALA H 63 -18.09 25.70 33.78
C ALA H 63 -16.61 25.39 33.60
N GLU H 64 -15.98 24.82 34.62
CA GLU H 64 -14.57 24.47 34.54
C GLU H 64 -14.33 23.05 34.08
N PHE H 65 -15.39 22.23 33.95
CA PHE H 65 -15.22 20.87 33.46
C PHE H 65 -14.85 20.85 31.98
N GLU H 66 -15.34 21.81 31.20
CA GLU H 66 -15.06 21.84 29.76
C GLU H 66 -13.64 22.29 29.44
N MET H 67 -13.00 23.05 30.34
CA MET H 67 -11.67 23.56 30.06
C MET H 67 -10.62 22.46 30.04
N VAL H 68 -10.71 21.50 30.96
CA VAL H 68 -9.73 20.43 31.05
C VAL H 68 -10.14 19.22 30.22
N VAL H 69 -11.37 18.75 30.41
CA VAL H 69 -11.87 17.62 29.63
C VAL H 69 -12.42 18.12 28.30
N LYS H 70 -11.96 17.52 27.21
CA LYS H 70 -12.39 17.90 25.87
C LYS H 70 -13.48 16.94 25.41
N ILE H 71 -14.63 17.47 25.04
CA ILE H 71 -15.81 16.66 24.70
C ILE H 71 -16.00 16.71 23.19
N ARG H 72 -15.92 15.55 22.56
CA ARG H 72 -16.08 15.43 21.12
C ARG H 72 -16.46 14.00 20.78
N SER H 73 -17.05 13.83 19.59
CA SER H 73 -17.40 12.50 19.14
C SER H 73 -16.16 11.76 18.65
N PRO H 74 -16.14 10.43 18.75
CA PRO H 74 -14.93 9.66 18.42
C PRO H 74 -14.53 9.67 16.95
N ARG H 75 -15.24 10.41 16.10
CA ARG H 75 -14.94 10.48 14.66
C ARG H 75 -15.00 9.09 14.02
N ARG H 76 -16.20 8.49 14.08
CA ARG H 76 -16.37 7.10 13.71
C ARG H 76 -16.27 6.86 12.20
N PHE H 77 -16.33 7.91 11.38
CA PHE H 77 -16.27 7.70 9.94
C PHE H 77 -14.87 7.25 9.50
N GLN H 78 -13.83 7.79 10.12
CA GLN H 78 -12.46 7.44 9.80
C GLN H 78 -11.94 6.29 10.65
N LEU H 79 -12.75 5.76 11.55
CA LEU H 79 -12.35 4.66 12.42
C LEU H 79 -12.89 3.34 11.89
N THR H 80 -12.21 2.27 12.27
CA THR H 80 -12.58 0.91 11.90
C THR H 80 -12.37 0.00 13.11
N VAL H 81 -13.09 -1.11 13.12
CA VAL H 81 -13.00 -2.04 14.24
C VAL H 81 -12.82 -3.46 13.69
N PRO H 82 -12.07 -4.32 14.36
CA PRO H 82 -11.85 -5.67 13.85
C PRO H 82 -13.14 -6.46 13.74
N ALA H 83 -13.18 -7.33 12.72
CA ALA H 83 -14.35 -8.19 12.52
C ALA H 83 -14.52 -9.19 13.67
N ASP H 84 -13.40 -9.72 14.17
CA ASP H 84 -13.47 -10.68 15.27
C ASP H 84 -14.07 -10.06 16.51
N PHE H 85 -13.87 -8.76 16.71
CA PHE H 85 -14.49 -8.05 17.83
C PHE H 85 -16.00 -8.13 17.74
N LEU H 86 -16.56 -7.82 16.57
CA LEU H 86 -18.01 -7.89 16.38
C LEU H 86 -18.51 -9.33 16.53
N TYR H 87 -17.75 -10.29 16.01
CA TYR H 87 -18.12 -11.70 16.14
C TYR H 87 -18.24 -12.11 17.60
N GLU H 88 -17.20 -11.83 18.39
CA GLU H 88 -17.22 -12.18 19.81
C GLU H 88 -18.34 -11.46 20.55
N PHE H 89 -18.53 -10.17 20.25
CA PHE H 89 -19.60 -9.42 20.92
C PHE H 89 -20.96 -10.02 20.63
N ILE H 90 -21.22 -10.38 19.38
CA ILE H 90 -22.51 -10.92 19.01
C ILE H 90 -22.75 -12.27 19.68
N GLU H 91 -21.72 -13.12 19.72
CA GLU H 91 -21.91 -14.44 20.34
C GLU H 91 -22.16 -14.31 21.84
N GLU H 92 -21.37 -13.48 22.53
CA GLU H 92 -21.57 -13.31 23.96
C GLU H 92 -22.94 -12.68 24.25
N LEU H 93 -23.35 -11.74 23.40
CA LEU H 93 -24.65 -11.11 23.56
C LEU H 93 -25.78 -12.10 23.35
N ARG H 94 -25.63 -13.02 22.40
CA ARG H 94 -26.64 -14.06 22.22
C ARG H 94 -26.77 -14.91 23.48
N TYR H 95 -25.62 -15.29 24.06
CA TYR H 95 -25.65 -16.02 25.32
C TYR H 95 -26.42 -15.25 26.40
N ARG H 96 -26.11 -13.96 26.55
CA ARG H 96 -26.72 -13.16 27.59
C ARG H 96 -28.21 -12.96 27.35
N ILE H 97 -28.62 -12.83 26.09
CA ILE H 97 -30.04 -12.69 25.77
C ILE H 97 -30.79 -13.96 26.14
N ASN H 98 -30.20 -15.12 25.85
CA ASN H 98 -30.83 -16.37 26.24
C ASN H 98 -30.96 -16.48 27.76
N LYS H 99 -29.91 -16.08 28.50
CA LYS H 99 -30.00 -16.08 29.95
C LYS H 99 -31.09 -15.14 30.46
N GLY H 100 -31.23 -13.96 29.84
CA GLY H 100 -32.28 -13.05 30.24
C GLY H 100 -33.67 -13.61 30.00
N LEU H 101 -33.85 -14.30 28.87
CA LEU H 101 -35.13 -14.95 28.60
C LEU H 101 -35.42 -16.03 29.62
N ARG H 102 -34.40 -16.80 30.01
CA ARG H 102 -34.58 -17.79 31.07
C ARG H 102 -35.00 -17.13 32.38
N ILE H 103 -34.37 -16.00 32.73
CA ILE H 103 -34.73 -15.28 33.94
C ILE H 103 -36.18 -14.83 33.88
N ALA H 104 -36.60 -14.30 32.73
CA ALA H 104 -37.99 -13.84 32.57
C ALA H 104 -38.97 -15.00 32.73
N GLU H 105 -38.69 -16.13 32.09
CA GLU H 105 -39.61 -17.27 32.13
C GLU H 105 -39.55 -18.02 33.45
N GLU H 106 -38.55 -17.77 34.28
CA GLU H 106 -38.54 -18.26 35.66
C GLU H 106 -39.33 -17.34 36.60
N HIS H 107 -39.20 -16.03 36.41
CA HIS H 107 -39.94 -15.10 37.27
C HIS H 107 -41.43 -15.13 36.95
N THR H 108 -41.81 -15.37 35.69
CA THR H 108 -43.22 -15.53 35.38
C THR H 108 -43.80 -16.75 36.11
N ARG H 109 -43.06 -17.86 36.11
CA ARG H 109 -43.53 -19.06 36.80
C ARG H 109 -43.62 -18.81 38.31
N GLU H 110 -42.64 -18.13 38.88
CA GLU H 110 -42.71 -17.88 40.32
C GLU H 110 -43.79 -16.85 40.66
N ALA H 111 -44.19 -16.02 39.70
CA ALA H 111 -45.35 -15.15 39.88
C ALA H 111 -46.65 -15.92 39.76
N SER H 112 -46.65 -17.02 39.01
CA SER H 112 -47.84 -17.82 38.83
C SER H 112 -48.39 -18.31 40.17
N GLY H 113 -47.54 -18.85 41.03
CA GLY H 113 -47.98 -19.44 42.27
C GLY H 113 -47.84 -18.54 43.48
N SER H 114 -46.70 -17.85 43.59
CA SER H 114 -46.40 -17.03 44.76
C SER H 114 -47.15 -15.71 44.68
N GLU H 115 -46.83 -14.80 45.60
CA GLU H 115 -47.52 -13.52 45.72
C GLU H 115 -46.54 -12.36 45.69
N ASP H 116 -47.01 -11.17 46.06
CA ASP H 116 -46.21 -9.94 46.14
C ASP H 116 -45.40 -9.70 44.87
N VAL H 117 -46.14 -9.47 43.77
CA VAL H 117 -45.51 -9.23 42.48
C VAL H 117 -44.72 -7.93 42.47
N GLY H 118 -44.93 -7.04 43.45
CA GLY H 118 -44.21 -5.78 43.46
C GLY H 118 -42.72 -5.93 43.64
N LYS H 119 -42.28 -6.73 44.61
CA LYS H 119 -40.85 -7.00 44.74
C LYS H 119 -40.37 -8.03 43.75
N LEU H 120 -41.27 -8.89 43.25
CA LEU H 120 -40.92 -9.82 42.20
C LEU H 120 -40.51 -9.10 40.92
N ILE H 121 -41.20 -8.01 40.59
CA ILE H 121 -40.82 -7.20 39.43
C ILE H 121 -39.43 -6.60 39.62
N ALA H 122 -39.15 -6.09 40.81
CA ALA H 122 -37.84 -5.51 41.08
C ALA H 122 -36.74 -6.56 40.98
N ARG H 123 -36.99 -7.76 41.52
CA ARG H 123 -36.01 -8.83 41.41
C ARG H 123 -35.78 -9.22 39.95
N LEU H 124 -36.86 -9.27 39.16
CA LEU H 124 -36.72 -9.55 37.73
C LEU H 124 -35.88 -8.48 37.05
N ARG H 125 -36.09 -7.22 37.42
CA ARG H 125 -35.31 -6.13 36.83
C ARG H 125 -33.83 -6.28 37.15
N GLU H 126 -33.52 -6.55 38.42
CA GLU H 126 -32.12 -6.73 38.81
C GLU H 126 -31.48 -7.89 38.05
N LYS H 127 -32.17 -9.04 38.03
CA LYS H 127 -31.59 -10.22 37.39
C LYS H 127 -31.42 -10.02 35.89
N TYR H 128 -32.41 -9.40 35.24
CA TYR H 128 -32.34 -9.18 33.80
C TYR H 128 -31.22 -8.20 33.44
N ARG H 129 -31.15 -7.07 34.16
CA ARG H 129 -30.11 -6.10 33.86
C ARG H 129 -28.73 -6.55 34.31
N GLU H 130 -28.63 -7.55 35.18
CA GLU H 130 -27.33 -8.14 35.47
C GLU H 130 -26.95 -9.17 34.42
N ALA H 131 -27.93 -9.90 33.87
CA ALA H 131 -27.61 -10.90 32.85
C ALA H 131 -27.26 -10.26 31.51
N LEU H 132 -27.91 -9.15 31.17
CA LEU H 132 -27.77 -8.61 29.81
C LEU H 132 -26.81 -7.43 29.71
N ARG H 133 -26.55 -6.72 30.81
CA ARG H 133 -25.77 -5.49 30.74
C ARG H 133 -24.51 -5.49 31.60
N GLN H 134 -24.33 -6.48 32.47
CA GLN H 134 -23.15 -6.55 33.33
C GLN H 134 -22.09 -7.41 32.67
N GLY H 135 -20.93 -6.82 32.38
CA GLY H 135 -19.83 -7.53 31.79
C GLY H 135 -19.69 -7.42 30.29
N ILE H 136 -20.56 -6.65 29.62
CA ILE H 136 -20.51 -6.46 28.17
C ILE H 136 -20.84 -5.01 27.87
N LEU H 137 -20.55 -4.60 26.63
CA LEU H 137 -20.92 -3.27 26.16
C LEU H 137 -22.43 -3.18 26.04
N ASP H 138 -23.03 -2.29 26.83
CA ASP H 138 -24.48 -2.21 26.94
C ASP H 138 -25.07 -0.88 26.52
N SER H 139 -24.26 0.06 26.04
CA SER H 139 -24.77 1.35 25.59
C SER H 139 -23.84 1.91 24.53
N LYS H 140 -24.38 2.77 23.67
CA LYS H 140 -23.56 3.42 22.65
C LYS H 140 -22.58 4.41 23.26
N GLU H 141 -22.81 4.82 24.52
CA GLU H 141 -21.83 5.62 25.24
C GLU H 141 -20.54 4.83 25.46
N ASP H 142 -20.66 3.55 25.82
CA ASP H 142 -19.48 2.69 25.98
C ASP H 142 -18.75 2.53 24.65
N VAL H 143 -19.51 2.36 23.56
CA VAL H 143 -18.89 2.24 22.24
C VAL H 143 -18.15 3.52 21.87
N ASP H 144 -18.74 4.67 22.18
CA ASP H 144 -18.07 5.94 21.90
C ASP H 144 -16.80 6.09 22.72
N VAL H 145 -16.84 5.67 23.99
CA VAL H 145 -15.62 5.69 24.81
C VAL H 145 -14.55 4.81 24.18
N LEU H 146 -14.94 3.61 23.77
CA LEU H 146 -14.00 2.68 23.14
C LEU H 146 -13.37 3.31 21.90
N LEU H 147 -14.20 3.91 21.04
CA LEU H 147 -13.71 4.41 19.77
C LEU H 147 -12.84 5.65 19.96
N LEU H 148 -13.20 6.52 20.91
CA LEU H 148 -12.38 7.68 21.18
C LEU H 148 -11.04 7.29 21.80
N ALA H 149 -11.02 6.25 22.64
CA ALA H 149 -9.75 5.75 23.14
C ALA H 149 -8.93 5.09 22.03
N TYR H 150 -9.60 4.43 21.09
CA TYR H 150 -8.89 3.74 20.01
C TYR H 150 -8.25 4.73 19.05
N GLU H 151 -9.01 5.75 18.62
CA GLU H 151 -8.48 6.72 17.68
C GLU H 151 -7.34 7.53 18.29
N LEU H 152 -7.50 7.96 19.53
CA LEU H 152 -6.50 8.81 20.17
C LEU H 152 -5.31 8.02 20.69
N ASP H 153 -5.39 6.68 20.72
CA ASP H 153 -4.40 5.85 21.40
C ASP H 153 -4.23 6.29 22.85
N GLY H 154 -5.34 6.68 23.48
CA GLY H 154 -5.33 7.18 24.83
C GLY H 154 -5.64 6.10 25.85
N VAL H 155 -5.58 6.50 27.12
CA VAL H 155 -5.82 5.60 28.23
C VAL H 155 -7.31 5.63 28.57
N LEU H 156 -7.94 4.46 28.60
CA LEU H 156 -9.35 4.33 28.93
C LEU H 156 -9.48 4.14 30.44
N VAL H 157 -10.13 5.10 31.10
CA VAL H 157 -10.38 5.05 32.54
C VAL H 157 -11.86 4.77 32.73
N SER H 158 -12.18 3.60 33.26
CA SER H 158 -13.57 3.20 33.48
C SER H 158 -13.60 1.98 34.40
N ALA H 159 -14.51 2.00 35.36
CA ALA H 159 -14.71 0.88 36.25
C ALA H 159 -15.66 -0.16 35.68
N ASP H 160 -16.25 0.10 34.52
CA ASP H 160 -17.12 -0.88 33.88
C ASP H 160 -16.30 -2.09 33.45
N GLU H 161 -16.63 -3.26 33.99
CA GLU H 161 -15.87 -4.46 33.68
C GLU H 161 -16.05 -4.84 32.21
N GLY H 162 -17.24 -4.63 31.67
CA GLY H 162 -17.44 -4.86 30.25
C GLY H 162 -16.62 -3.93 29.39
N LEU H 163 -16.57 -2.64 29.77
CA LEU H 163 -15.80 -1.67 29.00
C LEU H 163 -14.32 -2.04 28.98
N ARG H 164 -13.76 -2.38 30.15
CA ARG H 164 -12.36 -2.78 30.20
C ARG H 164 -12.12 -4.08 29.43
N THR H 165 -13.03 -5.04 29.57
CA THR H 165 -12.86 -6.33 28.92
C THR H 165 -12.86 -6.19 27.40
N TRP H 166 -13.73 -5.34 26.87
CA TRP H 166 -13.81 -5.17 25.42
C TRP H 166 -12.83 -4.12 24.89
N ALA H 167 -12.27 -3.28 25.77
CA ALA H 167 -11.16 -2.43 25.37
C ALA H 167 -9.86 -3.21 25.30
N ASP H 168 -9.70 -4.23 26.13
CA ASP H 168 -8.51 -5.08 26.05
C ASP H 168 -8.46 -5.80 24.71
N LYS H 169 -9.61 -6.29 24.23
CA LYS H 169 -9.65 -7.00 22.96
C LYS H 169 -9.34 -6.10 21.77
N ILE H 170 -9.41 -4.79 21.94
CA ILE H 170 -9.13 -3.86 20.84
C ILE H 170 -7.66 -3.53 20.76
N GLY H 171 -7.02 -3.30 21.91
CA GLY H 171 -5.64 -2.85 21.94
C GLY H 171 -5.54 -1.50 22.59
N ILE H 172 -6.51 -1.19 23.44
CA ILE H 172 -6.59 0.11 24.10
C ILE H 172 -5.82 0.05 25.42
N LYS H 173 -4.94 1.03 25.63
CA LYS H 173 -4.23 1.13 26.90
C LYS H 173 -5.23 1.33 28.03
N LEU H 174 -5.30 0.36 28.93
CA LEU H 174 -6.22 0.40 30.05
C LEU H 174 -5.50 0.85 31.31
N ILE H 175 -6.25 0.99 32.39
CA ILE H 175 -5.71 1.50 33.65
C ILE H 175 -6.66 1.11 34.77
N ASP H 176 -6.12 0.99 35.97
CA ASP H 176 -6.94 0.76 37.15
C ASP H 176 -7.65 2.06 37.52
N PRO H 177 -8.98 2.10 37.51
CA PRO H 177 -9.68 3.34 37.88
C PRO H 177 -9.44 3.75 39.33
N LYS H 178 -9.14 2.81 40.22
CA LYS H 178 -8.82 3.14 41.60
C LYS H 178 -7.44 3.77 41.76
N ASN H 179 -6.59 3.67 40.74
CA ASN H 179 -5.25 4.24 40.79
C ASN H 179 -5.12 5.50 39.95
N PHE H 180 -6.19 5.94 39.28
CA PHE H 180 -6.10 7.10 38.40
C PHE H 180 -5.73 8.36 39.17
N LYS H 181 -6.26 8.52 40.38
CA LYS H 181 -5.92 9.68 41.19
C LYS H 181 -4.42 9.73 41.48
N ASN H 182 -3.88 8.63 42.01
CA ASN H 182 -2.45 8.59 42.30
C ASN H 182 -1.62 8.67 41.02
N ILE H 183 -2.15 8.18 39.91
CA ILE H 183 -1.51 8.42 38.62
C ILE H 183 -1.47 9.91 38.30
N LEU H 184 -2.60 10.59 38.52
CA LEU H 184 -2.67 12.01 38.25
C LEU H 184 -1.80 12.81 39.21
N GLU H 185 -1.64 12.35 40.45
CA GLU H 185 -0.86 13.10 41.43
C GLU H 185 0.60 13.22 41.02
N SER H 186 1.19 12.13 40.53
CA SER H 186 2.61 12.17 40.18
C SER H 186 2.84 12.61 38.74
N LEU H 187 1.80 12.56 37.89
CA LEU H 187 1.94 13.05 36.53
C LEU H 187 2.15 14.56 36.47
N VAL H 188 1.90 15.26 37.58
CA VAL H 188 2.08 16.72 37.62
C VAL H 188 3.54 17.08 37.42
N ASP I 2 -15.70 -0.50 -18.52
CA ASP I 2 -15.91 0.67 -17.68
C ASP I 2 -17.02 0.43 -16.66
N VAL I 3 -17.19 1.37 -15.74
CA VAL I 3 -18.18 1.27 -14.67
C VAL I 3 -19.23 2.33 -14.89
N PHE I 4 -20.49 1.92 -14.96
CA PHE I 4 -21.63 2.81 -15.14
C PHE I 4 -22.47 2.78 -13.88
N VAL I 5 -22.59 3.93 -13.21
CA VAL I 5 -23.40 4.05 -12.01
C VAL I 5 -24.79 4.51 -12.41
N LEU I 6 -25.76 3.62 -12.34
CA LEU I 6 -27.10 3.89 -12.84
C LEU I 6 -27.86 4.79 -11.89
N ASP I 7 -29.09 5.11 -12.27
CA ASP I 7 -29.93 6.03 -11.50
C ASP I 7 -31.39 5.65 -11.70
N THR I 8 -32.27 6.37 -11.01
CA THR I 8 -33.70 6.19 -11.20
C THR I 8 -34.18 6.85 -12.49
N SER I 9 -33.58 7.98 -12.86
CA SER I 9 -33.98 8.68 -14.08
C SER I 9 -33.70 7.85 -15.32
N VAL I 10 -32.75 6.91 -15.25
CA VAL I 10 -32.45 6.07 -16.38
C VAL I 10 -33.61 5.14 -16.72
N PHE I 11 -34.51 4.91 -15.76
CA PHE I 11 -35.63 4.01 -15.96
C PHE I 11 -36.98 4.68 -15.83
N THR I 12 -37.06 5.89 -15.29
CA THR I 12 -38.33 6.57 -15.06
C THR I 12 -38.56 7.77 -15.98
N ASN I 13 -37.52 8.45 -16.41
CA ASN I 13 -37.70 9.63 -17.26
C ASN I 13 -38.28 9.22 -18.60
N PRO I 14 -39.33 9.90 -19.08
CA PRO I 14 -39.99 9.45 -20.31
C PRO I 14 -39.07 9.43 -21.53
N GLU I 15 -38.27 10.48 -21.71
CA GLU I 15 -37.36 10.51 -22.86
C GLU I 15 -36.29 9.44 -22.74
N ILE I 16 -35.83 9.17 -21.52
CA ILE I 16 -34.76 8.20 -21.32
C ILE I 16 -35.23 6.78 -21.64
N TYR I 17 -36.50 6.47 -21.36
CA TYR I 17 -37.05 5.19 -21.78
C TYR I 17 -37.77 5.28 -23.13
N ARG I 18 -37.68 6.43 -23.81
CA ARG I 18 -38.05 6.50 -25.22
C ARG I 18 -36.85 6.31 -26.14
N THR I 19 -35.64 6.66 -25.69
CA THR I 19 -34.45 6.20 -26.40
C THR I 19 -34.14 4.74 -26.07
N PHE I 20 -34.52 4.30 -24.86
CA PHE I 20 -34.45 2.89 -24.48
C PHE I 20 -35.76 2.23 -24.90
N GLU I 21 -35.77 1.65 -26.10
CA GLU I 21 -36.98 1.00 -26.66
C GLU I 21 -38.07 2.07 -26.73
N GLU I 22 -39.35 1.70 -26.51
CA GLU I 22 -40.45 2.65 -26.56
C GLU I 22 -41.40 2.56 -25.37
N ASP I 23 -41.46 1.43 -24.68
CA ASP I 23 -42.28 1.28 -23.48
C ASP I 23 -41.37 1.18 -22.26
N GLN I 24 -41.86 1.68 -21.12
CA GLN I 24 -41.02 1.74 -19.92
C GLN I 24 -40.63 0.35 -19.44
N ARG I 25 -41.56 -0.61 -19.49
CA ARG I 25 -41.21 -1.98 -19.14
C ARG I 25 -40.21 -2.57 -20.13
N GLY I 26 -40.50 -2.43 -21.43
CA GLY I 26 -39.58 -2.91 -22.44
C GLY I 26 -38.25 -2.18 -22.44
N ALA I 27 -38.23 -0.94 -21.95
CA ALA I 27 -36.97 -0.21 -21.85
C ALA I 27 -35.99 -0.93 -20.95
N MET I 28 -36.45 -1.35 -19.76
CA MET I 28 -35.56 -2.05 -18.85
C MET I 28 -35.20 -3.43 -19.37
N GLU I 29 -36.08 -4.09 -20.13
CA GLU I 29 -35.74 -5.37 -20.72
C GLU I 29 -34.64 -5.22 -21.77
N THR I 30 -34.73 -4.20 -22.63
CA THR I 30 -33.65 -3.94 -23.57
C THR I 30 -32.38 -3.51 -22.86
N PHE I 31 -32.52 -2.80 -21.73
CA PHE I 31 -31.35 -2.49 -20.92
C PHE I 31 -30.68 -3.77 -20.43
N ILE I 32 -31.47 -4.74 -19.98
CA ILE I 32 -30.91 -6.02 -19.55
C ILE I 32 -30.23 -6.71 -20.73
N HIS I 33 -30.86 -6.68 -21.90
CA HIS I 33 -30.29 -7.31 -23.08
C HIS I 33 -28.94 -6.72 -23.43
N LEU I 34 -28.84 -5.39 -23.47
CA LEU I 34 -27.61 -4.71 -23.87
C LEU I 34 -26.60 -4.56 -22.74
N ALA I 35 -26.99 -4.82 -21.49
CA ALA I 35 -26.07 -4.73 -20.37
C ALA I 35 -25.52 -6.08 -19.94
N LEU I 36 -26.26 -7.17 -20.19
CA LEU I 36 -25.66 -8.49 -20.08
C LEU I 36 -24.55 -8.66 -21.10
N ASN I 37 -24.61 -7.91 -22.20
CA ASN I 37 -23.51 -7.78 -23.13
C ASN I 37 -22.67 -6.56 -22.75
N SER I 38 -21.78 -6.14 -23.63
CA SER I 38 -20.95 -4.94 -23.51
C SER I 38 -19.87 -5.10 -22.44
N ARG I 39 -19.94 -6.19 -21.67
CA ARG I 39 -18.91 -6.55 -20.69
C ARG I 39 -18.60 -5.41 -19.74
N ALA I 40 -19.61 -4.64 -19.36
CA ALA I 40 -19.44 -3.49 -18.49
C ALA I 40 -20.03 -3.77 -17.11
N GLU I 41 -19.71 -2.89 -16.17
CA GLU I 41 -20.17 -2.99 -14.79
C GLU I 41 -21.20 -1.89 -14.53
N PHE I 42 -22.39 -2.29 -14.09
CA PHE I 42 -23.47 -1.36 -13.81
C PHE I 42 -23.81 -1.42 -12.32
N TYR I 43 -23.92 -0.25 -11.70
CA TYR I 43 -24.15 -0.14 -10.26
C TYR I 43 -25.27 0.85 -9.99
N MET I 44 -26.10 0.53 -8.99
CA MET I 44 -27.11 1.46 -8.51
C MET I 44 -27.17 1.37 -6.99
N PRO I 45 -27.30 2.49 -6.30
CA PRO I 45 -27.45 2.44 -4.84
C PRO I 45 -28.74 1.74 -4.43
N THR I 46 -28.72 1.14 -3.24
CA THR I 46 -29.88 0.41 -2.75
C THR I 46 -31.05 1.34 -2.49
N SER I 47 -30.80 2.54 -1.95
CA SER I 47 -31.88 3.49 -1.74
C SER I 47 -32.52 3.91 -3.06
N VAL I 48 -31.70 4.18 -4.07
CA VAL I 48 -32.21 4.50 -5.40
C VAL I 48 -33.00 3.32 -5.96
N TYR I 49 -32.48 2.11 -5.76
CA TYR I 49 -33.17 0.92 -6.25
C TYR I 49 -34.54 0.76 -5.59
N THR I 50 -34.62 1.00 -4.28
CA THR I 50 -35.89 0.85 -3.57
C THR I 50 -36.88 1.93 -4.02
N GLU I 51 -36.42 3.16 -4.15
CA GLU I 51 -37.32 4.23 -4.62
C GLU I 51 -37.82 3.93 -6.03
N MET I 52 -36.93 3.51 -6.92
CA MET I 52 -37.30 3.24 -8.29
C MET I 52 -38.22 2.03 -8.39
N ARG I 53 -38.03 1.04 -7.52
CA ARG I 53 -38.92 -0.11 -7.48
C ARG I 53 -40.27 0.24 -6.87
N LYS I 54 -40.33 1.26 -6.02
CA LYS I 54 -41.60 1.74 -5.50
C LYS I 54 -42.32 2.69 -6.45
N ILE I 55 -41.63 3.27 -7.42
CA ILE I 55 -42.31 4.09 -8.42
C ILE I 55 -42.98 3.21 -9.46
N MET I 56 -42.23 2.32 -10.10
CA MET I 56 -42.77 1.42 -11.09
C MET I 56 -42.59 -0.03 -10.65
N ASP I 57 -43.48 -0.89 -11.15
CA ASP I 57 -43.45 -2.32 -10.82
C ASP I 57 -43.43 -3.09 -12.14
N VAL I 58 -42.30 -3.72 -12.44
CA VAL I 58 -42.15 -4.51 -13.67
C VAL I 58 -42.41 -5.99 -13.44
N GLY I 59 -42.44 -6.44 -12.19
CA GLY I 59 -42.81 -7.81 -11.87
C GLY I 59 -41.66 -8.81 -11.87
N GLU I 60 -41.68 -9.73 -12.82
CA GLU I 60 -40.67 -10.79 -12.87
C GLU I 60 -39.37 -10.34 -13.50
N LEU I 61 -39.33 -9.13 -14.07
CA LEU I 61 -38.10 -8.64 -14.69
C LEU I 61 -37.11 -8.09 -13.67
N TRP I 62 -37.55 -7.86 -12.43
CA TRP I 62 -36.59 -7.47 -11.39
C TRP I 62 -35.57 -8.56 -11.13
N ALA I 63 -35.96 -9.82 -11.30
CA ALA I 63 -35.01 -10.92 -11.16
C ALA I 63 -33.87 -10.81 -12.16
N GLU I 64 -34.22 -10.61 -13.44
CA GLU I 64 -33.18 -10.44 -14.46
C GLU I 64 -32.44 -9.12 -14.28
N PHE I 65 -33.09 -8.13 -13.67
CA PHE I 65 -32.46 -6.82 -13.50
C PHE I 65 -31.40 -6.84 -12.41
N GLU I 66 -31.65 -7.55 -11.32
CA GLU I 66 -30.71 -7.59 -10.21
C GLU I 66 -29.40 -8.26 -10.59
N MET I 67 -29.38 -9.04 -11.67
CA MET I 67 -28.16 -9.68 -12.13
C MET I 67 -27.09 -8.69 -12.57
N VAL I 68 -27.37 -7.96 -13.65
CA VAL I 68 -26.34 -7.13 -14.26
C VAL I 68 -26.08 -5.89 -13.43
N VAL I 69 -27.12 -5.27 -12.89
CA VAL I 69 -26.95 -4.10 -12.04
C VAL I 69 -26.63 -4.57 -10.63
N LYS I 70 -25.52 -4.05 -10.09
CA LYS I 70 -25.03 -4.47 -8.78
C LYS I 70 -25.53 -3.45 -7.76
N ILE I 71 -26.64 -3.79 -7.10
CA ILE I 71 -27.27 -2.90 -6.15
C ILE I 71 -26.55 -3.00 -4.81
N ARG I 72 -26.02 -1.87 -4.35
CA ARG I 72 -25.28 -1.83 -3.09
C ARG I 72 -25.12 -0.38 -2.67
N SER I 73 -24.83 -0.19 -1.39
CA SER I 73 -24.67 1.15 -0.84
C SER I 73 -23.33 1.73 -1.22
N PRO I 74 -23.21 3.07 -1.23
CA PRO I 74 -21.96 3.70 -1.67
C PRO I 74 -20.76 3.42 -0.77
N ARG I 75 -20.95 2.76 0.38
CA ARG I 75 -19.86 2.54 1.35
C ARG I 75 -19.30 3.87 1.84
N ARG I 76 -20.18 4.68 2.44
CA ARG I 76 -19.85 6.05 2.79
C ARG I 76 -18.85 6.18 3.94
N PHE I 77 -18.52 5.09 4.63
CA PHE I 77 -17.55 5.19 5.73
C PHE I 77 -16.13 5.35 5.21
N GLN I 78 -15.78 4.68 4.12
CA GLN I 78 -14.47 4.82 3.50
C GLN I 78 -14.44 5.92 2.46
N LEU I 79 -15.52 6.68 2.33
CA LEU I 79 -15.64 7.73 1.34
C LEU I 79 -15.52 9.10 2.00
N THR I 80 -15.07 10.07 1.21
CA THR I 80 -14.93 11.45 1.66
C THR I 80 -15.37 12.36 0.51
N VAL I 81 -15.77 13.58 0.87
CA VAL I 81 -16.19 14.55 -0.13
C VAL I 81 -15.41 15.83 0.14
N PRO I 82 -15.04 16.60 -0.89
CA PRO I 82 -14.35 17.87 -0.63
C PRO I 82 -15.22 18.84 0.13
N ALA I 83 -14.57 19.64 0.99
CA ALA I 83 -15.30 20.61 1.80
C ALA I 83 -15.88 21.73 0.95
N ASP I 84 -15.21 22.10 -0.14
CA ASP I 84 -15.73 23.13 -1.03
C ASP I 84 -17.05 22.69 -1.66
N PHE I 85 -17.22 21.39 -1.89
CA PHE I 85 -18.49 20.89 -2.41
C PHE I 85 -19.63 21.16 -1.44
N LEU I 86 -19.42 20.87 -0.15
CA LEU I 86 -20.44 21.14 0.86
C LEU I 86 -20.69 22.64 0.99
N TYR I 87 -19.62 23.44 0.94
CA TYR I 87 -19.77 24.89 0.97
C TYR I 87 -20.67 25.38 -0.15
N GLU I 88 -20.39 24.95 -1.39
CA GLU I 88 -21.17 25.42 -2.53
C GLU I 88 -22.61 24.91 -2.45
N PHE I 89 -22.80 23.68 -1.99
CA PHE I 89 -24.16 23.16 -1.85
C PHE I 89 -24.96 23.97 -0.85
N ILE I 90 -24.37 24.31 0.29
CA ILE I 90 -25.09 25.09 1.29
C ILE I 90 -25.35 26.50 0.79
N GLU I 91 -24.38 27.08 0.06
CA GLU I 91 -24.56 28.42 -0.47
C GLU I 91 -25.72 28.47 -1.47
N GLU I 92 -25.79 27.49 -2.37
CA GLU I 92 -26.93 27.44 -3.30
C GLU I 92 -28.24 27.18 -2.55
N LEU I 93 -28.19 26.30 -1.55
CA LEU I 93 -29.39 25.89 -0.84
C LEU I 93 -30.02 27.06 -0.09
N ARG I 94 -29.19 27.92 0.51
CA ARG I 94 -29.74 29.08 1.23
C ARG I 94 -30.50 29.99 0.27
N TYR I 95 -29.93 30.24 -0.91
CA TYR I 95 -30.62 31.07 -1.90
C TYR I 95 -31.94 30.45 -2.32
N ARG I 96 -31.94 29.13 -2.55
CA ARG I 96 -33.18 28.48 -2.99
C ARG I 96 -34.22 28.45 -1.87
N ILE I 97 -33.79 28.34 -0.62
CA ILE I 97 -34.73 28.40 0.50
C ILE I 97 -35.37 29.77 0.58
N ASN I 98 -34.56 30.82 0.42
CA ASN I 98 -35.10 32.18 0.41
C ASN I 98 -36.09 32.37 -0.73
N LYS I 99 -35.77 31.83 -1.90
CA LYS I 99 -36.68 31.91 -3.04
C LYS I 99 -38.00 31.21 -2.74
N GLY I 100 -37.92 30.01 -2.15
CA GLY I 100 -39.13 29.28 -1.82
C GLY I 100 -40.01 30.02 -0.83
N LEU I 101 -39.39 30.61 0.20
CA LEU I 101 -40.16 31.41 1.16
C LEU I 101 -40.83 32.59 0.48
N ARG I 102 -40.10 33.28 -0.41
CA ARG I 102 -40.68 34.43 -1.09
C ARG I 102 -41.86 34.03 -1.96
N ILE I 103 -41.73 32.94 -2.72
CA ILE I 103 -42.84 32.52 -3.57
C ILE I 103 -44.02 32.03 -2.73
N ALA I 104 -43.77 31.42 -1.57
CA ALA I 104 -44.87 31.06 -0.69
C ALA I 104 -45.62 32.30 -0.22
N GLU I 105 -44.88 33.36 0.11
CA GLU I 105 -45.51 34.61 0.50
C GLU I 105 -46.36 35.19 -0.62
N GLU I 106 -45.83 35.19 -1.84
CA GLU I 106 -46.61 35.71 -2.98
C GLU I 106 -47.87 34.89 -3.21
N HIS I 107 -47.76 33.56 -3.13
CA HIS I 107 -48.94 32.72 -3.33
C HIS I 107 -49.98 32.95 -2.25
N THR I 108 -49.56 33.10 -1.01
CA THR I 108 -50.52 33.39 0.07
C THR I 108 -51.22 34.72 -0.18
N ARG I 109 -50.46 35.75 -0.56
CA ARG I 109 -51.08 37.06 -0.82
C ARG I 109 -52.03 37.00 -2.01
N GLU I 110 -51.69 36.23 -3.04
CA GLU I 110 -52.60 36.10 -4.18
C GLU I 110 -53.87 35.35 -3.80
N ALA I 111 -53.74 34.27 -3.03
CA ALA I 111 -54.89 33.49 -2.62
C ALA I 111 -55.77 34.22 -1.60
N SER I 112 -55.25 35.26 -0.96
CA SER I 112 -56.06 36.07 -0.06
C SER I 112 -57.39 36.46 -0.70
N GLY I 113 -57.33 37.11 -1.86
CA GLY I 113 -58.53 37.54 -2.55
C GLY I 113 -59.05 36.58 -3.59
N SER I 114 -58.24 35.58 -3.95
CA SER I 114 -58.63 34.65 -5.01
C SER I 114 -59.77 33.76 -4.56
N GLU I 115 -60.57 33.31 -5.52
CA GLU I 115 -61.68 32.41 -5.24
C GLU I 115 -61.27 30.94 -5.39
N ASP I 116 -60.77 30.57 -6.56
CA ASP I 116 -60.29 29.21 -6.76
C ASP I 116 -58.99 29.00 -5.98
N VAL I 117 -58.95 27.94 -5.18
CA VAL I 117 -57.83 27.70 -4.29
C VAL I 117 -57.03 26.45 -4.65
N GLY I 118 -57.68 25.42 -5.20
CA GLY I 118 -56.94 24.23 -5.62
C GLY I 118 -55.93 24.54 -6.70
N LYS I 119 -56.31 25.39 -7.67
CA LYS I 119 -55.37 25.77 -8.72
C LYS I 119 -54.17 26.50 -8.15
N LEU I 120 -54.39 27.42 -7.21
CA LEU I 120 -53.26 28.15 -6.63
C LEU I 120 -52.41 27.24 -5.75
N ILE I 121 -53.03 26.26 -5.09
CA ILE I 121 -52.25 25.31 -4.30
C ILE I 121 -51.38 24.45 -5.21
N ALA I 122 -51.90 24.05 -6.36
CA ALA I 122 -51.09 23.32 -7.34
C ALA I 122 -49.96 24.19 -7.87
N ARG I 123 -50.25 25.46 -8.12
CA ARG I 123 -49.21 26.40 -8.55
C ARG I 123 -48.12 26.52 -7.50
N LEU I 124 -48.50 26.66 -6.23
CA LEU I 124 -47.52 26.75 -5.15
C LEU I 124 -46.69 25.48 -5.07
N ARG I 125 -47.33 24.32 -5.18
CA ARG I 125 -46.61 23.06 -5.14
C ARG I 125 -45.57 22.99 -6.25
N GLU I 126 -45.99 23.27 -7.48
CA GLU I 126 -45.09 23.15 -8.62
C GLU I 126 -43.95 24.16 -8.55
N LYS I 127 -44.26 25.41 -8.21
CA LYS I 127 -43.20 26.41 -8.13
C LYS I 127 -42.25 26.15 -6.96
N TYR I 128 -42.75 25.62 -5.85
CA TYR I 128 -41.87 25.29 -4.73
C TYR I 128 -40.94 24.14 -5.09
N ARG I 129 -41.48 23.08 -5.68
CA ARG I 129 -40.62 21.97 -6.09
C ARG I 129 -39.69 22.33 -7.23
N GLU I 130 -40.02 23.38 -8.01
CA GLU I 130 -39.11 23.89 -9.02
C GLU I 130 -38.00 24.73 -8.41
N ALA I 131 -38.32 25.55 -7.40
CA ALA I 131 -37.35 26.47 -6.82
C ALA I 131 -36.48 25.83 -5.75
N LEU I 132 -36.85 24.65 -5.23
CA LEU I 132 -36.07 24.04 -4.17
C LEU I 132 -35.55 22.64 -4.47
N ARG I 133 -36.11 21.92 -5.44
CA ARG I 133 -35.71 20.55 -5.69
C ARG I 133 -35.25 20.32 -7.13
N GLN I 134 -34.95 21.39 -7.86
CA GLN I 134 -34.39 21.29 -9.20
C GLN I 134 -33.09 22.09 -9.25
N GLY I 135 -32.00 21.43 -9.67
CA GLY I 135 -30.70 22.05 -9.79
C GLY I 135 -29.73 21.65 -8.69
N ILE I 136 -30.22 21.13 -7.57
CA ILE I 136 -29.36 20.68 -6.48
C ILE I 136 -29.60 19.19 -6.25
N LEU I 137 -28.89 18.64 -5.27
CA LEU I 137 -29.18 17.31 -4.75
C LEU I 137 -30.39 17.39 -3.84
N ASP I 138 -31.52 16.85 -4.28
CA ASP I 138 -32.77 17.03 -3.54
C ASP I 138 -32.96 15.95 -2.48
N SER I 139 -32.64 14.70 -2.80
CA SER I 139 -32.79 13.59 -1.87
C SER I 139 -31.44 12.94 -1.62
N LYS I 140 -31.41 12.05 -0.63
CA LYS I 140 -30.21 11.27 -0.35
C LYS I 140 -30.02 10.13 -1.33
N GLU I 141 -31.02 9.83 -2.16
CA GLU I 141 -30.82 8.90 -3.27
C GLU I 141 -29.84 9.46 -4.29
N ASP I 142 -29.98 10.75 -4.63
CA ASP I 142 -29.01 11.39 -5.50
C ASP I 142 -27.63 11.42 -4.86
N VAL I 143 -27.57 11.63 -3.55
CA VAL I 143 -26.30 11.59 -2.84
C VAL I 143 -25.67 10.20 -2.94
N ASP I 144 -26.49 9.16 -2.80
CA ASP I 144 -25.98 7.80 -2.92
C ASP I 144 -25.46 7.52 -4.31
N VAL I 145 -26.17 7.98 -5.35
CA VAL I 145 -25.69 7.82 -6.72
C VAL I 145 -24.36 8.53 -6.89
N LEU I 146 -24.28 9.77 -6.39
CA LEU I 146 -23.05 10.56 -6.49
C LEU I 146 -21.88 9.85 -5.82
N LEU I 147 -22.10 9.34 -4.61
CA LEU I 147 -21.01 8.73 -3.86
C LEU I 147 -20.61 7.39 -4.46
N LEU I 148 -21.57 6.61 -4.95
CA LEU I 148 -21.24 5.35 -5.61
C LEU I 148 -20.45 5.60 -6.89
N ALA I 149 -20.77 6.67 -7.62
CA ALA I 149 -19.98 7.03 -8.78
C ALA I 149 -18.59 7.50 -8.36
N TYR I 150 -18.50 8.21 -7.24
CA TYR I 150 -17.21 8.76 -6.80
C TYR I 150 -16.25 7.64 -6.38
N GLU I 151 -16.74 6.69 -5.56
CA GLU I 151 -15.84 5.67 -5.02
C GLU I 151 -15.47 4.62 -6.07
N LEU I 152 -16.33 4.39 -7.06
CA LEU I 152 -16.05 3.40 -8.09
C LEU I 152 -15.28 3.96 -9.26
N ASP I 153 -15.03 5.26 -9.29
CA ASP I 153 -14.44 5.94 -10.45
C ASP I 153 -15.22 5.60 -11.72
N GLY I 154 -16.54 5.58 -11.58
CA GLY I 154 -17.42 5.22 -12.67
C GLY I 154 -18.11 6.43 -13.27
N VAL I 155 -18.89 6.15 -14.30
CA VAL I 155 -19.58 7.20 -15.07
C VAL I 155 -20.99 7.34 -14.49
N LEU I 156 -21.30 8.52 -13.99
CA LEU I 156 -22.62 8.80 -13.42
C LEU I 156 -23.63 8.96 -14.55
N VAL I 157 -24.50 7.97 -14.71
CA VAL I 157 -25.51 7.97 -15.75
C VAL I 157 -26.80 8.47 -15.11
N SER I 158 -27.14 9.73 -15.36
CA SER I 158 -28.34 10.33 -14.80
C SER I 158 -28.91 11.36 -15.76
N ALA I 159 -30.24 11.50 -15.72
CA ALA I 159 -30.92 12.56 -16.45
C ALA I 159 -31.24 13.76 -15.58
N ASP I 160 -31.11 13.63 -14.26
CA ASP I 160 -31.30 14.78 -13.37
C ASP I 160 -30.18 15.78 -13.58
N GLU I 161 -30.56 17.04 -13.76
CA GLU I 161 -29.57 18.07 -14.06
C GLU I 161 -28.78 18.48 -12.82
N GLY I 162 -29.42 18.51 -11.66
CA GLY I 162 -28.69 18.79 -10.43
C GLY I 162 -27.67 17.72 -10.12
N LEU I 163 -28.04 16.46 -10.33
CA LEU I 163 -27.11 15.36 -10.11
C LEU I 163 -25.90 15.48 -11.03
N ARG I 164 -26.15 15.76 -12.31
CA ARG I 164 -25.04 15.92 -13.25
C ARG I 164 -24.15 17.10 -12.88
N THR I 165 -24.77 18.21 -12.49
CA THR I 165 -23.99 19.40 -12.14
C THR I 165 -23.10 19.13 -10.93
N TRP I 166 -23.67 18.56 -9.87
CA TRP I 166 -22.88 18.34 -8.65
C TRP I 166 -21.95 17.15 -8.78
N ALA I 167 -22.16 16.27 -9.76
CA ALA I 167 -21.16 15.26 -10.08
C ALA I 167 -19.99 15.89 -10.84
N ASP I 168 -20.28 16.84 -11.74
CA ASP I 168 -19.22 17.54 -12.43
C ASP I 168 -18.37 18.35 -11.45
N LYS I 169 -19.00 19.00 -10.48
CA LYS I 169 -18.24 19.79 -9.51
C LYS I 169 -17.37 18.94 -8.59
N ILE I 170 -17.55 17.63 -8.57
CA ILE I 170 -16.67 16.76 -7.79
C ILE I 170 -15.52 16.23 -8.65
N GLY I 171 -15.80 15.86 -9.90
CA GLY I 171 -14.80 15.26 -10.75
C GLY I 171 -15.21 13.87 -11.20
N ILE I 172 -16.53 13.65 -11.29
CA ILE I 172 -17.09 12.36 -11.68
C ILE I 172 -17.33 12.37 -13.19
N LYS I 173 -16.89 11.32 -13.87
CA LYS I 173 -17.15 11.19 -15.29
C LYS I 173 -18.66 11.16 -15.54
N LEU I 174 -19.10 11.94 -16.53
CA LEU I 174 -20.51 12.07 -16.85
C LEU I 174 -20.75 11.68 -18.30
N ILE I 175 -21.83 10.94 -18.52
CA ILE I 175 -22.25 10.58 -19.87
C ILE I 175 -23.50 11.37 -20.21
N ASP I 176 -23.78 11.45 -21.51
CA ASP I 176 -25.03 12.07 -21.95
C ASP I 176 -26.15 11.04 -21.85
N PRO I 177 -27.13 11.25 -20.96
CA PRO I 177 -28.15 10.20 -20.74
C PRO I 177 -28.98 9.88 -21.96
N LYS I 178 -29.19 10.85 -22.86
CA LYS I 178 -30.06 10.63 -24.00
C LYS I 178 -29.51 9.56 -24.94
N ASN I 179 -28.19 9.56 -25.16
CA ASN I 179 -27.57 8.63 -26.08
C ASN I 179 -26.97 7.42 -25.40
N PHE I 180 -27.20 7.25 -24.10
CA PHE I 180 -26.49 6.22 -23.33
C PHE I 180 -26.71 4.83 -23.92
N LYS I 181 -27.85 4.61 -24.58
CA LYS I 181 -28.07 3.35 -25.29
C LYS I 181 -27.06 3.15 -26.41
N ASN I 182 -26.61 4.24 -27.03
CA ASN I 182 -25.65 4.14 -28.14
C ASN I 182 -24.22 3.97 -27.67
N ILE I 183 -23.84 4.57 -26.53
CA ILE I 183 -22.60 4.17 -25.88
C ILE I 183 -22.67 2.73 -25.40
N LEU I 184 -23.86 2.23 -25.11
CA LEU I 184 -24.06 0.84 -24.72
C LEU I 184 -24.10 -0.10 -25.92
N GLU I 185 -24.76 0.30 -27.00
CA GLU I 185 -24.87 -0.55 -28.18
C GLU I 185 -23.51 -0.75 -28.85
N SER I 186 -22.69 0.30 -28.88
CA SER I 186 -21.37 0.19 -29.50
C SER I 186 -20.47 -0.75 -28.73
N LEU I 187 -20.60 -0.78 -27.40
CA LEU I 187 -19.70 -1.56 -26.57
C LEU I 187 -19.89 -3.06 -26.79
N VAL I 188 -21.13 -3.50 -27.04
CA VAL I 188 -21.42 -4.92 -27.18
C VAL I 188 -20.72 -5.49 -28.41
N ASP J 2 -5.26 25.62 23.13
CA ASP J 2 -6.69 25.92 23.18
C ASP J 2 -7.10 26.83 22.04
N VAL J 3 -7.57 26.24 20.95
CA VAL J 3 -8.07 26.98 19.80
C VAL J 3 -9.60 27.00 19.87
N PHE J 4 -10.17 28.19 19.77
CA PHE J 4 -11.61 28.40 19.93
C PHE J 4 -12.18 29.03 18.66
N VAL J 5 -12.84 28.22 17.84
CA VAL J 5 -13.50 28.75 16.65
C VAL J 5 -14.84 29.35 17.06
N LEU J 6 -15.07 30.60 16.68
CA LEU J 6 -16.23 31.37 17.13
C LEU J 6 -17.23 31.55 16.01
N ASP J 7 -18.48 31.79 16.38
CA ASP J 7 -19.58 32.00 15.46
C ASP J 7 -20.16 33.39 15.66
N THR J 8 -21.12 33.74 14.78
CA THR J 8 -21.89 34.96 14.98
C THR J 8 -22.72 34.88 16.25
N SER J 9 -23.28 33.70 16.53
CA SER J 9 -24.21 33.53 17.64
C SER J 9 -23.61 33.86 18.99
N VAL J 10 -22.28 33.86 19.12
CA VAL J 10 -21.65 34.18 20.39
C VAL J 10 -21.96 35.63 20.77
N PHE J 11 -21.89 36.54 19.82
CA PHE J 11 -22.17 37.95 20.06
C PHE J 11 -23.47 38.42 19.46
N THR J 12 -24.22 37.54 18.80
CA THR J 12 -25.54 37.88 18.26
C THR J 12 -26.66 37.43 19.18
N ASN J 13 -26.52 36.28 19.82
CA ASN J 13 -27.55 35.79 20.72
C ASN J 13 -27.62 36.65 21.98
N PRO J 14 -28.84 36.96 22.45
CA PRO J 14 -28.94 37.82 23.65
C PRO J 14 -28.42 37.14 24.90
N GLU J 15 -28.69 35.84 25.06
CA GLU J 15 -28.28 35.15 26.29
C GLU J 15 -26.76 35.00 26.34
N ILE J 16 -26.10 34.84 25.20
CA ILE J 16 -24.66 34.61 25.22
C ILE J 16 -23.92 35.88 25.63
N TYR J 17 -24.34 37.05 25.13
CA TYR J 17 -23.67 38.25 25.60
C TYR J 17 -24.21 38.69 26.96
N ARG J 18 -25.36 38.18 27.37
CA ARG J 18 -25.75 38.32 28.77
C ARG J 18 -24.78 37.59 29.69
N THR J 19 -24.35 36.39 29.27
CA THR J 19 -23.31 35.65 29.97
C THR J 19 -21.93 36.12 29.50
N PHE J 20 -21.71 37.43 29.60
CA PHE J 20 -20.45 38.04 29.19
C PHE J 20 -20.27 39.41 29.85
N ASP J 23 -25.48 44.25 27.01
CA ASP J 23 -25.14 45.11 25.88
C ASP J 23 -24.08 44.47 24.99
N GLN J 24 -24.30 44.51 23.68
CA GLN J 24 -23.34 43.93 22.73
C GLN J 24 -22.02 44.69 22.73
N ARG J 25 -22.07 46.02 22.87
CA ARG J 25 -20.83 46.81 22.84
C ARG J 25 -19.94 46.43 24.02
N GLY J 26 -20.50 46.40 25.23
CA GLY J 26 -19.73 45.99 26.38
C GLY J 26 -19.32 44.54 26.34
N ALA J 27 -20.18 43.68 25.78
CA ALA J 27 -19.85 42.26 25.68
C ALA J 27 -18.63 42.04 24.82
N MET J 28 -18.52 42.75 23.70
CA MET J 28 -17.32 42.67 22.88
C MET J 28 -16.08 43.02 23.68
N GLU J 29 -16.14 44.08 24.48
CA GLU J 29 -14.98 44.53 25.22
C GLU J 29 -14.61 43.55 26.33
N THR J 30 -15.60 42.99 27.03
CA THR J 30 -15.29 42.01 28.07
C THR J 30 -14.72 40.73 27.45
N PHE J 31 -15.31 40.29 26.34
CA PHE J 31 -14.79 39.11 25.65
C PHE J 31 -13.34 39.34 25.20
N ILE J 32 -13.05 40.54 24.68
CA ILE J 32 -11.69 40.85 24.26
C ILE J 32 -10.74 40.90 25.46
N HIS J 33 -11.21 41.48 26.56
CA HIS J 33 -10.44 41.51 27.81
C HIS J 33 -10.05 40.09 28.20
N LEU J 34 -11.02 39.18 28.22
CA LEU J 34 -10.74 37.82 28.65
C LEU J 34 -10.00 37.01 27.58
N ALA J 35 -10.06 37.42 26.32
CA ALA J 35 -9.44 36.65 25.25
C ALA J 35 -8.01 37.07 24.96
N LEU J 36 -7.64 38.31 25.27
CA LEU J 36 -6.28 38.77 25.00
C LEU J 36 -5.27 38.07 25.90
N ASN J 37 -5.66 37.75 27.14
CA ASN J 37 -4.76 37.12 28.10
C ASN J 37 -5.13 35.66 28.37
N SER J 38 -6.06 35.09 27.60
CA SER J 38 -6.41 33.68 27.76
C SER J 38 -5.35 32.74 27.19
N ARG J 39 -4.39 33.26 26.44
CA ARG J 39 -3.36 32.46 25.76
C ARG J 39 -3.98 31.47 24.78
N ALA J 40 -5.22 31.71 24.37
CA ALA J 40 -5.92 30.84 23.45
C ALA J 40 -5.79 31.38 22.02
N GLU J 41 -6.40 30.68 21.07
CA GLU J 41 -6.38 31.06 19.67
C GLU J 41 -7.82 31.09 19.16
N PHE J 42 -8.39 32.29 19.07
CA PHE J 42 -9.75 32.44 18.58
C PHE J 42 -9.75 32.67 17.07
N TYR J 43 -10.57 31.89 16.36
CA TYR J 43 -10.54 31.85 14.90
C TYR J 43 -11.97 31.92 14.38
N MET J 44 -12.37 33.11 13.93
CA MET J 44 -13.66 33.26 13.28
C MET J 44 -13.50 33.37 11.76
N PRO J 45 -14.35 32.72 10.98
CA PRO J 45 -14.20 32.76 9.52
C PRO J 45 -14.50 34.14 8.95
N THR J 46 -14.05 34.34 7.71
CA THR J 46 -14.16 35.65 7.08
C THR J 46 -15.60 35.97 6.67
N SER J 47 -16.31 34.97 6.13
CA SER J 47 -17.72 35.18 5.79
C SER J 47 -18.56 35.37 7.04
N VAL J 48 -18.26 34.60 8.09
CA VAL J 48 -18.92 34.81 9.38
C VAL J 48 -18.64 36.20 9.89
N TYR J 49 -17.40 36.68 9.71
CA TYR J 49 -17.05 38.03 10.12
C TYR J 49 -17.83 39.07 9.33
N THR J 50 -18.00 38.85 8.03
CA THR J 50 -18.74 39.81 7.20
C THR J 50 -20.20 39.89 7.65
N GLU J 51 -20.83 38.74 7.87
CA GLU J 51 -22.22 38.77 8.34
C GLU J 51 -22.31 39.32 9.76
N MET J 52 -21.30 39.10 10.59
CA MET J 52 -21.29 39.66 11.93
C MET J 52 -21.14 41.17 11.90
N ARG J 53 -20.38 41.69 10.94
CA ARG J 53 -20.30 43.13 10.73
C ARG J 53 -21.62 43.68 10.21
N LYS J 54 -22.30 42.93 9.34
CA LYS J 54 -23.54 43.43 8.75
C LYS J 54 -24.69 43.43 9.75
N ILE J 55 -24.81 42.42 10.61
CA ILE J 55 -25.92 42.36 11.55
C ILE J 55 -25.80 43.46 12.60
N MET J 56 -24.62 43.61 13.20
CA MET J 56 -24.40 44.60 14.23
C MET J 56 -23.14 45.39 13.95
N ASP J 57 -23.14 46.65 14.38
CA ASP J 57 -22.01 47.55 14.21
C ASP J 57 -21.58 48.01 15.59
N VAL J 58 -20.30 47.86 15.90
CA VAL J 58 -19.73 48.31 17.16
C VAL J 58 -18.69 49.39 16.86
N GLY J 59 -18.78 50.49 17.60
CA GLY J 59 -17.96 51.65 17.31
C GLY J 59 -16.50 51.49 17.66
N GLU J 60 -15.65 51.39 16.63
CA GLU J 60 -14.19 51.36 16.71
C GLU J 60 -13.66 50.12 17.43
N LEU J 61 -14.53 49.22 17.91
CA LEU J 61 -14.07 48.00 18.56
C LEU J 61 -13.63 46.94 17.57
N TRP J 62 -13.94 47.11 16.28
CA TRP J 62 -13.49 46.13 15.29
C TRP J 62 -11.98 46.12 15.16
N ALA J 63 -11.34 47.28 15.33
CA ALA J 63 -9.89 47.38 15.18
C ALA J 63 -9.18 46.50 16.19
N GLU J 64 -9.62 46.51 17.45
CA GLU J 64 -9.03 45.66 18.47
C GLU J 64 -9.61 44.25 18.42
N PHE J 65 -10.80 44.09 17.84
CA PHE J 65 -11.36 42.76 17.64
C PHE J 65 -10.52 41.94 16.67
N GLU J 66 -9.99 42.58 15.63
CA GLU J 66 -9.41 41.83 14.51
C GLU J 66 -8.11 41.10 14.85
N MET J 67 -7.40 41.46 15.92
CA MET J 67 -6.13 40.78 16.11
C MET J 67 -6.23 39.57 17.03
N VAL J 68 -6.99 39.68 18.12
CA VAL J 68 -7.18 38.53 19.01
C VAL J 68 -8.02 37.46 18.32
N VAL J 69 -9.12 37.86 17.69
CA VAL J 69 -9.98 36.93 16.96
C VAL J 69 -9.48 36.91 15.51
N LYS J 70 -8.65 35.92 15.18
CA LYS J 70 -8.10 35.83 13.84
C LYS J 70 -9.20 35.51 12.84
N ILE J 71 -9.16 36.18 11.69
CA ILE J 71 -10.19 36.09 10.67
C ILE J 71 -9.57 35.52 9.41
N ARG J 72 -10.05 34.37 8.97
CA ARG J 72 -9.54 33.72 7.76
C ARG J 72 -10.52 32.65 7.33
N SER J 73 -10.37 32.20 6.08
CA SER J 73 -11.24 31.22 5.46
C SER J 73 -10.83 29.80 5.87
N PRO J 74 -11.77 28.86 5.82
CA PRO J 74 -11.46 27.48 6.25
C PRO J 74 -10.38 26.79 5.43
N ARG J 75 -10.02 27.30 4.25
CA ARG J 75 -9.07 26.62 3.36
C ARG J 75 -9.65 25.29 2.87
N ARG J 76 -10.83 25.37 2.26
CA ARG J 76 -11.64 24.19 1.97
C ARG J 76 -11.00 23.26 0.95
N PHE J 77 -10.00 23.70 0.20
CA PHE J 77 -9.42 22.83 -0.82
C PHE J 77 -8.61 21.70 -0.20
N GLN J 78 -8.02 21.93 0.96
CA GLN J 78 -7.24 20.91 1.66
C GLN J 78 -8.04 20.15 2.70
N LEU J 79 -9.34 20.42 2.81
CA LEU J 79 -10.22 19.75 3.76
C LEU J 79 -11.18 18.82 3.04
N THR J 80 -11.62 17.79 3.76
CA THR J 80 -12.56 16.81 3.25
C THR J 80 -13.65 16.59 4.28
N VAL J 81 -14.82 16.16 3.82
CA VAL J 81 -15.96 15.93 4.70
C VAL J 81 -16.45 14.50 4.50
N PRO J 82 -16.85 13.79 5.55
CA PRO J 82 -17.34 12.43 5.40
C PRO J 82 -18.56 12.35 4.51
N ALA J 83 -18.65 11.28 3.73
CA ALA J 83 -19.78 11.09 2.83
C ALA J 83 -21.09 10.94 3.60
N ASP J 84 -21.06 10.21 4.71
CA ASP J 84 -22.27 10.02 5.49
C ASP J 84 -22.77 11.33 6.09
N PHE J 85 -21.87 12.28 6.34
CA PHE J 85 -22.29 13.60 6.82
C PHE J 85 -23.18 14.28 5.79
N LEU J 86 -22.75 14.32 4.54
CA LEU J 86 -23.55 14.93 3.48
C LEU J 86 -24.84 14.14 3.26
N TYR J 87 -24.76 12.81 3.33
CA TYR J 87 -25.95 11.97 3.18
C TYR J 87 -27.00 12.31 4.23
N GLU J 88 -26.59 12.34 5.50
CA GLU J 88 -27.52 12.68 6.58
C GLU J 88 -28.05 14.10 6.43
N PHE J 89 -27.17 15.04 6.06
CA PHE J 89 -27.61 16.42 5.88
C PHE J 89 -28.71 16.51 4.84
N ILE J 90 -28.51 15.89 3.67
CA ILE J 90 -29.48 16.06 2.60
C ILE J 90 -30.75 15.25 2.88
N GLU J 91 -30.67 14.19 3.68
CA GLU J 91 -31.91 13.47 4.07
C GLU J 91 -32.76 14.39 4.96
N GLU J 92 -32.16 14.88 6.04
CA GLU J 92 -32.87 15.81 6.96
C GLU J 92 -33.29 17.06 6.19
N LEU J 93 -32.41 17.54 5.30
CA LEU J 93 -32.73 18.74 4.48
C LEU J 93 -34.02 18.47 3.69
N ARG J 94 -34.06 17.36 2.96
CA ARG J 94 -35.29 16.98 2.21
C ARG J 94 -36.48 17.00 3.18
N TYR J 95 -36.36 16.29 4.30
CA TYR J 95 -37.46 16.26 5.30
C TYR J 95 -37.97 17.68 5.56
N ARG J 96 -37.09 18.60 5.98
CA ARG J 96 -37.49 19.99 6.31
C ARG J 96 -38.17 20.65 5.10
N ILE J 97 -37.49 20.67 3.94
CA ILE J 97 -38.07 21.27 2.70
C ILE J 97 -39.52 20.81 2.57
N ASN J 98 -39.78 19.50 2.69
CA ASN J 98 -41.17 18.98 2.63
C ASN J 98 -42.01 19.70 3.71
N LYS J 99 -41.56 19.65 4.97
CA LYS J 99 -42.28 20.32 6.05
C LYS J 99 -42.59 21.77 5.70
N GLY J 100 -41.63 22.47 5.09
CA GLY J 100 -41.87 23.85 4.69
C GLY J 100 -42.94 23.98 3.62
N LEU J 101 -42.95 23.05 2.66
CA LEU J 101 -44.02 23.04 1.67
C LEU J 101 -45.38 22.83 2.32
N ARG J 102 -45.45 21.92 3.29
CA ARG J 102 -46.71 21.69 4.00
C ARG J 102 -47.13 22.93 4.76
N ILE J 103 -46.18 23.62 5.39
CA ILE J 103 -46.49 24.85 6.12
C ILE J 103 -47.04 25.91 5.18
N ALA J 104 -46.40 26.06 4.01
CA ALA J 104 -46.89 27.03 3.03
C ALA J 104 -48.30 26.68 2.57
N GLU J 105 -48.56 25.39 2.35
CA GLU J 105 -49.92 24.96 1.98
C GLU J 105 -50.92 25.32 3.07
N GLU J 106 -50.57 25.05 4.33
CA GLU J 106 -51.47 25.36 5.43
C GLU J 106 -51.78 26.85 5.47
N HIS J 107 -50.74 27.68 5.40
CA HIS J 107 -50.94 29.12 5.52
C HIS J 107 -51.76 29.66 4.34
N THR J 108 -51.51 29.17 3.12
CA THR J 108 -52.27 29.66 1.98
C THR J 108 -53.73 29.23 2.06
N ARG J 109 -53.98 27.95 2.37
CA ARG J 109 -55.35 27.47 2.44
C ARG J 109 -56.13 28.11 3.57
N GLU J 110 -55.49 28.44 4.69
CA GLU J 110 -56.18 29.13 5.76
C GLU J 110 -56.22 30.65 5.56
N ALA J 111 -55.37 31.19 4.67
CA ALA J 111 -55.49 32.57 4.23
C ALA J 111 -56.59 32.77 3.22
N SER J 112 -57.02 31.70 2.55
CA SER J 112 -58.10 31.79 1.58
C SER J 112 -59.34 32.45 2.18
N GLY J 113 -59.91 31.83 3.22
CA GLY J 113 -61.05 32.40 3.90
C GLY J 113 -60.72 33.12 5.19
N SER J 114 -59.76 34.04 5.17
CA SER J 114 -59.39 34.75 6.39
C SER J 114 -59.36 36.26 6.19
N GLU J 115 -59.04 36.70 4.97
CA GLU J 115 -58.94 38.11 4.57
C GLU J 115 -57.79 38.84 5.24
N ASP J 116 -57.04 38.20 6.13
CA ASP J 116 -55.93 38.82 6.85
C ASP J 116 -54.62 38.30 6.28
N VAL J 117 -53.74 39.22 5.88
CA VAL J 117 -52.45 38.84 5.31
C VAL J 117 -51.32 39.49 6.10
N GLY J 118 -51.61 40.60 6.78
CA GLY J 118 -50.56 41.36 7.45
C GLY J 118 -49.90 40.61 8.59
N LYS J 119 -50.66 39.82 9.34
CA LYS J 119 -50.13 38.98 10.40
C LYS J 119 -49.84 37.57 9.93
N LEU J 120 -50.60 37.09 8.95
CA LEU J 120 -50.43 35.72 8.47
C LEU J 120 -49.15 35.56 7.67
N ILE J 121 -48.73 36.60 6.93
CA ILE J 121 -47.45 36.55 6.24
C ILE J 121 -46.31 36.43 7.24
N ALA J 122 -46.38 37.20 8.33
CA ALA J 122 -45.36 37.09 9.38
C ALA J 122 -45.36 35.71 10.01
N ARG J 123 -46.56 35.16 10.27
CA ARG J 123 -46.62 33.82 10.84
C ARG J 123 -46.03 32.79 9.89
N LEU J 124 -46.31 32.92 8.59
CA LEU J 124 -45.73 32.01 7.60
C LEU J 124 -44.22 32.14 7.57
N ARG J 125 -43.70 33.36 7.64
CA ARG J 125 -42.26 33.58 7.69
C ARG J 125 -41.66 32.86 8.89
N GLU J 126 -42.26 33.06 10.07
CA GLU J 126 -41.71 32.45 11.28
C GLU J 126 -41.74 30.93 11.20
N LYS J 127 -42.86 30.36 10.74
CA LYS J 127 -42.95 28.91 10.64
C LYS J 127 -41.97 28.35 9.63
N TYR J 128 -41.82 29.00 8.47
CA TYR J 128 -40.90 28.53 7.46
C TYR J 128 -39.45 28.58 7.96
N ARG J 129 -39.07 29.68 8.61
CA ARG J 129 -37.72 29.80 9.15
C ARG J 129 -37.48 28.76 10.25
N GLU J 130 -38.48 28.52 11.09
CA GLU J 130 -38.35 27.49 12.12
C GLU J 130 -38.18 26.11 11.52
N ALA J 131 -38.94 25.81 10.46
CA ALA J 131 -38.93 24.47 9.89
C ALA J 131 -37.78 24.22 8.93
N LEU J 132 -37.07 25.26 8.48
CA LEU J 132 -36.03 25.07 7.48
C LEU J 132 -34.63 25.51 7.90
N ARG J 133 -34.49 26.35 8.92
CA ARG J 133 -33.19 26.89 9.27
C ARG J 133 -32.79 26.71 10.72
N GLN J 134 -33.61 26.08 11.56
CA GLN J 134 -33.28 25.86 12.97
C GLN J 134 -33.06 24.38 13.20
N GLY J 135 -31.89 24.03 13.73
CA GLY J 135 -31.52 22.65 13.94
C GLY J 135 -30.71 22.03 12.82
N ILE J 136 -30.49 22.76 11.72
CA ILE J 136 -29.68 22.27 10.61
C ILE J 136 -28.79 23.42 10.13
N LEU J 137 -27.77 23.06 9.37
CA LEU J 137 -26.91 24.08 8.75
C LEU J 137 -27.67 24.75 7.62
N ASP J 138 -27.73 26.08 7.65
CA ASP J 138 -28.46 26.84 6.65
C ASP J 138 -27.56 27.74 5.82
N SER J 139 -26.73 28.55 6.46
CA SER J 139 -25.85 29.47 5.75
C SER J 139 -24.48 28.85 5.52
N LYS J 140 -23.79 29.37 4.51
CA LYS J 140 -22.41 28.96 4.26
C LYS J 140 -21.48 29.42 5.37
N GLU J 141 -21.89 30.41 6.16
CA GLU J 141 -21.11 30.84 7.33
C GLU J 141 -21.03 29.73 8.36
N ASP J 142 -22.13 28.99 8.56
CA ASP J 142 -22.10 27.84 9.46
C ASP J 142 -21.10 26.80 8.98
N VAL J 143 -21.05 26.56 7.66
CA VAL J 143 -20.09 25.61 7.11
C VAL J 143 -18.67 26.12 7.29
N ASP J 144 -18.46 27.43 7.18
CA ASP J 144 -17.12 27.98 7.43
C ASP J 144 -16.70 27.76 8.87
N VAL J 145 -17.60 28.00 9.82
CA VAL J 145 -17.27 27.74 11.22
C VAL J 145 -16.95 26.25 11.42
N LEU J 146 -17.80 25.39 10.84
CA LEU J 146 -17.60 23.94 10.94
C LEU J 146 -16.22 23.53 10.44
N LEU J 147 -15.86 23.99 9.24
CA LEU J 147 -14.62 23.53 8.62
C LEU J 147 -13.40 24.18 9.27
N LEU J 148 -13.53 25.42 9.76
CA LEU J 148 -12.42 26.04 10.46
C LEU J 148 -12.17 25.40 11.81
N ALA J 149 -13.23 24.90 12.46
CA ALA J 149 -13.03 24.10 13.67
C ALA J 149 -12.52 22.70 13.35
N TYR J 150 -12.90 22.16 12.20
CA TYR J 150 -12.46 20.82 11.82
C TYR J 150 -10.98 20.79 11.46
N GLU J 151 -10.50 21.81 10.73
CA GLU J 151 -9.11 21.80 10.30
C GLU J 151 -8.17 22.06 11.47
N LEU J 152 -8.54 22.97 12.36
CA LEU J 152 -7.70 23.37 13.47
C LEU J 152 -7.86 22.46 14.69
N ASP J 153 -8.69 21.43 14.59
CA ASP J 153 -9.13 20.65 15.74
C ASP J 153 -9.68 21.59 16.81
N GLY J 154 -10.70 22.34 16.39
CA GLY J 154 -11.16 23.50 17.14
C GLY J 154 -12.31 23.23 18.08
N VAL J 155 -12.40 24.07 19.11
CA VAL J 155 -13.53 24.08 20.02
C VAL J 155 -14.58 25.02 19.43
N LEU J 156 -15.72 24.46 19.02
CA LEU J 156 -16.77 25.25 18.39
C LEU J 156 -17.59 25.95 19.47
N VAL J 157 -17.54 27.28 19.47
CA VAL J 157 -18.31 28.10 20.40
C VAL J 157 -19.44 28.73 19.61
N SER J 158 -20.66 28.27 19.83
CA SER J 158 -21.82 28.80 19.13
C SER J 158 -23.08 28.46 19.92
N ALA J 159 -24.07 29.35 19.80
CA ALA J 159 -25.39 29.11 20.37
C ALA J 159 -26.37 28.51 19.37
N ASP J 160 -25.92 28.27 18.13
CA ASP J 160 -26.76 27.67 17.10
C ASP J 160 -26.80 26.18 17.34
N GLU J 161 -27.97 25.65 17.69
CA GLU J 161 -28.08 24.23 18.00
C GLU J 161 -27.82 23.36 16.78
N GLY J 162 -28.20 23.83 15.59
CA GLY J 162 -27.90 23.07 14.39
C GLY J 162 -26.41 22.93 14.15
N LEU J 163 -25.66 24.02 14.35
CA LEU J 163 -24.21 23.95 14.24
C LEU J 163 -23.64 22.96 15.24
N ARG J 164 -24.18 22.95 16.46
CA ARG J 164 -23.69 22.01 17.48
C ARG J 164 -23.95 20.57 17.07
N THR J 165 -25.18 20.26 16.66
CA THR J 165 -25.51 18.87 16.36
C THR J 165 -24.86 18.40 15.07
N TRP J 166 -24.46 19.30 14.18
CA TRP J 166 -23.78 18.87 12.98
C TRP J 166 -22.25 18.91 13.10
N ALA J 167 -21.72 19.68 14.06
CA ALA J 167 -20.31 19.54 14.39
C ALA J 167 -20.05 18.31 15.23
N ASP J 168 -21.05 17.87 16.01
CA ASP J 168 -20.91 16.62 16.75
C ASP J 168 -20.76 15.44 15.80
N LYS J 169 -21.50 15.44 14.68
CA LYS J 169 -21.38 14.39 13.69
C LYS J 169 -20.03 14.37 13.00
N ILE J 170 -19.28 15.46 13.08
CA ILE J 170 -17.95 15.54 12.47
C ILE J 170 -16.85 15.08 13.42
N GLY J 171 -16.99 15.34 14.71
CA GLY J 171 -15.93 15.11 15.66
C GLY J 171 -15.28 16.37 16.18
N ILE J 172 -16.00 17.49 16.17
CA ILE J 172 -15.46 18.77 16.61
C ILE J 172 -15.75 18.91 18.10
N LYS J 173 -14.73 19.27 18.87
CA LYS J 173 -14.93 19.52 20.28
C LYS J 173 -15.94 20.65 20.47
N LEU J 174 -17.04 20.34 21.14
CA LEU J 174 -18.11 21.30 21.37
C LEU J 174 -18.02 21.85 22.78
N ILE J 175 -18.54 23.06 22.95
CA ILE J 175 -18.47 23.77 24.22
C ILE J 175 -19.86 24.30 24.54
N ASP J 176 -20.07 24.58 25.81
CA ASP J 176 -21.32 25.22 26.23
C ASP J 176 -21.19 26.73 26.05
N PRO J 177 -21.95 27.34 25.15
CA PRO J 177 -21.82 28.80 24.95
C PRO J 177 -22.21 29.61 26.16
N LYS J 178 -23.01 29.06 27.08
CA LYS J 178 -23.38 29.75 28.30
C LYS J 178 -22.28 29.70 29.36
N ASN J 179 -21.23 28.92 29.12
CA ASN J 179 -20.10 28.82 30.04
C ASN J 179 -18.82 29.41 29.47
N PHE J 180 -18.87 30.05 28.30
CA PHE J 180 -17.64 30.49 27.65
C PHE J 180 -16.93 31.56 28.45
N LYS J 181 -17.69 32.49 29.04
CA LYS J 181 -17.08 33.57 29.84
C LYS J 181 -16.39 33.01 31.08
N ASN J 182 -17.09 32.19 31.85
CA ASN J 182 -16.49 31.57 33.02
C ASN J 182 -15.56 30.41 32.66
N ILE J 183 -15.52 30.00 31.40
CA ILE J 183 -14.43 29.16 30.92
C ILE J 183 -13.16 29.99 30.74
N LEU J 184 -13.31 31.17 30.12
CA LEU J 184 -12.17 32.06 29.95
C LEU J 184 -11.63 32.53 31.29
N GLU J 185 -12.51 32.70 32.28
CA GLU J 185 -12.06 33.00 33.64
C GLU J 185 -11.04 31.98 34.12
N SER J 186 -11.43 30.70 34.16
CA SER J 186 -10.54 29.66 34.67
C SER J 186 -9.32 29.49 33.78
N LEU J 187 -9.48 29.66 32.46
CA LEU J 187 -8.35 29.54 31.56
C LEU J 187 -7.32 30.62 31.83
N VAL J 188 -7.76 31.85 32.10
CA VAL J 188 -6.85 32.92 32.48
C VAL J 188 -6.20 32.60 33.82
N ARG J 189 -6.98 32.14 34.79
CA ARG J 189 -6.40 31.71 36.06
C ARG J 189 -5.58 30.45 35.89
N VAL K 3 -2.86 7.73 -21.79
CA VAL K 3 -3.42 8.88 -21.08
C VAL K 3 -3.19 10.15 -21.87
N PHE K 4 -4.04 10.41 -22.85
CA PHE K 4 -3.96 11.58 -23.71
C PHE K 4 -5.07 12.55 -23.32
N VAL K 5 -4.70 13.69 -22.74
CA VAL K 5 -5.66 14.71 -22.36
C VAL K 5 -6.00 15.55 -23.59
N LEU K 6 -7.06 15.18 -24.29
CA LEU K 6 -7.46 15.87 -25.51
C LEU K 6 -7.98 17.27 -25.17
N ASP K 7 -8.25 18.04 -26.22
CA ASP K 7 -8.77 19.40 -26.10
C ASP K 7 -9.68 19.69 -27.28
N THR K 8 -10.23 20.91 -27.31
CA THR K 8 -11.13 21.29 -28.38
C THR K 8 -10.37 21.55 -29.68
N SER K 9 -9.12 22.01 -29.57
CA SER K 9 -8.33 22.31 -30.76
C SER K 9 -8.06 21.06 -31.59
N VAL K 10 -7.99 19.90 -30.95
CA VAL K 10 -7.71 18.66 -31.66
C VAL K 10 -8.84 18.22 -32.58
N PHE K 11 -10.03 18.80 -32.45
CA PHE K 11 -11.16 18.46 -33.28
C PHE K 11 -11.86 19.65 -33.93
N THR K 12 -11.81 20.84 -33.32
CA THR K 12 -12.45 22.00 -33.93
C THR K 12 -11.61 22.56 -35.08
N ASN K 13 -10.29 22.45 -35.00
CA ASN K 13 -9.42 22.96 -36.04
C ASN K 13 -9.56 22.11 -37.30
N PRO K 14 -9.82 22.72 -38.46
CA PRO K 14 -9.93 21.92 -39.69
C PRO K 14 -8.65 21.21 -40.08
N GLU K 15 -7.49 21.75 -39.72
CA GLU K 15 -6.21 21.14 -40.06
C GLU K 15 -6.04 19.80 -39.35
N ILE K 16 -6.29 19.78 -38.04
CA ILE K 16 -6.15 18.54 -37.28
C ILE K 16 -7.20 17.53 -37.70
N TYR K 17 -8.42 18.00 -37.99
CA TYR K 17 -9.46 17.10 -38.46
C TYR K 17 -9.09 16.46 -39.80
N ARG K 18 -8.54 17.26 -40.72
CA ARG K 18 -8.14 16.73 -42.01
C ARG K 18 -6.88 15.87 -41.92
N THR K 19 -6.08 16.05 -40.87
CA THR K 19 -4.88 15.22 -40.70
C THR K 19 -5.25 13.75 -40.51
N PHE K 20 -6.34 13.48 -39.80
CA PHE K 20 -6.80 12.12 -39.57
C PHE K 20 -7.41 11.54 -40.83
N ARG K 25 -17.55 14.71 -39.66
CA ARG K 25 -18.20 13.46 -39.33
C ARG K 25 -17.32 12.27 -39.66
N GLY K 26 -16.30 12.50 -40.50
CA GLY K 26 -15.37 11.45 -40.85
C GLY K 26 -14.16 11.46 -39.94
N ALA K 27 -13.65 12.65 -39.61
CA ALA K 27 -12.53 12.74 -38.69
C ALA K 27 -12.89 12.22 -37.31
N MET K 28 -14.09 12.55 -36.84
CA MET K 28 -14.54 12.05 -35.53
C MET K 28 -14.66 10.52 -35.54
N GLU K 29 -15.24 9.97 -36.61
CA GLU K 29 -15.37 8.51 -36.69
C GLU K 29 -14.00 7.84 -36.73
N THR K 30 -13.06 8.40 -37.52
CA THR K 30 -11.73 7.82 -37.59
C THR K 30 -11.02 7.89 -36.23
N PHE K 31 -11.14 9.03 -35.54
CA PHE K 31 -10.53 9.15 -34.22
C PHE K 31 -11.15 8.19 -33.21
N ILE K 32 -12.46 8.02 -33.26
CA ILE K 32 -13.12 7.08 -32.34
C ILE K 32 -12.66 5.65 -32.61
N HIS K 33 -12.58 5.28 -33.89
CA HIS K 33 -12.14 3.94 -34.24
C HIS K 33 -10.68 3.72 -33.86
N LEU K 34 -9.84 4.74 -33.98
CA LEU K 34 -8.44 4.60 -33.61
C LEU K 34 -8.27 4.49 -32.10
N ALA K 35 -8.96 5.35 -31.34
CA ALA K 35 -8.81 5.35 -29.89
C ALA K 35 -9.46 4.13 -29.24
N LEU K 36 -10.56 3.63 -29.80
CA LEU K 36 -11.22 2.45 -29.24
C LEU K 36 -10.40 1.18 -29.39
N ASN K 37 -9.38 1.19 -30.25
CA ASN K 37 -8.53 0.02 -30.46
C ASN K 37 -7.06 0.29 -30.20
N SER K 38 -6.71 1.48 -29.73
CA SER K 38 -5.32 1.82 -29.45
C SER K 38 -4.88 1.44 -28.04
N ARG K 39 -5.79 0.92 -27.22
CA ARG K 39 -5.50 0.59 -25.82
C ARG K 39 -4.95 1.80 -25.07
N ALA K 40 -5.55 2.97 -25.33
CA ALA K 40 -5.13 4.22 -24.73
C ALA K 40 -6.32 4.90 -24.07
N GLU K 41 -6.02 5.79 -23.13
CA GLU K 41 -7.04 6.52 -22.39
C GLU K 41 -7.07 7.97 -22.87
N PHE K 42 -8.27 8.47 -23.15
CA PHE K 42 -8.48 9.85 -23.55
C PHE K 42 -9.36 10.55 -22.53
N TYR K 43 -8.93 11.73 -22.08
CA TYR K 43 -9.63 12.49 -21.05
C TYR K 43 -9.83 13.91 -21.55
N MET K 44 -11.08 14.27 -21.86
CA MET K 44 -11.43 15.61 -22.28
C MET K 44 -12.24 16.30 -21.18
N PRO K 45 -11.84 17.49 -20.75
CA PRO K 45 -12.58 18.17 -19.67
C PRO K 45 -14.01 18.48 -20.08
N THR K 46 -14.89 18.54 -19.08
CA THR K 46 -16.30 18.77 -19.33
C THR K 46 -16.54 20.15 -19.93
N SER K 47 -15.81 21.16 -19.45
CA SER K 47 -15.95 22.50 -20.00
C SER K 47 -15.49 22.55 -21.46
N VAL K 48 -14.34 21.95 -21.75
CA VAL K 48 -13.83 21.94 -23.12
C VAL K 48 -14.76 21.14 -24.03
N TYR K 49 -15.27 20.01 -23.52
CA TYR K 49 -16.19 19.20 -24.30
C TYR K 49 -17.48 19.96 -24.59
N THR K 50 -18.00 20.69 -23.60
CA THR K 50 -19.21 21.48 -23.80
C THR K 50 -18.96 22.58 -24.82
N GLU K 51 -17.81 23.25 -24.75
CA GLU K 51 -17.48 24.28 -25.73
C GLU K 51 -17.38 23.70 -27.13
N MET K 52 -16.75 22.53 -27.26
CA MET K 52 -16.64 21.89 -28.58
C MET K 52 -18.01 21.51 -29.11
N ARG K 53 -18.85 20.93 -28.26
CA ARG K 53 -20.19 20.53 -28.70
C ARG K 53 -21.08 21.73 -29.02
N LYS K 54 -20.83 22.88 -28.39
CA LYS K 54 -21.54 24.10 -28.75
C LYS K 54 -20.91 24.83 -29.94
N ILE K 55 -19.71 24.41 -30.36
CA ILE K 55 -19.06 24.98 -31.52
C ILE K 55 -18.87 23.94 -32.63
N MET K 56 -19.55 22.79 -32.51
CA MET K 56 -19.48 21.77 -33.54
C MET K 56 -20.77 20.95 -33.51
N ASP K 57 -21.09 20.37 -34.66
CA ASP K 57 -22.32 19.61 -34.86
C ASP K 57 -22.02 18.31 -35.58
N VAL K 58 -21.01 17.58 -35.11
CA VAL K 58 -20.50 16.42 -35.83
C VAL K 58 -21.61 15.41 -36.10
N GLY K 59 -22.39 15.07 -35.07
CA GLY K 59 -23.56 14.24 -35.27
C GLY K 59 -23.25 12.76 -35.36
N GLU K 60 -23.99 11.94 -34.62
CA GLU K 60 -23.91 10.48 -34.61
C GLU K 60 -22.57 9.97 -34.09
N LEU K 61 -21.64 10.85 -33.75
CA LEU K 61 -20.36 10.46 -33.19
C LEU K 61 -20.16 10.94 -31.76
N TRP K 62 -21.02 11.81 -31.25
CA TRP K 62 -20.97 12.18 -29.84
C TRP K 62 -21.36 11.01 -28.94
N ALA K 63 -22.06 10.02 -29.49
CA ALA K 63 -22.42 8.80 -28.76
C ALA K 63 -21.38 7.70 -28.90
N GLU K 64 -20.28 7.96 -29.61
CA GLU K 64 -19.20 7.01 -29.75
C GLU K 64 -17.92 7.58 -29.17
N PHE K 65 -17.81 8.91 -29.16
CA PHE K 65 -16.68 9.56 -28.52
C PHE K 65 -16.78 9.50 -27.01
N GLU K 66 -18.00 9.39 -26.48
CA GLU K 66 -18.17 9.22 -25.04
C GLU K 66 -17.67 7.85 -24.58
N MET K 67 -17.69 6.86 -25.47
CA MET K 67 -17.20 5.52 -25.17
C MET K 67 -15.69 5.39 -25.38
N VAL K 68 -15.03 6.43 -25.88
CA VAL K 68 -13.59 6.40 -26.10
C VAL K 68 -12.94 7.41 -25.15
N VAL K 69 -13.32 8.67 -25.28
CA VAL K 69 -12.83 9.72 -24.38
C VAL K 69 -13.58 9.62 -23.05
N LYS K 70 -13.07 10.29 -22.03
CA LYS K 70 -13.67 10.29 -20.69
C LYS K 70 -13.93 11.74 -20.30
N ILE K 71 -15.16 12.21 -20.55
CA ILE K 71 -15.53 13.58 -20.25
C ILE K 71 -15.72 13.70 -18.73
N ARG K 72 -14.81 14.43 -18.08
CA ARG K 72 -14.88 14.63 -16.64
C ARG K 72 -14.15 15.91 -16.28
N SER K 73 -14.51 16.48 -15.15
CA SER K 73 -13.85 17.68 -14.67
C SER K 73 -12.48 17.35 -14.09
N PRO K 74 -11.55 18.30 -14.09
CA PRO K 74 -10.20 18.03 -13.56
C PRO K 74 -10.14 17.86 -12.05
N ARG K 75 -11.27 17.95 -11.35
CA ARG K 75 -11.32 17.81 -9.89
C ARG K 75 -10.42 18.87 -9.22
N ARG K 76 -10.78 20.14 -9.43
CA ARG K 76 -9.95 21.24 -8.94
C ARG K 76 -9.88 21.27 -7.42
N PHE K 77 -10.82 20.61 -6.75
CA PHE K 77 -10.86 20.57 -5.30
C PHE K 77 -9.61 19.90 -4.72
N GLN K 78 -9.12 18.86 -5.40
CA GLN K 78 -7.99 18.09 -4.91
C GLN K 78 -6.67 18.46 -5.56
N LEU K 79 -6.69 19.09 -6.74
CA LEU K 79 -5.46 19.43 -7.42
C LEU K 79 -4.78 20.62 -6.75
N THR K 80 -3.47 20.73 -6.97
CA THR K 80 -2.66 21.81 -6.41
C THR K 80 -1.64 22.24 -7.45
N VAL K 81 -1.91 23.36 -8.12
CA VAL K 81 -0.99 23.87 -9.14
C VAL K 81 0.23 24.50 -8.47
N PRO K 82 1.42 24.39 -9.05
CA PRO K 82 2.59 25.04 -8.46
C PRO K 82 2.47 26.56 -8.52
N ALA K 83 3.07 27.23 -7.52
CA ALA K 83 2.98 28.68 -7.45
C ALA K 83 3.84 29.34 -8.51
N ASP K 84 4.87 28.64 -9.02
CA ASP K 84 5.71 29.20 -10.06
C ASP K 84 4.92 29.46 -11.34
N PHE K 85 4.03 28.54 -11.71
CA PHE K 85 3.19 28.75 -12.87
C PHE K 85 2.27 29.96 -12.66
N LEU K 86 1.73 30.11 -11.45
CA LEU K 86 0.88 31.26 -11.15
C LEU K 86 1.66 32.56 -11.29
N TYR K 87 2.88 32.60 -10.77
CA TYR K 87 3.70 33.81 -10.87
C TYR K 87 4.03 34.13 -12.34
N GLU K 88 4.38 33.11 -13.12
CA GLU K 88 4.68 33.33 -14.53
C GLU K 88 3.46 33.84 -15.27
N PHE K 89 2.29 33.26 -15.00
CA PHE K 89 1.05 33.70 -15.63
C PHE K 89 0.72 35.14 -15.23
N ILE K 90 0.95 35.49 -13.97
CA ILE K 90 0.67 36.85 -13.51
C ILE K 90 1.56 37.85 -14.23
N GLU K 91 2.86 37.52 -14.33
CA GLU K 91 3.78 38.43 -15.01
C GLU K 91 3.42 38.58 -16.48
N GLU K 92 3.12 37.45 -17.16
CA GLU K 92 2.72 37.51 -18.55
C GLU K 92 1.43 38.29 -18.75
N LEU K 93 0.45 38.12 -17.86
CA LEU K 93 -0.80 38.87 -17.93
C LEU K 93 -0.59 40.36 -17.71
N ARG K 94 0.28 40.74 -16.77
CA ARG K 94 0.57 42.15 -16.57
C ARG K 94 1.23 42.75 -17.81
N TYR K 95 2.19 42.04 -18.39
CA TYR K 95 2.83 42.54 -19.61
C TYR K 95 1.83 42.66 -20.75
N ARG K 96 0.95 41.67 -20.91
CA ARG K 96 -0.03 41.71 -21.97
C ARG K 96 -1.06 42.80 -21.75
N ILE K 97 -1.39 43.08 -20.48
CA ILE K 97 -2.33 44.15 -20.17
C ILE K 97 -1.72 45.51 -20.51
N ASN K 98 -0.44 45.70 -20.16
CA ASN K 98 0.24 46.94 -20.54
C ASN K 98 0.29 47.08 -22.05
N LYS K 99 0.61 46.00 -22.76
CA LYS K 99 0.65 46.05 -24.22
C LYS K 99 -0.71 46.38 -24.81
N GLY K 100 -1.77 45.78 -24.25
CA GLY K 100 -3.11 46.06 -24.74
C GLY K 100 -3.54 47.49 -24.48
N LEU K 101 -3.18 48.03 -23.32
CA LEU K 101 -3.48 49.44 -23.05
C LEU K 101 -2.75 50.35 -24.02
N ARG K 102 -1.47 50.05 -24.30
CA ARG K 102 -0.73 50.84 -25.27
C ARG K 102 -1.35 50.74 -26.67
N ILE K 103 -1.79 49.54 -27.05
CA ILE K 103 -2.42 49.35 -28.35
C ILE K 103 -3.73 50.13 -28.43
N ALA K 104 -4.52 50.11 -27.36
CA ALA K 104 -5.77 50.86 -27.35
C ALA K 104 -5.51 52.35 -27.45
N GLU K 105 -4.50 52.85 -26.74
CA GLU K 105 -4.15 54.27 -26.84
C GLU K 105 -3.71 54.62 -28.26
N GLU K 106 -2.89 53.77 -28.87
CA GLU K 106 -2.45 54.02 -30.24
C GLU K 106 -3.62 54.02 -31.22
N HIS K 107 -4.55 53.08 -31.05
CA HIS K 107 -5.72 53.03 -31.92
C HIS K 107 -6.60 54.28 -31.74
N THR K 108 -6.78 54.71 -30.50
CA THR K 108 -7.55 55.93 -30.25
C THR K 108 -6.88 57.14 -30.89
N ARG K 109 -5.56 57.23 -30.79
CA ARG K 109 -4.84 58.34 -31.41
C ARG K 109 -4.96 58.29 -32.93
N GLU K 110 -4.87 57.09 -33.52
CA GLU K 110 -4.92 56.95 -34.97
C GLU K 110 -6.32 57.15 -35.53
N ALA K 111 -7.36 56.91 -34.73
CA ALA K 111 -8.73 57.06 -35.21
C ALA K 111 -9.12 58.51 -35.46
N SER K 112 -8.31 59.49 -35.03
CA SER K 112 -8.64 60.88 -35.23
C SER K 112 -8.66 61.24 -36.72
N GLY K 113 -7.69 60.75 -37.47
CA GLY K 113 -7.57 61.05 -38.88
C GLY K 113 -8.31 60.11 -39.82
N SER K 114 -9.09 59.17 -39.30
CA SER K 114 -9.80 58.20 -40.11
C SER K 114 -11.30 58.44 -40.03
N GLU K 115 -11.99 58.25 -41.15
CA GLU K 115 -13.43 58.42 -41.23
C GLU K 115 -14.19 57.10 -41.29
N ASP K 116 -13.50 55.97 -41.33
CA ASP K 116 -14.13 54.66 -41.38
C ASP K 116 -13.86 53.93 -40.06
N VAL K 117 -14.85 53.98 -39.15
CA VAL K 117 -14.71 53.27 -37.88
C VAL K 117 -14.71 51.77 -38.10
N GLY K 118 -15.32 51.30 -39.19
CA GLY K 118 -15.43 49.87 -39.47
C GLY K 118 -14.10 49.19 -39.70
N LYS K 119 -13.04 49.98 -39.92
CA LYS K 119 -11.69 49.46 -40.06
C LYS K 119 -10.87 49.64 -38.80
N LEU K 120 -10.95 50.81 -38.16
CA LEU K 120 -10.20 51.04 -36.94
C LEU K 120 -10.67 50.11 -35.82
N ILE K 121 -11.99 49.93 -35.69
CA ILE K 121 -12.52 49.05 -34.66
C ILE K 121 -12.09 47.61 -34.91
N ALA K 122 -12.14 47.16 -36.17
CA ALA K 122 -11.71 45.80 -36.49
C ALA K 122 -10.23 45.61 -36.21
N ARG K 123 -9.40 46.60 -36.56
CA ARG K 123 -7.97 46.50 -36.27
C ARG K 123 -7.71 46.45 -34.77
N LEU K 124 -8.42 47.27 -34.00
CA LEU K 124 -8.27 47.24 -32.55
C LEU K 124 -8.68 45.90 -31.97
N ARG K 125 -9.80 45.34 -32.47
CA ARG K 125 -10.24 44.04 -32.00
C ARG K 125 -9.22 42.95 -32.33
N GLU K 126 -8.66 42.99 -33.54
CA GLU K 126 -7.65 42.00 -33.93
C GLU K 126 -6.40 42.14 -33.08
N LYS K 127 -5.97 43.36 -32.79
CA LYS K 127 -4.81 43.56 -31.93
C LYS K 127 -5.07 43.05 -30.52
N TYR K 128 -6.26 43.33 -29.98
CA TYR K 128 -6.57 42.91 -28.62
C TYR K 128 -6.66 41.40 -28.51
N ARG K 129 -7.34 40.75 -29.45
CA ARG K 129 -7.52 39.31 -29.39
C ARG K 129 -6.23 38.53 -29.63
N GLU K 130 -5.17 39.19 -30.07
CA GLU K 130 -3.87 38.56 -30.22
C GLU K 130 -2.85 39.02 -29.19
N ALA K 131 -3.09 40.14 -28.51
CA ALA K 131 -2.20 40.58 -27.45
C ALA K 131 -2.62 40.09 -26.08
N LEU K 132 -3.92 40.02 -25.81
CA LEU K 132 -4.42 39.60 -24.50
C LEU K 132 -4.97 38.19 -24.49
N ARG K 133 -4.94 37.48 -25.63
CA ARG K 133 -5.48 36.13 -25.67
C ARG K 133 -4.59 35.17 -26.46
N GLN K 134 -3.32 35.50 -26.65
CA GLN K 134 -2.38 34.63 -27.35
C GLN K 134 -1.12 34.47 -26.51
N GLY K 135 -0.61 33.25 -26.46
CA GLY K 135 0.56 32.95 -25.66
C GLY K 135 0.31 32.73 -24.20
N ILE K 136 -0.95 32.83 -23.75
CA ILE K 136 -1.31 32.59 -22.35
C ILE K 136 -2.68 31.94 -22.32
N LEU K 137 -3.03 31.37 -21.18
CA LEU K 137 -4.35 30.77 -21.00
C LEU K 137 -5.40 31.87 -20.96
N ASP K 138 -6.43 31.72 -21.78
CA ASP K 138 -7.48 32.73 -21.91
C ASP K 138 -8.85 32.24 -21.48
N SER K 139 -9.24 31.03 -21.88
CA SER K 139 -10.54 30.48 -21.55
C SER K 139 -10.43 29.52 -20.37
N LYS K 140 -11.53 29.40 -19.62
CA LYS K 140 -11.56 28.45 -18.52
C LYS K 140 -11.40 27.01 -19.01
N GLU K 141 -11.75 26.74 -20.27
CA GLU K 141 -11.55 25.42 -20.83
C GLU K 141 -10.07 25.07 -20.92
N ASP K 142 -9.23 26.05 -21.26
CA ASP K 142 -7.79 25.80 -21.31
C ASP K 142 -7.23 25.46 -19.93
N VAL K 143 -7.67 26.19 -18.90
CA VAL K 143 -7.23 25.88 -17.54
C VAL K 143 -7.73 24.52 -17.10
N ASP K 144 -8.96 24.17 -17.50
CA ASP K 144 -9.49 22.86 -17.18
C ASP K 144 -8.68 21.75 -17.85
N VAL K 145 -8.28 21.96 -19.10
CA VAL K 145 -7.45 20.98 -19.81
C VAL K 145 -6.11 20.83 -19.13
N LEU K 146 -5.49 21.96 -18.76
CA LEU K 146 -4.20 21.91 -18.09
C LEU K 146 -4.31 21.18 -16.75
N LEU K 147 -5.35 21.46 -15.97
CA LEU K 147 -5.50 20.81 -14.67
C LEU K 147 -5.80 19.33 -14.81
N LEU K 148 -6.62 18.96 -15.80
CA LEU K 148 -6.91 17.55 -16.04
C LEU K 148 -5.67 16.79 -16.49
N ALA K 149 -4.82 17.40 -17.31
CA ALA K 149 -3.57 16.78 -17.70
C ALA K 149 -2.60 16.66 -16.53
N TYR K 150 -2.52 17.70 -15.69
CA TYR K 150 -1.61 17.66 -14.55
C TYR K 150 -2.03 16.63 -13.51
N GLU K 151 -3.33 16.51 -13.26
CA GLU K 151 -3.83 15.58 -12.25
C GLU K 151 -3.66 14.13 -12.66
N LEU K 152 -3.98 13.80 -13.92
CA LEU K 152 -3.88 12.44 -14.41
C LEU K 152 -2.52 12.10 -14.98
N ASP K 153 -1.61 13.08 -15.07
CA ASP K 153 -0.27 12.89 -15.63
C ASP K 153 -0.35 12.35 -17.06
N GLY K 154 -0.93 13.17 -17.94
CA GLY K 154 -1.13 12.79 -19.32
C GLY K 154 -0.48 13.79 -20.27
N VAL K 155 -0.67 13.53 -21.56
CA VAL K 155 -0.12 14.37 -22.61
C VAL K 155 -1.18 15.38 -23.05
N LEU K 156 -0.89 16.66 -22.88
CA LEU K 156 -1.81 17.74 -23.24
C LEU K 156 -1.79 17.95 -24.75
N VAL K 157 -2.52 17.09 -25.45
CA VAL K 157 -2.63 17.20 -26.90
C VAL K 157 -3.51 18.39 -27.25
N SER K 158 -2.93 19.40 -27.89
CA SER K 158 -3.65 20.61 -28.26
C SER K 158 -2.88 21.33 -29.35
N ALA K 159 -3.39 22.48 -29.76
CA ALA K 159 -2.76 23.30 -30.79
C ALA K 159 -2.41 24.70 -30.35
N ASP K 160 -3.01 25.22 -29.28
CA ASP K 160 -2.68 26.56 -28.80
C ASP K 160 -1.26 26.60 -28.24
N GLU K 161 -0.56 27.69 -28.52
CA GLU K 161 0.81 27.86 -28.03
C GLU K 161 0.82 28.22 -26.56
N GLY K 162 -0.14 29.02 -26.11
CA GLY K 162 -0.19 29.37 -24.70
C GLY K 162 -0.45 28.19 -23.80
N LEU K 163 -1.37 27.30 -24.21
CA LEU K 163 -1.63 26.09 -23.44
C LEU K 163 -0.39 25.21 -23.34
N ARG K 164 0.33 25.05 -24.46
CA ARG K 164 1.55 24.25 -24.45
C ARG K 164 2.62 24.88 -23.55
N THR K 165 2.77 26.20 -23.62
CA THR K 165 3.76 26.87 -22.78
C THR K 165 3.41 26.72 -21.30
N TRP K 166 2.14 26.89 -20.95
CA TRP K 166 1.72 26.76 -19.56
C TRP K 166 1.91 25.33 -19.07
N ALA K 167 1.58 24.35 -19.91
CA ALA K 167 1.77 22.95 -19.53
C ALA K 167 3.25 22.62 -19.33
N ASP K 168 4.12 23.15 -20.21
CA ASP K 168 5.55 22.93 -20.04
C ASP K 168 6.07 23.58 -18.77
N LYS K 169 5.59 24.79 -18.46
CA LYS K 169 5.99 25.45 -17.22
C LYS K 169 5.54 24.67 -16.00
N ILE K 170 4.30 24.15 -16.03
CA ILE K 170 3.81 23.37 -14.90
C ILE K 170 4.59 22.07 -14.77
N GLY K 171 4.81 21.38 -15.88
CA GLY K 171 5.56 20.13 -15.86
C GLY K 171 4.87 19.00 -16.58
N ILE K 172 3.77 19.31 -17.28
CA ILE K 172 3.01 18.30 -17.99
C ILE K 172 3.65 18.03 -19.34
N LYS K 173 3.88 16.76 -19.66
CA LYS K 173 4.46 16.40 -20.94
C LYS K 173 3.52 16.79 -22.08
N LEU K 174 4.07 17.42 -23.11
CA LEU K 174 3.29 17.89 -24.24
C LEU K 174 3.39 16.89 -25.40
N ILE K 175 2.64 17.18 -26.46
CA ILE K 175 2.61 16.37 -27.67
C ILE K 175 2.54 17.31 -28.88
N ASP K 176 2.55 16.71 -30.07
CA ASP K 176 2.47 17.46 -31.32
C ASP K 176 1.18 17.06 -32.04
N PRO K 177 0.25 17.99 -32.26
CA PRO K 177 -0.98 17.63 -32.99
C PRO K 177 -0.75 17.19 -34.42
N LYS K 178 0.35 17.61 -35.04
CA LYS K 178 0.67 17.20 -36.39
C LYS K 178 0.89 15.68 -36.47
N ASN K 179 1.62 15.14 -35.49
CA ASN K 179 1.89 13.71 -35.42
C ASN K 179 0.98 13.00 -34.42
N PHE K 180 -0.06 13.67 -33.93
CA PHE K 180 -0.95 13.06 -32.95
C PHE K 180 -1.64 11.82 -33.53
N LYS K 181 -2.09 11.92 -34.78
CA LYS K 181 -2.64 10.74 -35.45
C LYS K 181 -1.58 9.67 -35.63
N ASN K 182 -0.35 10.07 -35.99
CA ASN K 182 0.74 9.11 -36.09
C ASN K 182 1.11 8.54 -34.73
N ILE K 183 1.08 9.39 -33.69
CA ILE K 183 1.39 8.93 -32.34
C ILE K 183 0.38 7.87 -31.89
N LEU K 184 -0.90 8.11 -32.16
CA LEU K 184 -1.93 7.13 -31.82
C LEU K 184 -1.90 5.94 -32.78
N GLU K 185 -1.35 6.11 -33.98
CA GLU K 185 -1.25 4.99 -34.91
C GLU K 185 -0.19 3.99 -34.46
N SER K 186 0.98 4.49 -34.05
CA SER K 186 2.02 3.60 -33.57
C SER K 186 1.61 2.89 -32.29
N LEU K 187 1.00 3.62 -31.36
CA LEU K 187 0.51 3.04 -30.10
C LEU K 187 -0.91 2.52 -30.29
N VAL K 188 -1.02 1.48 -31.12
CA VAL K 188 -2.31 0.87 -31.43
C VAL K 188 -2.13 -0.60 -31.77
N ASP L 2 2.70 38.02 15.61
CA ASP L 2 2.16 37.71 14.30
C ASP L 2 3.06 38.24 13.19
N VAL L 3 3.28 37.43 12.16
CA VAL L 3 4.14 37.80 11.04
C VAL L 3 3.25 38.52 10.02
N PHE L 4 3.07 39.82 10.22
CA PHE L 4 2.22 40.62 9.34
C PHE L 4 2.92 40.82 8.00
N VAL L 5 2.30 40.31 6.93
CA VAL L 5 2.85 40.44 5.59
C VAL L 5 2.18 41.68 4.97
N LEU L 6 2.81 42.83 5.15
CA LEU L 6 2.30 44.09 4.64
C LEU L 6 2.78 44.33 3.23
N ASP L 7 1.87 44.69 2.33
CA ASP L 7 2.20 44.96 0.94
C ASP L 7 2.49 46.45 0.76
N THR L 8 2.74 46.84 -0.49
CA THR L 8 2.99 48.23 -0.81
C THR L 8 1.72 49.07 -0.77
N SER L 9 0.55 48.45 -0.93
CA SER L 9 -0.71 49.19 -0.87
C SER L 9 -0.96 49.77 0.52
N VAL L 10 -0.42 49.11 1.56
CA VAL L 10 -0.56 49.60 2.92
C VAL L 10 0.58 50.52 3.34
N PHE L 11 1.61 50.67 2.50
CA PHE L 11 2.76 51.52 2.81
C PHE L 11 2.75 52.84 2.07
N THR L 12 2.48 52.83 0.77
CA THR L 12 2.49 54.04 -0.06
C THR L 12 1.12 54.19 -0.71
N ASN L 13 0.21 54.86 0.00
CA ASN L 13 -1.12 55.17 -0.50
C ASN L 13 -1.70 56.28 0.34
N PRO L 14 -2.55 57.14 -0.23
CA PRO L 14 -3.16 58.21 0.58
C PRO L 14 -3.98 57.68 1.74
N GLU L 15 -4.87 56.73 1.48
CA GLU L 15 -5.67 56.14 2.56
C GLU L 15 -4.80 55.39 3.55
N ILE L 16 -3.79 54.66 3.06
CA ILE L 16 -2.89 53.93 3.94
C ILE L 16 -2.09 54.89 4.80
N TYR L 17 -1.58 55.97 4.20
CA TYR L 17 -0.82 56.95 4.96
C TYR L 17 -1.68 57.63 6.01
N ARG L 18 -2.91 58.00 5.65
CA ARG L 18 -3.80 58.64 6.61
C ARG L 18 -4.16 57.70 7.75
N THR L 19 -4.48 56.45 7.43
CA THR L 19 -4.82 55.48 8.47
C THR L 19 -3.64 55.17 9.37
N PHE L 20 -2.46 54.99 8.78
CA PHE L 20 -1.26 54.69 9.54
C PHE L 20 -0.44 55.94 9.82
N GLY L 26 7.23 60.20 5.67
CA GLY L 26 5.93 60.71 6.06
C GLY L 26 5.26 59.88 7.13
N ALA L 27 4.38 58.97 6.72
CA ALA L 27 3.69 58.10 7.66
C ALA L 27 4.55 56.91 8.09
N MET L 28 5.71 56.70 7.45
CA MET L 28 6.55 55.57 7.81
C MET L 28 7.08 55.71 9.23
N GLU L 29 7.45 56.92 9.65
CA GLU L 29 7.93 57.12 11.01
C GLU L 29 6.82 56.89 12.03
N THR L 30 5.62 57.43 11.76
CA THR L 30 4.51 57.23 12.67
C THR L 30 4.11 55.76 12.75
N PHE L 31 4.29 55.01 11.66
CA PHE L 31 4.04 53.58 11.70
C PHE L 31 5.10 52.87 12.54
N ILE L 32 6.38 53.11 12.24
CA ILE L 32 7.47 52.44 12.92
C ILE L 32 7.56 52.84 14.39
N HIS L 33 6.85 53.89 14.79
CA HIS L 33 6.78 54.24 16.21
C HIS L 33 6.28 53.07 17.05
N LEU L 34 5.38 52.26 16.49
CA LEU L 34 4.83 51.12 17.23
C LEU L 34 4.85 49.80 16.46
N ALA L 35 5.11 49.81 15.15
CA ALA L 35 5.12 48.57 14.39
C ALA L 35 6.28 47.68 14.81
N LEU L 36 7.47 48.26 14.98
CA LEU L 36 8.60 47.49 15.49
C LEU L 36 8.36 47.04 16.93
N ASN L 37 7.50 47.76 17.65
CA ASN L 37 7.11 47.36 18.99
C ASN L 37 6.03 46.28 18.92
N SER L 38 5.42 45.97 20.06
CA SER L 38 4.34 44.99 20.19
C SER L 38 4.76 43.58 19.81
N ARG L 39 6.06 43.33 19.61
CA ARG L 39 6.61 42.01 19.33
C ARG L 39 6.02 41.38 18.08
N ALA L 40 5.58 42.18 17.12
CA ALA L 40 5.02 41.69 15.87
C ALA L 40 6.09 41.79 14.78
N GLU L 41 6.56 40.63 14.31
CA GLU L 41 7.64 40.56 13.32
C GLU L 41 7.05 40.68 11.93
N PHE L 42 6.91 41.91 11.44
CA PHE L 42 6.43 42.13 10.09
C PHE L 42 7.42 41.59 9.07
N TYR L 43 6.91 41.04 7.98
CA TYR L 43 7.73 40.43 6.93
C TYR L 43 7.09 40.70 5.58
N MET L 44 7.61 41.72 4.86
CA MET L 44 7.17 42.12 3.53
C MET L 44 7.91 41.34 2.45
N PRO L 45 7.33 41.20 1.26
CA PRO L 45 8.07 40.54 0.17
C PRO L 45 9.17 41.43 -0.38
N THR L 46 10.21 40.78 -0.92
CA THR L 46 11.33 41.53 -1.49
C THR L 46 10.92 42.23 -2.78
N SER L 47 10.17 41.53 -3.65
CA SER L 47 9.71 42.12 -4.89
C SER L 47 8.77 43.29 -4.61
N VAL L 48 7.95 43.17 -3.56
CA VAL L 48 7.08 44.27 -3.16
C VAL L 48 7.91 45.48 -2.74
N TYR L 49 9.00 45.24 -2.00
CA TYR L 49 9.88 46.33 -1.60
C TYR L 49 10.53 46.99 -2.82
N THR L 50 10.96 46.19 -3.79
CA THR L 50 11.57 46.75 -4.99
C THR L 50 10.56 47.58 -5.78
N GLU L 51 9.32 47.08 -5.91
CA GLU L 51 8.29 47.84 -6.61
C GLU L 51 7.95 49.13 -5.88
N MET L 52 7.89 49.09 -4.55
CA MET L 52 7.65 50.29 -3.78
C MET L 52 8.77 51.31 -3.98
N ARG L 53 10.02 50.85 -3.95
CA ARG L 53 11.15 51.74 -4.17
C ARG L 53 11.09 52.35 -5.57
N LYS L 54 10.71 51.56 -6.57
CA LYS L 54 10.51 52.10 -7.91
C LYS L 54 9.37 53.11 -7.93
N ILE L 55 8.39 52.94 -7.04
CA ILE L 55 7.24 53.84 -6.99
C ILE L 55 7.61 55.13 -6.26
N MET L 56 8.00 55.02 -4.99
CA MET L 56 8.30 56.20 -4.19
C MET L 56 9.13 55.77 -2.98
N ASP L 57 9.56 56.77 -2.21
CA ASP L 57 10.37 56.52 -1.02
C ASP L 57 10.31 57.71 -0.07
N LEU L 61 16.32 56.95 6.05
CA LEU L 61 15.13 56.49 6.74
C LEU L 61 14.61 55.18 6.13
N TRP L 62 14.88 54.98 4.83
CA TRP L 62 14.51 53.74 4.17
C TRP L 62 15.28 52.56 4.74
N ALA L 63 16.55 52.76 5.07
CA ALA L 63 17.32 51.69 5.71
C ALA L 63 16.75 51.35 7.09
N GLU L 64 16.17 52.33 7.78
CA GLU L 64 15.52 52.06 9.06
C GLU L 64 14.19 51.36 8.87
N PHE L 65 13.44 51.71 7.83
CA PHE L 65 12.20 51.00 7.54
C PHE L 65 12.48 49.56 7.11
N GLU L 66 13.65 49.31 6.53
CA GLU L 66 14.08 47.96 6.19
C GLU L 66 14.60 47.19 7.39
N MET L 67 14.72 47.83 8.55
CA MET L 67 15.20 47.18 9.76
C MET L 67 14.08 46.64 10.63
N VAL L 68 12.83 46.74 10.16
CA VAL L 68 11.68 46.23 10.92
C VAL L 68 11.02 45.11 10.12
N VAL L 69 10.59 45.41 8.91
CA VAL L 69 9.94 44.43 8.04
C VAL L 69 11.03 43.76 7.20
N LYS L 70 11.15 42.45 7.33
CA LYS L 70 12.14 41.70 6.58
C LYS L 70 11.66 41.44 5.16
N ILE L 71 12.45 41.90 4.18
CA ILE L 71 12.10 41.74 2.76
C ILE L 71 12.53 40.34 2.36
N ARG L 72 11.61 39.39 2.45
CA ARG L 72 11.89 38.00 2.14
C ARG L 72 11.42 37.64 0.74
N SER L 73 11.86 36.47 0.27
CA SER L 73 11.52 35.96 -1.05
C SER L 73 10.18 35.24 -1.01
N PRO L 74 9.48 35.17 -2.14
CA PRO L 74 8.18 34.45 -2.16
C PRO L 74 8.29 32.97 -1.86
N ARG L 75 9.47 32.37 -2.07
CA ARG L 75 9.68 30.94 -1.79
C ARG L 75 8.66 30.08 -2.55
N ARG L 76 8.42 30.42 -3.81
CA ARG L 76 7.42 29.72 -4.62
C ARG L 76 7.82 28.28 -4.94
N PHE L 77 9.07 27.90 -4.69
CA PHE L 77 9.50 26.53 -4.99
C PHE L 77 8.76 25.51 -4.13
N GLN L 78 8.59 25.81 -2.85
CA GLN L 78 7.92 24.91 -1.92
C GLN L 78 6.44 25.19 -1.77
N LEU L 79 5.92 26.21 -2.45
CA LEU L 79 4.51 26.59 -2.34
C LEU L 79 3.72 26.06 -3.51
N THR L 80 2.44 25.74 -3.24
CA THR L 80 1.52 25.28 -4.27
C THR L 80 0.21 26.04 -4.13
N VAL L 81 -0.45 26.24 -5.27
CA VAL L 81 -1.71 26.99 -5.29
C VAL L 81 -2.85 26.05 -5.65
N PRO L 82 -4.06 26.28 -5.13
CA PRO L 82 -5.20 25.44 -5.52
C PRO L 82 -5.54 25.61 -6.98
N ALA L 83 -6.04 24.53 -7.60
CA ALA L 83 -6.48 24.60 -8.99
C ALA L 83 -7.65 25.55 -9.15
N ASP L 84 -8.58 25.53 -8.18
CA ASP L 84 -9.71 26.46 -8.24
C ASP L 84 -9.26 27.91 -8.06
N PHE L 85 -8.17 28.11 -7.31
CA PHE L 85 -7.63 29.45 -7.14
C PHE L 85 -7.10 30.03 -8.45
N LEU L 86 -6.74 29.17 -9.40
CA LEU L 86 -6.33 29.62 -10.73
C LEU L 86 -7.51 29.67 -11.69
N TYR L 87 -8.47 28.75 -11.52
CA TYR L 87 -9.67 28.76 -12.36
C TYR L 87 -10.48 30.04 -12.13
N GLU L 88 -10.60 30.46 -10.87
CA GLU L 88 -11.36 31.68 -10.57
C GLU L 88 -10.65 32.92 -11.11
N PHE L 89 -9.32 32.91 -11.14
CA PHE L 89 -8.58 34.02 -11.75
C PHE L 89 -8.77 34.03 -13.26
N ILE L 90 -8.66 32.88 -13.91
CA ILE L 90 -8.82 32.80 -15.35
C ILE L 90 -10.23 33.13 -15.79
N GLU L 91 -11.24 32.84 -14.96
CA GLU L 91 -12.61 33.17 -15.32
C GLU L 91 -12.87 34.67 -15.29
N GLU L 92 -12.34 35.36 -14.27
CA GLU L 92 -12.49 36.80 -14.18
C GLU L 92 -11.58 37.55 -15.15
N LEU L 93 -10.47 36.93 -15.56
CA LEU L 93 -9.58 37.58 -16.51
C LEU L 93 -10.27 37.80 -17.85
N ARG L 94 -11.06 36.83 -18.30
CA ARG L 94 -11.77 36.98 -19.56
C ARG L 94 -12.75 38.15 -19.51
N TYR L 95 -13.50 38.24 -18.41
CA TYR L 95 -14.46 39.34 -18.26
C TYR L 95 -13.74 40.69 -18.20
N ARG L 96 -12.64 40.77 -17.46
CA ARG L 96 -11.89 42.03 -17.38
C ARG L 96 -11.33 42.43 -18.73
N ILE L 97 -10.77 41.47 -19.47
CA ILE L 97 -10.20 41.77 -20.79
C ILE L 97 -11.28 42.21 -21.75
N ASN L 98 -12.45 41.55 -21.72
CA ASN L 98 -13.54 41.94 -22.60
C ASN L 98 -14.07 43.32 -22.24
N LYS L 99 -14.14 43.64 -20.95
CA LYS L 99 -14.57 44.99 -20.55
C LYS L 99 -13.57 46.03 -21.04
N GLY L 100 -12.28 45.74 -20.93
CA GLY L 100 -11.27 46.66 -21.46
C GLY L 100 -11.38 46.84 -22.96
N LEU L 101 -11.62 45.74 -23.68
CA LEU L 101 -11.79 45.81 -25.13
C LEU L 101 -13.00 46.64 -25.50
N ARG L 102 -14.11 46.47 -24.77
CA ARG L 102 -15.30 47.27 -25.02
C ARG L 102 -15.06 48.75 -24.73
N ILE L 103 -14.31 49.05 -23.66
CA ILE L 103 -13.98 50.43 -23.35
C ILE L 103 -13.12 51.03 -24.47
N ALA L 104 -12.15 50.26 -24.97
CA ALA L 104 -11.32 50.74 -26.08
C ALA L 104 -12.15 50.96 -27.34
N GLU L 105 -13.10 50.06 -27.63
CA GLU L 105 -13.96 50.23 -28.79
C GLU L 105 -14.82 51.49 -28.66
N GLU L 106 -15.35 51.73 -27.45
CA GLU L 106 -16.13 52.95 -27.22
C GLU L 106 -15.26 54.20 -27.40
N HIS L 107 -14.02 54.15 -26.91
CA HIS L 107 -13.12 55.28 -27.08
C HIS L 107 -12.81 55.52 -28.55
N THR L 108 -12.59 54.46 -29.32
CA THR L 108 -12.35 54.61 -30.75
C THR L 108 -13.58 55.18 -31.46
N ARG L 109 -14.77 54.72 -31.08
CA ARG L 109 -15.99 55.25 -31.68
C ARG L 109 -16.15 56.74 -31.37
N GLU L 110 -15.86 57.14 -30.14
CA GLU L 110 -15.91 58.55 -29.79
C GLU L 110 -14.88 59.36 -30.56
N ALA L 111 -13.65 58.84 -30.70
CA ALA L 111 -12.61 59.56 -31.42
C ALA L 111 -12.92 59.65 -32.91
N SER L 112 -13.73 58.72 -33.44
CA SER L 112 -14.10 58.77 -34.84
C SER L 112 -14.85 60.06 -35.16
N GLY L 113 -15.79 60.45 -34.29
CA GLY L 113 -16.55 61.67 -34.50
C GLY L 113 -15.81 62.93 -34.11
N SER L 114 -15.47 63.06 -32.83
CA SER L 114 -14.77 64.23 -32.32
C SER L 114 -13.32 63.88 -32.02
N GLU L 115 -12.45 64.87 -32.14
CA GLU L 115 -11.00 64.68 -32.02
C GLU L 115 -10.50 65.47 -30.81
N ASP L 116 -10.26 64.76 -29.71
CA ASP L 116 -9.59 65.33 -28.52
C ASP L 116 -8.68 64.24 -27.96
N VAL L 117 -7.43 64.23 -28.41
CA VAL L 117 -6.48 63.21 -27.98
C VAL L 117 -6.09 63.42 -26.52
N GLY L 118 -5.80 64.66 -26.14
CA GLY L 118 -5.31 64.94 -24.80
C GLY L 118 -6.32 64.69 -23.70
N LYS L 119 -7.62 64.69 -24.04
CA LYS L 119 -8.65 64.37 -23.07
C LYS L 119 -9.10 62.92 -23.13
N LEU L 120 -9.00 62.29 -24.30
CA LEU L 120 -9.42 60.90 -24.42
C LEU L 120 -8.35 59.93 -23.93
N ILE L 121 -7.08 60.32 -24.04
CA ILE L 121 -5.99 59.41 -23.66
C ILE L 121 -6.04 59.12 -22.16
N ALA L 122 -6.18 60.16 -21.34
CA ALA L 122 -6.24 59.96 -19.89
C ALA L 122 -7.48 59.16 -19.50
N ARG L 123 -8.62 59.45 -20.11
CA ARG L 123 -9.84 58.71 -19.81
C ARG L 123 -9.70 57.24 -20.16
N LEU L 124 -9.11 56.94 -21.33
CA LEU L 124 -8.92 55.55 -21.73
C LEU L 124 -7.95 54.85 -20.80
N ARG L 125 -6.87 55.53 -20.40
CA ARG L 125 -5.92 54.93 -19.47
C ARG L 125 -6.59 54.62 -18.14
N GLU L 126 -7.38 55.56 -17.61
CA GLU L 126 -8.07 55.33 -16.35
C GLU L 126 -9.07 54.19 -16.47
N LYS L 127 -9.82 54.14 -17.56
CA LYS L 127 -10.80 53.07 -17.75
C LYS L 127 -10.11 51.71 -17.84
N TYR L 128 -9.00 51.63 -18.57
CA TYR L 128 -8.28 50.37 -18.69
C TYR L 128 -7.71 49.94 -17.33
N ARG L 129 -7.12 50.87 -16.59
CA ARG L 129 -6.56 50.54 -15.29
C ARG L 129 -7.62 50.16 -14.28
N GLU L 130 -8.84 50.67 -14.44
CA GLU L 130 -9.91 50.32 -13.52
C GLU L 130 -10.59 49.00 -13.87
N ALA L 131 -10.78 48.73 -15.16
CA ALA L 131 -11.48 47.53 -15.61
C ALA L 131 -10.57 46.35 -15.85
N LEU L 132 -9.25 46.53 -15.77
CA LEU L 132 -8.32 45.42 -15.98
C LEU L 132 -7.27 45.28 -14.88
N ARG L 133 -7.22 46.19 -13.91
CA ARG L 133 -6.23 46.10 -12.84
C ARG L 133 -6.83 46.39 -11.47
N GLN L 134 -8.15 46.49 -11.35
CA GLN L 134 -8.81 46.69 -10.07
C GLN L 134 -9.84 45.58 -9.87
N GLY L 135 -9.79 44.93 -8.70
CA GLY L 135 -10.68 43.83 -8.39
C GLY L 135 -10.09 42.46 -8.62
N ILE L 136 -8.83 42.36 -9.04
CA ILE L 136 -8.15 41.09 -9.25
C ILE L 136 -6.67 41.28 -8.97
N LEU L 137 -5.92 40.17 -8.97
CA LEU L 137 -4.47 40.25 -8.80
C LEU L 137 -3.84 40.85 -10.04
N ASP L 138 -3.19 42.00 -9.87
CA ASP L 138 -2.69 42.77 -11.02
C ASP L 138 -1.30 42.33 -11.45
N SER L 139 -0.32 42.45 -10.56
CA SER L 139 1.07 42.23 -10.91
C SER L 139 1.64 41.03 -10.15
N LYS L 140 2.87 40.65 -10.53
CA LYS L 140 3.56 39.57 -9.85
C LYS L 140 3.95 39.94 -8.41
N GLU L 141 4.09 41.24 -8.12
CA GLU L 141 4.39 41.69 -6.77
C GLU L 141 3.25 41.46 -5.80
N ASP L 142 2.03 41.24 -6.31
CA ASP L 142 0.89 40.86 -5.49
C ASP L 142 0.77 39.36 -5.30
N VAL L 143 1.07 38.59 -6.36
CA VAL L 143 1.10 37.13 -6.22
C VAL L 143 2.22 36.72 -5.26
N ASP L 144 3.33 37.46 -5.28
CA ASP L 144 4.40 37.18 -4.33
C ASP L 144 3.94 37.40 -2.90
N VAL L 145 3.21 38.49 -2.66
CA VAL L 145 2.69 38.76 -1.32
C VAL L 145 1.69 37.68 -0.90
N LEU L 146 0.82 37.27 -1.83
CA LEU L 146 -0.14 36.22 -1.54
C LEU L 146 0.56 34.92 -1.16
N LEU L 147 1.59 34.55 -1.93
CA LEU L 147 2.33 33.33 -1.63
C LEU L 147 3.08 33.42 -0.30
N LEU L 148 3.68 34.58 -0.01
CA LEU L 148 4.36 34.74 1.26
C LEU L 148 3.39 34.65 2.44
N ALA L 149 2.20 35.23 2.29
CA ALA L 149 1.20 35.13 3.36
C ALA L 149 0.70 33.71 3.51
N TYR L 150 0.47 32.99 2.41
CA TYR L 150 0.03 31.61 2.45
C TYR L 150 1.13 30.66 2.94
N GLU L 151 2.39 31.09 2.92
CA GLU L 151 3.50 30.28 3.41
C GLU L 151 3.90 30.61 4.84
N LEU L 152 3.94 31.89 5.21
CA LEU L 152 4.32 32.28 6.55
C LEU L 152 3.17 32.21 7.55
N ASP L 153 1.94 32.02 7.07
CA ASP L 153 0.74 31.93 7.92
C ASP L 153 0.61 33.17 8.81
N GLY L 154 0.72 34.35 8.17
CA GLY L 154 0.62 35.62 8.87
C GLY L 154 -0.46 36.50 8.28
N VAL L 155 -0.59 37.69 8.89
CA VAL L 155 -1.58 38.66 8.42
C VAL L 155 -1.21 39.16 7.02
N LEU L 156 -2.23 39.64 6.31
CA LEU L 156 -2.10 40.10 4.93
C LEU L 156 -2.63 41.52 4.79
N VAL L 157 -2.18 42.41 5.67
CA VAL L 157 -2.63 43.80 5.63
C VAL L 157 -2.31 44.42 4.28
N SER L 158 -3.35 44.88 3.60
CA SER L 158 -3.24 45.48 2.27
C SER L 158 -4.52 46.26 2.02
N ALA L 159 -4.59 46.92 0.87
CA ALA L 159 -5.77 47.72 0.52
C ALA L 159 -6.36 47.40 -0.83
N ASP L 160 -5.72 46.54 -1.62
CA ASP L 160 -6.24 46.20 -2.95
C ASP L 160 -7.43 45.27 -2.78
N GLU L 161 -8.55 45.60 -3.45
CA GLU L 161 -9.74 44.77 -3.37
C GLU L 161 -9.47 43.39 -3.98
N GLY L 162 -8.76 43.34 -5.10
CA GLY L 162 -8.43 42.06 -5.71
C GLY L 162 -7.52 41.22 -4.83
N LEU L 163 -6.51 41.85 -4.24
CA LEU L 163 -5.60 41.12 -3.35
C LEU L 163 -6.34 40.55 -2.15
N ARG L 164 -7.23 41.35 -1.55
CA ARG L 164 -8.00 40.86 -0.41
C ARG L 164 -8.95 39.74 -0.80
N THR L 165 -9.63 39.88 -1.93
CA THR L 165 -10.59 38.87 -2.36
C THR L 165 -9.89 37.61 -2.86
N TRP L 166 -8.60 37.68 -3.19
CA TRP L 166 -7.84 36.49 -3.53
C TRP L 166 -7.22 35.83 -2.31
N ALA L 167 -6.76 36.62 -1.35
CA ALA L 167 -6.25 36.07 -0.10
C ALA L 167 -7.36 35.39 0.71
N ASP L 168 -8.56 35.97 0.71
CA ASP L 168 -9.68 35.31 1.38
C ASP L 168 -10.04 34.00 0.68
N LYS L 169 -10.00 33.97 -0.65
CA LYS L 169 -10.31 32.74 -1.38
C LYS L 169 -9.18 31.72 -1.30
N ILE L 170 -7.98 32.12 -0.93
CA ILE L 170 -6.86 31.19 -0.78
C ILE L 170 -6.68 30.71 0.66
N GLY L 171 -7.39 31.29 1.63
CA GLY L 171 -7.28 30.88 3.00
C GLY L 171 -6.41 31.78 3.87
N ILE L 172 -5.87 32.87 3.34
CA ILE L 172 -5.02 33.74 4.13
C ILE L 172 -5.86 34.55 5.12
N LYS L 173 -5.22 35.01 6.18
CA LYS L 173 -5.88 35.81 7.21
C LYS L 173 -5.78 37.28 6.85
N LEU L 174 -6.88 38.01 7.04
CA LEU L 174 -6.97 39.41 6.69
C LEU L 174 -7.32 40.25 7.92
N ILE L 175 -6.71 41.44 7.98
CA ILE L 175 -6.99 42.41 9.04
C ILE L 175 -7.23 43.76 8.37
N ASP L 176 -8.22 44.49 8.87
CA ASP L 176 -8.65 45.74 8.24
C ASP L 176 -7.49 46.72 8.13
N PRO L 177 -7.18 47.20 6.93
CA PRO L 177 -6.09 48.16 6.76
C PRO L 177 -6.32 49.46 7.53
N LYS L 178 -7.58 49.89 7.61
CA LYS L 178 -7.91 51.09 8.37
C LYS L 178 -7.80 50.82 9.86
N ASN L 179 -7.65 49.56 10.22
CA ASN L 179 -7.48 49.15 11.61
C ASN L 179 -6.09 48.65 11.92
N PHE L 180 -5.18 48.60 10.94
CA PHE L 180 -3.84 48.09 11.17
C PHE L 180 -3.08 48.99 12.15
N LYS L 181 -3.22 50.31 12.02
CA LYS L 181 -2.55 51.21 12.95
C LYS L 181 -3.09 51.05 14.36
N ASN L 182 -4.40 50.92 14.50
CA ASN L 182 -4.99 50.73 15.83
C ASN L 182 -4.64 49.37 16.40
N ILE L 183 -4.63 48.33 15.55
CA ILE L 183 -4.28 46.99 16.01
C ILE L 183 -2.84 46.94 16.47
N LEU L 184 -1.93 47.56 15.70
CA LEU L 184 -0.52 47.58 16.09
C LEU L 184 -0.30 48.40 17.36
N GLU L 185 -1.05 49.47 17.55
CA GLU L 185 -0.91 50.30 18.73
C GLU L 185 -1.58 49.70 19.97
N SER L 186 -2.45 48.70 19.80
CA SER L 186 -3.14 48.08 20.92
C SER L 186 -2.41 46.85 21.46
N LEU L 187 -1.59 46.20 20.66
CA LEU L 187 -0.87 45.00 21.09
C LEU L 187 0.28 45.36 22.02
#